data_2KK5
# 
_entry.id   2KK5 
# 
_audit_conform.dict_name       mmcif_pdbx.dic 
_audit_conform.dict_version    5.392 
_audit_conform.dict_location   http://mmcif.pdb.org/dictionaries/ascii/mmcif_pdbx.dic 
# 
loop_
_database_2.database_id 
_database_2.database_code 
_database_2.pdbx_database_accession 
_database_2.pdbx_DOI 
PDB   2KK5         pdb_00002kk5 10.2210/pdb2kk5/pdb 
RCSB  RCSB101220   ?            ?                   
WWPDB D_1000101220 ?            ?                   
# 
loop_
_pdbx_audit_revision_history.ordinal 
_pdbx_audit_revision_history.data_content_type 
_pdbx_audit_revision_history.major_revision 
_pdbx_audit_revision_history.minor_revision 
_pdbx_audit_revision_history.revision_date 
1 'Structure model' 1 0 2009-07-21 
2 'Structure model' 1 1 2011-07-13 
3 'Structure model' 1 2 2022-03-16 
4 'Structure model' 1 3 2024-05-22 
# 
_pdbx_audit_revision_details.ordinal             1 
_pdbx_audit_revision_details.revision_ordinal    1 
_pdbx_audit_revision_details.data_content_type   'Structure model' 
_pdbx_audit_revision_details.provider            repository 
_pdbx_audit_revision_details.type                'Initial release' 
_pdbx_audit_revision_details.description         ? 
_pdbx_audit_revision_details.details             ? 
# 
loop_
_pdbx_audit_revision_group.ordinal 
_pdbx_audit_revision_group.revision_ordinal 
_pdbx_audit_revision_group.data_content_type 
_pdbx_audit_revision_group.group 
1 2 'Structure model' 'Version format compliance' 
2 3 'Structure model' 'Data collection'           
3 3 'Structure model' 'Database references'       
4 3 'Structure model' 'Derived calculations'      
5 4 'Structure model' 'Data collection'           
# 
loop_
_pdbx_audit_revision_category.ordinal 
_pdbx_audit_revision_category.revision_ordinal 
_pdbx_audit_revision_category.data_content_type 
_pdbx_audit_revision_category.category 
1 3 'Structure model' database_2            
2 3 'Structure model' pdbx_nmr_spectrometer 
3 3 'Structure model' pdbx_struct_assembly  
4 3 'Structure model' pdbx_struct_oper_list 
5 3 'Structure model' struct_conn           
6 3 'Structure model' struct_site           
7 4 'Structure model' chem_comp_atom        
8 4 'Structure model' chem_comp_bond        
# 
loop_
_pdbx_audit_revision_item.ordinal 
_pdbx_audit_revision_item.revision_ordinal 
_pdbx_audit_revision_item.data_content_type 
_pdbx_audit_revision_item.item 
1  3 'Structure model' '_database_2.pdbx_DOI'                
2  3 'Structure model' '_database_2.pdbx_database_accession' 
3  3 'Structure model' '_pdbx_nmr_spectrometer.model'        
4  3 'Structure model' '_struct_conn.pdbx_dist_value'        
5  3 'Structure model' '_struct_conn.pdbx_leaving_atom_flag' 
6  3 'Structure model' '_struct_conn.ptnr1_auth_asym_id'     
7  3 'Structure model' '_struct_conn.ptnr1_auth_comp_id'     
8  3 'Structure model' '_struct_conn.ptnr1_auth_seq_id'      
9  3 'Structure model' '_struct_conn.ptnr1_label_asym_id'    
10 3 'Structure model' '_struct_conn.ptnr1_label_atom_id'    
11 3 'Structure model' '_struct_conn.ptnr1_label_comp_id'    
12 3 'Structure model' '_struct_conn.ptnr1_label_seq_id'     
13 3 'Structure model' '_struct_conn.ptnr2_auth_asym_id'     
14 3 'Structure model' '_struct_conn.ptnr2_auth_comp_id'     
15 3 'Structure model' '_struct_conn.ptnr2_auth_seq_id'      
16 3 'Structure model' '_struct_conn.ptnr2_label_asym_id'    
17 3 'Structure model' '_struct_conn.ptnr2_label_atom_id'    
18 3 'Structure model' '_struct_conn.ptnr2_label_comp_id'    
19 3 'Structure model' '_struct_conn.ptnr2_label_seq_id'     
20 3 'Structure model' '_struct_site.pdbx_auth_asym_id'      
21 3 'Structure model' '_struct_site.pdbx_auth_comp_id'      
22 3 'Structure model' '_struct_site.pdbx_auth_seq_id'       
# 
_pdbx_database_status.deposit_site                    BMRB 
_pdbx_database_status.entry_id                        2KK5 
_pdbx_database_status.process_site                    RCSB 
_pdbx_database_status.recvd_initial_deposition_date   2009-06-15 
_pdbx_database_status.SG_entry                        ? 
_pdbx_database_status.status_code                     REL 
_pdbx_database_status.status_code_mr                  REL 
_pdbx_database_status.status_code_sf                  ? 
_pdbx_database_status.pdb_format_compatible           Y 
_pdbx_database_status.status_code_cs                  ? 
_pdbx_database_status.status_code_nmr_data            ? 
_pdbx_database_status.methods_development_category    ? 
# 
loop_
_audit_author.name 
_audit_author.pdbx_ordinal 
'Patra, A.'   1 
'Richert, C.' 2 
# 
_citation.id                        primary 
_citation.title                     
;High fidelity base pairing at the 3'-terminus.
;
_citation.journal_abbrev            J.Am.Chem.Soc. 
_citation.journal_volume            131 
_citation.page_first                12671 
_citation.page_last                 12681 
_citation.year                      2009 
_citation.journal_id_ASTM           JACSAT 
_citation.country                   US 
_citation.journal_id_ISSN           0002-7863 
_citation.journal_id_CSD            0004 
_citation.book_publisher            ? 
_citation.pdbx_database_id_PubMed   19722718 
_citation.pdbx_database_id_DOI      10.1021/ja9033654 
# 
loop_
_citation_author.citation_id 
_citation_author.name 
_citation_author.ordinal 
_citation_author.identifier_ORCID 
primary 'Patra, A.'   1 ? 
primary 'Richert, C.' 2 ? 
# 
loop_
_entity.id 
_entity.type 
_entity.src_method 
_entity.pdbx_description 
_entity.formula_weight 
_entity.pdbx_number_of_molecules 
_entity.pdbx_ec 
_entity.pdbx_mutation 
_entity.pdbx_fragment 
_entity.details 
1 polymer     syn "5'-D(*AP*CP*GP*CP*GP*(2AU))-3'"                1810.206 2 ? ? ? ? 
2 non-polymer syn 9,10-dioxo-9,10-dihydroanthracene-2-carboxamide 251.237  2 ? ? ? ? 
# 
_entity_poly.entity_id                      1 
_entity_poly.type                           polydeoxyribonucleotide 
_entity_poly.nstd_linkage                   no 
_entity_poly.nstd_monomer                   yes 
_entity_poly.pdbx_seq_one_letter_code       '(DA)(DC)(DG)(DC)(DG)(2AU)' 
_entity_poly.pdbx_seq_one_letter_code_can   ACGCGU 
_entity_poly.pdbx_strand_id                 A,B 
_entity_poly.pdbx_target_identifier         ? 
# 
_pdbx_entity_nonpoly.entity_id   2 
_pdbx_entity_nonpoly.name        9,10-dioxo-9,10-dihydroanthracene-2-carboxamide 
_pdbx_entity_nonpoly.comp_id     AQC 
# 
loop_
_entity_poly_seq.entity_id 
_entity_poly_seq.num 
_entity_poly_seq.mon_id 
_entity_poly_seq.hetero 
1 1 DA  n 
1 2 DC  n 
1 3 DG  n 
1 4 DC  n 
1 5 DG  n 
1 6 2AU n 
# 
loop_
_chem_comp.id 
_chem_comp.type 
_chem_comp.mon_nstd_flag 
_chem_comp.name 
_chem_comp.pdbx_synonyms 
_chem_comp.formula 
_chem_comp.formula_weight 
2AU 'RNA linking' n "2'-AMINOURIDINE"                               ? 'C9 H14 N3 O8 P'  323.197 
AQC non-polymer   . 9,10-dioxo-9,10-dihydroanthracene-2-carboxamide ? 'C15 H9 N O3'     251.237 
DA  'DNA linking' y "2'-DEOXYADENOSINE-5'-MONOPHOSPHATE"            ? 'C10 H14 N5 O6 P' 331.222 
DC  'DNA linking' y "2'-DEOXYCYTIDINE-5'-MONOPHOSPHATE"             ? 'C9 H14 N3 O7 P'  307.197 
DG  'DNA linking' y "2'-DEOXYGUANOSINE-5'-MONOPHOSPHATE"            ? 'C10 H14 N5 O7 P' 347.221 
# 
loop_
_pdbx_poly_seq_scheme.asym_id 
_pdbx_poly_seq_scheme.entity_id 
_pdbx_poly_seq_scheme.seq_id 
_pdbx_poly_seq_scheme.mon_id 
_pdbx_poly_seq_scheme.ndb_seq_num 
_pdbx_poly_seq_scheme.pdb_seq_num 
_pdbx_poly_seq_scheme.auth_seq_num 
_pdbx_poly_seq_scheme.pdb_mon_id 
_pdbx_poly_seq_scheme.auth_mon_id 
_pdbx_poly_seq_scheme.pdb_strand_id 
_pdbx_poly_seq_scheme.pdb_ins_code 
_pdbx_poly_seq_scheme.hetero 
A 1 1 DA  1 1 1 DA  DA  A . n 
A 1 2 DC  2 2 2 DC  DC  A . n 
A 1 3 DG  3 3 3 DG  DG  A . n 
A 1 4 DC  4 4 4 DC  DC  A . n 
A 1 5 DG  5 5 5 DG  DG  A . n 
A 1 6 2AU 6 6 6 2AU 2AU A . n 
B 1 1 DA  1 1 1 DA  DA  B . n 
B 1 2 DC  2 2 2 DC  DC  B . n 
B 1 3 DG  3 3 3 DG  DG  B . n 
B 1 4 DC  4 4 4 DC  DC  B . n 
B 1 5 DG  5 5 5 DG  DG  B . n 
B 1 6 2AU 6 6 6 2AU 2AU B . n 
# 
loop_
_pdbx_nonpoly_scheme.asym_id 
_pdbx_nonpoly_scheme.entity_id 
_pdbx_nonpoly_scheme.mon_id 
_pdbx_nonpoly_scheme.ndb_seq_num 
_pdbx_nonpoly_scheme.pdb_seq_num 
_pdbx_nonpoly_scheme.auth_seq_num 
_pdbx_nonpoly_scheme.pdb_mon_id 
_pdbx_nonpoly_scheme.auth_mon_id 
_pdbx_nonpoly_scheme.pdb_strand_id 
_pdbx_nonpoly_scheme.pdb_ins_code 
C 2 AQC 1 7 7 AQC AQC A . 
D 2 AQC 1 7 7 AQC AQC B . 
# 
_exptl.absorpt_coefficient_mu     ? 
_exptl.absorpt_correction_T_max   ? 
_exptl.absorpt_correction_T_min   ? 
_exptl.absorpt_correction_type    ? 
_exptl.absorpt_process_details    ? 
_exptl.crystals_number            ? 
_exptl.details                    ? 
_exptl.entry_id                   2KK5 
_exptl.method                     'SOLUTION NMR' 
_exptl.method_details             ? 
# 
_struct.entry_id                  2KK5 
_struct.title                     
;High Fidelity Base Pairing at the 3'-Terminus
;
_struct.pdbx_model_details        'lowest energy, model 1' 
_struct.pdbx_CASP_flag            ? 
_struct.pdbx_model_type_details   ? 
# 
_struct_keywords.entry_id        2KK5 
_struct_keywords.pdbx_keywords   DNA 
_struct_keywords.text            'Anthraquinone-linked DNA, DNA' 
# 
loop_
_struct_asym.id 
_struct_asym.pdbx_blank_PDB_chainid_flag 
_struct_asym.pdbx_modified 
_struct_asym.entity_id 
_struct_asym.details 
A N N 1 ? 
B N N 1 ? 
C N N 2 ? 
D N N 2 ? 
# 
_struct_ref.id                         1 
_struct_ref.db_name                    PDB 
_struct_ref.db_code                    2KK5 
_struct_ref.pdbx_db_accession          2KK5 
_struct_ref.entity_id                  1 
_struct_ref.pdbx_align_begin           1 
_struct_ref.pdbx_seq_one_letter_code   ACGCGU 
_struct_ref.pdbx_db_isoform            ? 
# 
loop_
_struct_ref_seq.align_id 
_struct_ref_seq.ref_id 
_struct_ref_seq.pdbx_PDB_id_code 
_struct_ref_seq.pdbx_strand_id 
_struct_ref_seq.seq_align_beg 
_struct_ref_seq.pdbx_seq_align_beg_ins_code 
_struct_ref_seq.seq_align_end 
_struct_ref_seq.pdbx_seq_align_end_ins_code 
_struct_ref_seq.pdbx_db_accession 
_struct_ref_seq.db_align_beg 
_struct_ref_seq.pdbx_db_align_beg_ins_code 
_struct_ref_seq.db_align_end 
_struct_ref_seq.pdbx_db_align_end_ins_code 
_struct_ref_seq.pdbx_auth_seq_align_beg 
_struct_ref_seq.pdbx_auth_seq_align_end 
1 1 2KK5 A 1 ? 6 ? 2KK5 1 ? 6 ? 1 6 
2 1 2KK5 B 1 ? 6 ? 2KK5 1 ? 6 ? 1 6 
# 
_pdbx_struct_assembly.id                   1 
_pdbx_struct_assembly.details              author_defined_assembly 
_pdbx_struct_assembly.method_details       ? 
_pdbx_struct_assembly.oligomeric_details   dimeric 
_pdbx_struct_assembly.oligomeric_count     2 
# 
_pdbx_struct_assembly_gen.assembly_id       1 
_pdbx_struct_assembly_gen.oper_expression   1 
_pdbx_struct_assembly_gen.asym_id_list      A,B,C,D 
# 
_pdbx_struct_oper_list.id                   1 
_pdbx_struct_oper_list.type                 'identity operation' 
_pdbx_struct_oper_list.name                 1_555 
_pdbx_struct_oper_list.symmetry_operation   x,y,z 
_pdbx_struct_oper_list.matrix[1][1]         1.0000000000 
_pdbx_struct_oper_list.matrix[1][2]         0.0000000000 
_pdbx_struct_oper_list.matrix[1][3]         0.0000000000 
_pdbx_struct_oper_list.vector[1]            0.0000000000 
_pdbx_struct_oper_list.matrix[2][1]         0.0000000000 
_pdbx_struct_oper_list.matrix[2][2]         1.0000000000 
_pdbx_struct_oper_list.matrix[2][3]         0.0000000000 
_pdbx_struct_oper_list.vector[2]            0.0000000000 
_pdbx_struct_oper_list.matrix[3][1]         0.0000000000 
_pdbx_struct_oper_list.matrix[3][2]         0.0000000000 
_pdbx_struct_oper_list.matrix[3][3]         1.0000000000 
_pdbx_struct_oper_list.vector[3]            0.0000000000 
# 
_struct_biol.id        1 
_struct_biol.details   ? 
# 
loop_
_struct_conn.id 
_struct_conn.conn_type_id 
_struct_conn.pdbx_leaving_atom_flag 
_struct_conn.pdbx_PDB_id 
_struct_conn.ptnr1_label_asym_id 
_struct_conn.ptnr1_label_comp_id 
_struct_conn.ptnr1_label_seq_id 
_struct_conn.ptnr1_label_atom_id 
_struct_conn.pdbx_ptnr1_label_alt_id 
_struct_conn.pdbx_ptnr1_PDB_ins_code 
_struct_conn.pdbx_ptnr1_standard_comp_id 
_struct_conn.ptnr1_symmetry 
_struct_conn.ptnr2_label_asym_id 
_struct_conn.ptnr2_label_comp_id 
_struct_conn.ptnr2_label_seq_id 
_struct_conn.ptnr2_label_atom_id 
_struct_conn.pdbx_ptnr2_label_alt_id 
_struct_conn.pdbx_ptnr2_PDB_ins_code 
_struct_conn.ptnr1_auth_asym_id 
_struct_conn.ptnr1_auth_comp_id 
_struct_conn.ptnr1_auth_seq_id 
_struct_conn.ptnr2_auth_asym_id 
_struct_conn.ptnr2_auth_comp_id 
_struct_conn.ptnr2_auth_seq_id 
_struct_conn.ptnr2_symmetry 
_struct_conn.pdbx_ptnr3_label_atom_id 
_struct_conn.pdbx_ptnr3_label_seq_id 
_struct_conn.pdbx_ptnr3_label_comp_id 
_struct_conn.pdbx_ptnr3_label_asym_id 
_struct_conn.pdbx_ptnr3_label_alt_id 
_struct_conn.pdbx_ptnr3_PDB_ins_code 
_struct_conn.details 
_struct_conn.pdbx_dist_value 
_struct_conn.pdbx_value_order 
_struct_conn.pdbx_role 
covale1  covale both ? A DG  5 "O3'" ? ? ? 1_555 A 2AU 6 P     ? ? A DG  5 A 2AU 6 1_555 ? ? ? ? ? ? ?            1.609 ? ? 
covale2  covale none ? A 2AU 6 "C2'" ? ? ? 1_555 C AQC . "N2'" ? ? A 2AU 6 A AQC 7 1_555 ? ? ? ? ? ? ?            1.455 ? ? 
covale3  covale both ? B DG  5 "O3'" ? ? ? 1_555 B 2AU 6 P     ? ? B DG  5 B 2AU 6 1_555 ? ? ? ? ? ? ?            1.610 ? ? 
covale4  covale none ? B 2AU 6 "C2'" ? ? ? 1_555 D AQC . "N2'" ? ? B 2AU 6 B AQC 7 1_555 ? ? ? ? ? ? ?            1.454 ? ? 
hydrog1  hydrog ?    ? A DC  2 N3    ? ? ? 1_555 B DG  5 N1    ? ? A DC  2 B DG  5 1_555 ? ? ? ? ? ? WATSON-CRICK ?     ? ? 
hydrog2  hydrog ?    ? A DC  2 N4    ? ? ? 1_555 B DG  5 O6    ? ? A DC  2 B DG  5 1_555 ? ? ? ? ? ? WATSON-CRICK ?     ? ? 
hydrog3  hydrog ?    ? A DC  2 O2    ? ? ? 1_555 B DG  5 N2    ? ? A DC  2 B DG  5 1_555 ? ? ? ? ? ? WATSON-CRICK ?     ? ? 
hydrog4  hydrog ?    ? A DG  3 N1    ? ? ? 1_555 B DC  4 N3    ? ? A DG  3 B DC  4 1_555 ? ? ? ? ? ? WATSON-CRICK ?     ? ? 
hydrog5  hydrog ?    ? A DG  3 N2    ? ? ? 1_555 B DC  4 O2    ? ? A DG  3 B DC  4 1_555 ? ? ? ? ? ? WATSON-CRICK ?     ? ? 
hydrog6  hydrog ?    ? A DG  3 O6    ? ? ? 1_555 B DC  4 N4    ? ? A DG  3 B DC  4 1_555 ? ? ? ? ? ? WATSON-CRICK ?     ? ? 
hydrog7  hydrog ?    ? A DC  4 N3    ? ? ? 1_555 B DG  3 N1    ? ? A DC  4 B DG  3 1_555 ? ? ? ? ? ? WATSON-CRICK ?     ? ? 
hydrog8  hydrog ?    ? A DC  4 N4    ? ? ? 1_555 B DG  3 O6    ? ? A DC  4 B DG  3 1_555 ? ? ? ? ? ? WATSON-CRICK ?     ? ? 
hydrog9  hydrog ?    ? A DC  4 O2    ? ? ? 1_555 B DG  3 N2    ? ? A DC  4 B DG  3 1_555 ? ? ? ? ? ? WATSON-CRICK ?     ? ? 
hydrog10 hydrog ?    ? A DG  5 N1    ? ? ? 1_555 B DC  2 N3    ? ? A DG  5 B DC  2 1_555 ? ? ? ? ? ? WATSON-CRICK ?     ? ? 
hydrog11 hydrog ?    ? A DG  5 N2    ? ? ? 1_555 B DC  2 O2    ? ? A DG  5 B DC  2 1_555 ? ? ? ? ? ? WATSON-CRICK ?     ? ? 
hydrog12 hydrog ?    ? A DG  5 O6    ? ? ? 1_555 B DC  2 N4    ? ? A DG  5 B DC  2 1_555 ? ? ? ? ? ? WATSON-CRICK ?     ? ? 
# 
loop_
_struct_conn_type.id 
_struct_conn_type.criteria 
_struct_conn_type.reference 
covale ? ? 
hydrog ? ? 
# 
loop_
_struct_site.id 
_struct_site.pdbx_evidence_code 
_struct_site.pdbx_auth_asym_id 
_struct_site.pdbx_auth_comp_id 
_struct_site.pdbx_auth_seq_id 
_struct_site.pdbx_auth_ins_code 
_struct_site.pdbx_num_residues 
_struct_site.details 
AC1 Software A AQC 7 ? 4 'BINDING SITE FOR RESIDUE AQC A 7' 
AC2 Software B AQC 7 ? 4 'BINDING SITE FOR RESIDUE AQC B 7' 
1   ?        ? ?   ? ? ? ?                                  
# 
loop_
_struct_site_gen.id 
_struct_site_gen.site_id 
_struct_site_gen.pdbx_num_res 
_struct_site_gen.label_comp_id 
_struct_site_gen.label_asym_id 
_struct_site_gen.label_seq_id 
_struct_site_gen.pdbx_auth_ins_code 
_struct_site_gen.auth_comp_id 
_struct_site_gen.auth_asym_id 
_struct_site_gen.auth_seq_id 
_struct_site_gen.label_atom_id 
_struct_site_gen.label_alt_id 
_struct_site_gen.symmetry 
_struct_site_gen.details 
1 AC1 4 DG  A 5 ? DG  A 5 . ? 1_555 ? 
2 AC1 4 2AU A 6 ? 2AU A 6 . ? 1_555 ? 
3 AC1 4 DA  B 1 ? DA  B 1 . ? 1_555 ? 
4 AC1 4 DC  B 2 ? DC  B 2 . ? 1_555 ? 
5 AC2 4 DA  A 1 ? DA  A 1 . ? 1_555 ? 
6 AC2 4 DC  A 2 ? DC  A 2 . ? 1_555 ? 
7 AC2 4 DG  B 5 ? DG  B 5 . ? 1_555 ? 
8 AC2 4 2AU B 6 ? 2AU B 6 . ? 1_555 ? 
# 
loop_
_pdbx_struct_mod_residue.id 
_pdbx_struct_mod_residue.label_asym_id 
_pdbx_struct_mod_residue.label_comp_id 
_pdbx_struct_mod_residue.label_seq_id 
_pdbx_struct_mod_residue.auth_asym_id 
_pdbx_struct_mod_residue.auth_comp_id 
_pdbx_struct_mod_residue.auth_seq_id 
_pdbx_struct_mod_residue.PDB_ins_code 
_pdbx_struct_mod_residue.parent_comp_id 
_pdbx_struct_mod_residue.details 
1 A 2AU 6 A 2AU 6 ? U "2'-AMINOURIDINE" 
2 B 2AU 6 B 2AU 6 ? U "2'-AMINOURIDINE" 
# 
_struct_site_keywords.site_id   1 
_struct_site_keywords.text      'INTERCALATION, COVALENT' 
# 
_pdbx_nmr_ensemble.average_constraint_violations_per_residue     ? 
_pdbx_nmr_ensemble.average_constraints_per_residue               ? 
_pdbx_nmr_ensemble.average_distance_constraint_violation         ? 
_pdbx_nmr_ensemble.average_torsion_angle_constraint_violation    ? 
_pdbx_nmr_ensemble.conformer_selection_criteria                  'structures with the lowest energy' 
_pdbx_nmr_ensemble.conformers_calculated_total_number            80 
_pdbx_nmr_ensemble.conformers_submitted_total_number             3 
_pdbx_nmr_ensemble.distance_constraint_violation_method          ? 
_pdbx_nmr_ensemble.entry_id                                      2KK5 
_pdbx_nmr_ensemble.maximum_distance_constraint_violation         ? 
_pdbx_nmr_ensemble.maximum_lower_distance_constraint_violation   ? 
_pdbx_nmr_ensemble.maximum_torsion_angle_constraint_violation    ? 
_pdbx_nmr_ensemble.maximum_upper_distance_constraint_violation   ? 
_pdbx_nmr_ensemble.torsion_angle_constraint_violation_method     ? 
# 
_pdbx_nmr_representative.conformer_id         1 
_pdbx_nmr_representative.entry_id             2KK5 
_pdbx_nmr_representative.selection_criteria   'lowest energy' 
# 
_pdbx_nmr_sample_details.contents         '2 mM Anthraquinon capped DNA duplex, 100% D2O, 90% H2O/10% D2O' 
_pdbx_nmr_sample_details.solution_id      1 
_pdbx_nmr_sample_details.solvent_system   '100% D2O, 90% H2O/10% D2O' 
# 
_pdbx_nmr_exptl_sample.component             'Anthraquinon capped DNA duplex-1' 
_pdbx_nmr_exptl_sample.concentration         2 
_pdbx_nmr_exptl_sample.concentration_range   ? 
_pdbx_nmr_exptl_sample.concentration_units   mM 
_pdbx_nmr_exptl_sample.isotopic_labeling     ? 
_pdbx_nmr_exptl_sample.solution_id           1 
# 
_pdbx_nmr_exptl_sample_conditions.conditions_id       1 
_pdbx_nmr_exptl_sample_conditions.ionic_strength      0.15 
_pdbx_nmr_exptl_sample_conditions.pH                  7.0 
_pdbx_nmr_exptl_sample_conditions.pressure            ambient 
_pdbx_nmr_exptl_sample_conditions.pressure_units      ? 
_pdbx_nmr_exptl_sample_conditions.temperature         278 
_pdbx_nmr_exptl_sample_conditions.temperature_units   K 
# 
loop_
_pdbx_nmr_exptl.conditions_id 
_pdbx_nmr_exptl.experiment_id 
_pdbx_nmr_exptl.solution_id 
_pdbx_nmr_exptl.type 
1 1 1 '2D 1H-1H NOESY' 
1 2 1 '2D 1H-1H TOCSY' 
1 3 1 '2D DQF-COSY'    
# 
_pdbx_nmr_refine.entry_id           2KK5 
_pdbx_nmr_refine.method             'torsion angle dynamics' 
_pdbx_nmr_refine.details            ? 
_pdbx_nmr_refine.software_ordinal   1 
# 
loop_
_pdbx_nmr_software.authors 
_pdbx_nmr_software.classification 
_pdbx_nmr_software.name 
_pdbx_nmr_software.version 
_pdbx_nmr_software.ordinal 
'Brunger, Adams, Clore, Gros, Nilges and Read' 'structure solution' CNS 1.1 1 
'Brunger, Adams, Clore, Gros, Nilges and Read' refinement           CNS 1.1 2 
# 
loop_
_chem_comp_atom.comp_id 
_chem_comp_atom.atom_id 
_chem_comp_atom.type_symbol 
_chem_comp_atom.pdbx_aromatic_flag 
_chem_comp_atom.pdbx_stereo_config 
_chem_comp_atom.pdbx_ordinal 
2AU OP3    O N N 1   
2AU P      P N N 2   
2AU OP1    O N N 3   
2AU "O5'"  O N N 4   
2AU "C5'"  C N N 5   
2AU "C4'"  C N R 6   
2AU "O4'"  O N N 7   
2AU "C3'"  C N S 8   
2AU "O3'"  O N N 9   
2AU "C2'"  C N R 10  
2AU "C1'"  C N R 11  
2AU N1     N N N 12  
2AU C2     C N N 13  
2AU O2     O N N 14  
2AU N3     N N N 15  
2AU C4     C N N 16  
2AU O4     O N N 17  
2AU C5     C N N 18  
2AU C6     C N N 19  
2AU "N2'"  N N N 20  
2AU H1P1   H N N 21  
2AU "H5'"  H N N 22  
2AU "H5''" H N N 23  
2AU "H4'"  H N N 24  
2AU "H3'"  H N N 25  
2AU "HO3'" H N N 26  
2AU "H2'"  H N N 27  
2AU "H1'"  H N N 28  
2AU H3     H N N 29  
2AU H5     H N N 30  
2AU H6     H N N 31  
2AU HA1    H N N 32  
2AU "H2''" H N N 33  
2AU OP2    O N N 34  
2AU H2P1   H N N 35  
AQC C4A    C Y N 36  
AQC C1A    C Y N 37  
AQC C9     C N N 38  
AQC C8A    C Y N 39  
AQC C5A    C Y N 40  
AQC C10    C N N 41  
AQC C4     C Y N 42  
AQC C3     C Y N 43  
AQC C2     C Y N 44  
AQC C1     C Y N 45  
AQC C8     C Y N 46  
AQC C5     C Y N 47  
AQC C7     C Y N 48  
AQC C6     C Y N 49  
AQC C1L    C N N 50  
AQC "N2'"  N N N 51  
AQC O9     O N N 52  
AQC O10    O N N 53  
AQC O1L    O N N 54  
AQC H4     H N N 55  
AQC H3     H N N 56  
AQC H1     H N N 57  
AQC H8     H N N 58  
AQC H5     H N N 59  
AQC H7     H N N 60  
AQC H6     H N N 61  
AQC "HN2'" H N N 62  
AQC HN2A   H N N 63  
DA  OP3    O N N 64  
DA  P      P N N 65  
DA  OP1    O N N 66  
DA  OP2    O N N 67  
DA  "O5'"  O N N 68  
DA  "C5'"  C N N 69  
DA  "C4'"  C N R 70  
DA  "O4'"  O N N 71  
DA  "C3'"  C N S 72  
DA  "O3'"  O N N 73  
DA  "C2'"  C N N 74  
DA  "C1'"  C N R 75  
DA  N9     N Y N 76  
DA  C8     C Y N 77  
DA  N7     N Y N 78  
DA  C5     C Y N 79  
DA  C6     C Y N 80  
DA  N6     N N N 81  
DA  N1     N Y N 82  
DA  C2     C Y N 83  
DA  N3     N Y N 84  
DA  C4     C Y N 85  
DA  HOP3   H N N 86  
DA  HOP2   H N N 87  
DA  "H5'"  H N N 88  
DA  "H5''" H N N 89  
DA  "H4'"  H N N 90  
DA  "H3'"  H N N 91  
DA  "HO3'" H N N 92  
DA  "H2'"  H N N 93  
DA  "H2''" H N N 94  
DA  "H1'"  H N N 95  
DA  H8     H N N 96  
DA  H61    H N N 97  
DA  H62    H N N 98  
DA  H2     H N N 99  
DC  OP3    O N N 100 
DC  P      P N N 101 
DC  OP1    O N N 102 
DC  OP2    O N N 103 
DC  "O5'"  O N N 104 
DC  "C5'"  C N N 105 
DC  "C4'"  C N R 106 
DC  "O4'"  O N N 107 
DC  "C3'"  C N S 108 
DC  "O3'"  O N N 109 
DC  "C2'"  C N N 110 
DC  "C1'"  C N R 111 
DC  N1     N N N 112 
DC  C2     C N N 113 
DC  O2     O N N 114 
DC  N3     N N N 115 
DC  C4     C N N 116 
DC  N4     N N N 117 
DC  C5     C N N 118 
DC  C6     C N N 119 
DC  HOP3   H N N 120 
DC  HOP2   H N N 121 
DC  "H5'"  H N N 122 
DC  "H5''" H N N 123 
DC  "H4'"  H N N 124 
DC  "H3'"  H N N 125 
DC  "HO3'" H N N 126 
DC  "H2'"  H N N 127 
DC  "H2''" H N N 128 
DC  "H1'"  H N N 129 
DC  H41    H N N 130 
DC  H42    H N N 131 
DC  H5     H N N 132 
DC  H6     H N N 133 
DG  OP3    O N N 134 
DG  P      P N N 135 
DG  OP1    O N N 136 
DG  OP2    O N N 137 
DG  "O5'"  O N N 138 
DG  "C5'"  C N N 139 
DG  "C4'"  C N R 140 
DG  "O4'"  O N N 141 
DG  "C3'"  C N S 142 
DG  "O3'"  O N N 143 
DG  "C2'"  C N N 144 
DG  "C1'"  C N R 145 
DG  N9     N Y N 146 
DG  C8     C Y N 147 
DG  N7     N Y N 148 
DG  C5     C Y N 149 
DG  C6     C N N 150 
DG  O6     O N N 151 
DG  N1     N N N 152 
DG  C2     C N N 153 
DG  N2     N N N 154 
DG  N3     N N N 155 
DG  C4     C Y N 156 
DG  HOP3   H N N 157 
DG  HOP2   H N N 158 
DG  "H5'"  H N N 159 
DG  "H5''" H N N 160 
DG  "H4'"  H N N 161 
DG  "H3'"  H N N 162 
DG  "HO3'" H N N 163 
DG  "H2'"  H N N 164 
DG  "H2''" H N N 165 
DG  "H1'"  H N N 166 
DG  H8     H N N 167 
DG  H1     H N N 168 
DG  H21    H N N 169 
DG  H22    H N N 170 
# 
loop_
_chem_comp_bond.comp_id 
_chem_comp_bond.atom_id_1 
_chem_comp_bond.atom_id_2 
_chem_comp_bond.value_order 
_chem_comp_bond.pdbx_aromatic_flag 
_chem_comp_bond.pdbx_stereo_config 
_chem_comp_bond.pdbx_ordinal 
2AU OP3    P      doub N N 1   
2AU P      OP1    sing N N 2   
2AU P      "O5'"  sing N N 3   
2AU OP1    H1P1   sing N N 4   
2AU "O5'"  "C5'"  sing N N 5   
2AU "C5'"  "C4'"  sing N N 6   
2AU "C5'"  "H5'"  sing N N 7   
2AU "C5'"  "H5''" sing N N 8   
2AU "C4'"  "O4'"  sing N N 9   
2AU "C4'"  "C3'"  sing N N 10  
2AU "C4'"  "H4'"  sing N N 11  
2AU "O4'"  "C1'"  sing N N 12  
2AU "C3'"  "O3'"  sing N N 13  
2AU "C3'"  "C2'"  sing N N 14  
2AU "C3'"  "H3'"  sing N N 15  
2AU "O3'"  "HO3'" sing N N 16  
2AU "C2'"  "C1'"  sing N N 17  
2AU "C2'"  "N2'"  sing N N 18  
2AU "C2'"  "H2'"  sing N N 19  
2AU "C1'"  N1     sing N N 20  
2AU "C1'"  "H1'"  sing N N 21  
2AU N1     C2     sing N N 22  
2AU N1     C6     sing N N 23  
2AU C2     O2     doub N N 24  
2AU C2     N3     sing N N 25  
2AU N3     C4     sing N N 26  
2AU N3     H3     sing N N 27  
2AU C4     O4     doub N N 28  
2AU C4     C5     sing N N 29  
2AU C5     C6     doub N N 30  
2AU C5     H5     sing N N 31  
2AU C6     H6     sing N N 32  
2AU "N2'"  HA1    sing N N 33  
2AU "N2'"  "H2''" sing N N 34  
2AU OP2    P      sing N N 35  
2AU OP2    H2P1   sing N N 36  
AQC C4     C4A    doub Y N 37  
AQC C4A    C10    sing N N 38  
AQC C4A    C1A    sing Y N 39  
AQC C1     C1A    doub Y N 40  
AQC C1A    C9     sing N N 41  
AQC C9     C8A    sing N N 42  
AQC C9     O9     doub N N 43  
AQC C5A    C8A    doub Y N 44  
AQC C8A    C8     sing Y N 45  
AQC C10    C5A    sing N N 46  
AQC C5A    C5     sing Y N 47  
AQC O10    C10    doub N N 48  
AQC H4     C4     sing N N 49  
AQC C3     C4     sing Y N 50  
AQC H3     C3     sing N N 51  
AQC C3     C2     doub Y N 52  
AQC C1L    C2     sing N N 53  
AQC C2     C1     sing Y N 54  
AQC C1     H1     sing N N 55  
AQC C8     C7     doub Y N 56  
AQC C8     H8     sing N N 57  
AQC H5     C5     sing N N 58  
AQC C5     C6     doub Y N 59  
AQC C6     C7     sing Y N 60  
AQC C7     H7     sing N N 61  
AQC C6     H6     sing N N 62  
AQC "N2'"  C1L    sing N N 63  
AQC C1L    O1L    doub N N 64  
AQC "HN2'" "N2'"  sing N N 65  
AQC "N2'"  HN2A   sing N N 66  
DA  OP3    P      sing N N 67  
DA  OP3    HOP3   sing N N 68  
DA  P      OP1    doub N N 69  
DA  P      OP2    sing N N 70  
DA  P      "O5'"  sing N N 71  
DA  OP2    HOP2   sing N N 72  
DA  "O5'"  "C5'"  sing N N 73  
DA  "C5'"  "C4'"  sing N N 74  
DA  "C5'"  "H5'"  sing N N 75  
DA  "C5'"  "H5''" sing N N 76  
DA  "C4'"  "O4'"  sing N N 77  
DA  "C4'"  "C3'"  sing N N 78  
DA  "C4'"  "H4'"  sing N N 79  
DA  "O4'"  "C1'"  sing N N 80  
DA  "C3'"  "O3'"  sing N N 81  
DA  "C3'"  "C2'"  sing N N 82  
DA  "C3'"  "H3'"  sing N N 83  
DA  "O3'"  "HO3'" sing N N 84  
DA  "C2'"  "C1'"  sing N N 85  
DA  "C2'"  "H2'"  sing N N 86  
DA  "C2'"  "H2''" sing N N 87  
DA  "C1'"  N9     sing N N 88  
DA  "C1'"  "H1'"  sing N N 89  
DA  N9     C8     sing Y N 90  
DA  N9     C4     sing Y N 91  
DA  C8     N7     doub Y N 92  
DA  C8     H8     sing N N 93  
DA  N7     C5     sing Y N 94  
DA  C5     C6     sing Y N 95  
DA  C5     C4     doub Y N 96  
DA  C6     N6     sing N N 97  
DA  C6     N1     doub Y N 98  
DA  N6     H61    sing N N 99  
DA  N6     H62    sing N N 100 
DA  N1     C2     sing Y N 101 
DA  C2     N3     doub Y N 102 
DA  C2     H2     sing N N 103 
DA  N3     C4     sing Y N 104 
DC  OP3    P      sing N N 105 
DC  OP3    HOP3   sing N N 106 
DC  P      OP1    doub N N 107 
DC  P      OP2    sing N N 108 
DC  P      "O5'"  sing N N 109 
DC  OP2    HOP2   sing N N 110 
DC  "O5'"  "C5'"  sing N N 111 
DC  "C5'"  "C4'"  sing N N 112 
DC  "C5'"  "H5'"  sing N N 113 
DC  "C5'"  "H5''" sing N N 114 
DC  "C4'"  "O4'"  sing N N 115 
DC  "C4'"  "C3'"  sing N N 116 
DC  "C4'"  "H4'"  sing N N 117 
DC  "O4'"  "C1'"  sing N N 118 
DC  "C3'"  "O3'"  sing N N 119 
DC  "C3'"  "C2'"  sing N N 120 
DC  "C3'"  "H3'"  sing N N 121 
DC  "O3'"  "HO3'" sing N N 122 
DC  "C2'"  "C1'"  sing N N 123 
DC  "C2'"  "H2'"  sing N N 124 
DC  "C2'"  "H2''" sing N N 125 
DC  "C1'"  N1     sing N N 126 
DC  "C1'"  "H1'"  sing N N 127 
DC  N1     C2     sing N N 128 
DC  N1     C6     sing N N 129 
DC  C2     O2     doub N N 130 
DC  C2     N3     sing N N 131 
DC  N3     C4     doub N N 132 
DC  C4     N4     sing N N 133 
DC  C4     C5     sing N N 134 
DC  N4     H41    sing N N 135 
DC  N4     H42    sing N N 136 
DC  C5     C6     doub N N 137 
DC  C5     H5     sing N N 138 
DC  C6     H6     sing N N 139 
DG  OP3    P      sing N N 140 
DG  OP3    HOP3   sing N N 141 
DG  P      OP1    doub N N 142 
DG  P      OP2    sing N N 143 
DG  P      "O5'"  sing N N 144 
DG  OP2    HOP2   sing N N 145 
DG  "O5'"  "C5'"  sing N N 146 
DG  "C5'"  "C4'"  sing N N 147 
DG  "C5'"  "H5'"  sing N N 148 
DG  "C5'"  "H5''" sing N N 149 
DG  "C4'"  "O4'"  sing N N 150 
DG  "C4'"  "C3'"  sing N N 151 
DG  "C4'"  "H4'"  sing N N 152 
DG  "O4'"  "C1'"  sing N N 153 
DG  "C3'"  "O3'"  sing N N 154 
DG  "C3'"  "C2'"  sing N N 155 
DG  "C3'"  "H3'"  sing N N 156 
DG  "O3'"  "HO3'" sing N N 157 
DG  "C2'"  "C1'"  sing N N 158 
DG  "C2'"  "H2'"  sing N N 159 
DG  "C2'"  "H2''" sing N N 160 
DG  "C1'"  N9     sing N N 161 
DG  "C1'"  "H1'"  sing N N 162 
DG  N9     C8     sing Y N 163 
DG  N9     C4     sing Y N 164 
DG  C8     N7     doub Y N 165 
DG  C8     H8     sing N N 166 
DG  N7     C5     sing Y N 167 
DG  C5     C6     sing N N 168 
DG  C5     C4     doub Y N 169 
DG  C6     O6     doub N N 170 
DG  C6     N1     sing N N 171 
DG  N1     C2     sing N N 172 
DG  N1     H1     sing N N 173 
DG  C2     N2     sing N N 174 
DG  C2     N3     doub N N 175 
DG  N2     H21    sing N N 176 
DG  N2     H22    sing N N 177 
DG  N3     C4     sing N N 178 
# 
_ndb_struct_conf_na.entry_id   2KK5 
_ndb_struct_conf_na.feature    'b-form double helix' 
# 
loop_
_ndb_struct_na_base_pair.model_number 
_ndb_struct_na_base_pair.i_label_asym_id 
_ndb_struct_na_base_pair.i_label_comp_id 
_ndb_struct_na_base_pair.i_label_seq_id 
_ndb_struct_na_base_pair.i_symmetry 
_ndb_struct_na_base_pair.j_label_asym_id 
_ndb_struct_na_base_pair.j_label_comp_id 
_ndb_struct_na_base_pair.j_label_seq_id 
_ndb_struct_na_base_pair.j_symmetry 
_ndb_struct_na_base_pair.shear 
_ndb_struct_na_base_pair.stretch 
_ndb_struct_na_base_pair.stagger 
_ndb_struct_na_base_pair.buckle 
_ndb_struct_na_base_pair.propeller 
_ndb_struct_na_base_pair.opening 
_ndb_struct_na_base_pair.pair_number 
_ndb_struct_na_base_pair.pair_name 
_ndb_struct_na_base_pair.i_auth_asym_id 
_ndb_struct_na_base_pair.i_auth_seq_id 
_ndb_struct_na_base_pair.i_PDB_ins_code 
_ndb_struct_na_base_pair.j_auth_asym_id 
_ndb_struct_na_base_pair.j_auth_seq_id 
_ndb_struct_na_base_pair.j_PDB_ins_code 
_ndb_struct_na_base_pair.hbond_type_28 
_ndb_struct_na_base_pair.hbond_type_12 
1 A DC 2 1_555 B DG 5 1_555 1.176  -0.363 0.219  -11.014 -4.496 0.113 1 A_DC2:DG5_B A 2 ? B 5 ? 19 1 
1 A DG 3 1_555 B DC 4 1_555 -0.412 -0.233 -0.135 -3.727  -0.886 0.415 2 A_DG3:DC4_B A 3 ? B 4 ? 19 1 
1 A DC 4 1_555 B DG 3 1_555 0.412  -0.233 -0.134 3.725   -0.883 0.412 3 A_DC4:DG3_B A 4 ? B 3 ? 19 1 
1 A DG 5 1_555 B DC 2 1_555 -1.176 -0.363 0.218  10.996  -4.482 0.107 4 A_DG5:DC2_B A 5 ? B 2 ? 19 1 
# 
loop_
_ndb_struct_na_base_pair_step.model_number 
_ndb_struct_na_base_pair_step.i_label_asym_id_1 
_ndb_struct_na_base_pair_step.i_label_comp_id_1 
_ndb_struct_na_base_pair_step.i_label_seq_id_1 
_ndb_struct_na_base_pair_step.i_symmetry_1 
_ndb_struct_na_base_pair_step.j_label_asym_id_1 
_ndb_struct_na_base_pair_step.j_label_comp_id_1 
_ndb_struct_na_base_pair_step.j_label_seq_id_1 
_ndb_struct_na_base_pair_step.j_symmetry_1 
_ndb_struct_na_base_pair_step.i_label_asym_id_2 
_ndb_struct_na_base_pair_step.i_label_comp_id_2 
_ndb_struct_na_base_pair_step.i_label_seq_id_2 
_ndb_struct_na_base_pair_step.i_symmetry_2 
_ndb_struct_na_base_pair_step.j_label_asym_id_2 
_ndb_struct_na_base_pair_step.j_label_comp_id_2 
_ndb_struct_na_base_pair_step.j_label_seq_id_2 
_ndb_struct_na_base_pair_step.j_symmetry_2 
_ndb_struct_na_base_pair_step.shift 
_ndb_struct_na_base_pair_step.slide 
_ndb_struct_na_base_pair_step.rise 
_ndb_struct_na_base_pair_step.tilt 
_ndb_struct_na_base_pair_step.roll 
_ndb_struct_na_base_pair_step.twist 
_ndb_struct_na_base_pair_step.x_displacement 
_ndb_struct_na_base_pair_step.y_displacement 
_ndb_struct_na_base_pair_step.helical_rise 
_ndb_struct_na_base_pair_step.inclination 
_ndb_struct_na_base_pair_step.tip 
_ndb_struct_na_base_pair_step.helical_twist 
_ndb_struct_na_base_pair_step.step_number 
_ndb_struct_na_base_pair_step.step_name 
_ndb_struct_na_base_pair_step.i_auth_asym_id_1 
_ndb_struct_na_base_pair_step.i_auth_seq_id_1 
_ndb_struct_na_base_pair_step.i_PDB_ins_code_1 
_ndb_struct_na_base_pair_step.j_auth_asym_id_1 
_ndb_struct_na_base_pair_step.j_auth_seq_id_1 
_ndb_struct_na_base_pair_step.j_PDB_ins_code_1 
_ndb_struct_na_base_pair_step.i_auth_asym_id_2 
_ndb_struct_na_base_pair_step.i_auth_seq_id_2 
_ndb_struct_na_base_pair_step.i_PDB_ins_code_2 
_ndb_struct_na_base_pair_step.j_auth_asym_id_2 
_ndb_struct_na_base_pair_step.j_auth_seq_id_2 
_ndb_struct_na_base_pair_step.j_PDB_ins_code_2 
1 A DC 2 1_555 B DG 5 1_555 A DG 3 1_555 B DC 4 1_555 0.282  0.850 2.962 4.226  16.354 23.079 -2.005 0.391  2.926 35.421 -9.152 
28.532 1 AA_DC2DG3:DC4DG5_BB A 2 ? B 5 ? A 3 ? B 4 ? 
1 A DG 3 1_555 B DC 4 1_555 A DC 4 1_555 B DG 3 1_555 0.000  0.855 2.896 -0.003 12.897 43.335 0.045  0.000  3.019 17.021 0.004  
45.125 2 AA_DG3DC4:DG3DC4_BB A 3 ? B 4 ? A 4 ? B 3 ? 
1 A DC 4 1_555 B DG 3 1_555 A DG 5 1_555 B DC 2 1_555 -0.282 0.850 2.963 -4.225 16.347 23.079 -2.003 -0.391 2.927 35.409 9.152  
28.528 3 AA_DC4DG5:DC2DG3_BB A 4 ? B 3 ? A 5 ? B 2 ? 
# 
_pdbx_nmr_spectrometer.field_strength    600 
_pdbx_nmr_spectrometer.manufacturer      Bruker 
_pdbx_nmr_spectrometer.model             AVANCE 
_pdbx_nmr_spectrometer.spectrometer_id   1 
_pdbx_nmr_spectrometer.type              'Bruker Avance' 
# 
_atom_sites.entry_id                    2KK5 
_atom_sites.fract_transf_matrix[1][1]   1.000000 
_atom_sites.fract_transf_matrix[1][2]   0.000000 
_atom_sites.fract_transf_matrix[1][3]   0.000000 
_atom_sites.fract_transf_matrix[2][1]   0.000000 
_atom_sites.fract_transf_matrix[2][2]   1.000000 
_atom_sites.fract_transf_matrix[2][3]   0.000000 
_atom_sites.fract_transf_matrix[3][1]   0.000000 
_atom_sites.fract_transf_matrix[3][2]   0.000000 
_atom_sites.fract_transf_matrix[3][3]   1.000000 
_atom_sites.fract_transf_vector[1]      0.00000 
_atom_sites.fract_transf_vector[2]      0.00000 
_atom_sites.fract_transf_vector[3]      0.00000 
# 
loop_
_atom_type.symbol 
C 
H 
N 
O 
P 
# 
loop_
_atom_site.group_PDB 
_atom_site.id 
_atom_site.type_symbol 
_atom_site.label_atom_id 
_atom_site.label_alt_id 
_atom_site.label_comp_id 
_atom_site.label_asym_id 
_atom_site.label_entity_id 
_atom_site.label_seq_id 
_atom_site.pdbx_PDB_ins_code 
_atom_site.Cartn_x 
_atom_site.Cartn_y 
_atom_site.Cartn_z 
_atom_site.occupancy 
_atom_site.B_iso_or_equiv 
_atom_site.pdbx_formal_charge 
_atom_site.auth_seq_id 
_atom_site.auth_comp_id 
_atom_site.auth_asym_id 
_atom_site.auth_atom_id 
_atom_site.pdbx_PDB_model_num 
ATOM   1    O "O5'"  . DA  A 1 1 ? 5.898   11.607  7.154   1.00 0.00 ? 1 DA  A "O5'"  1 
ATOM   2    C "C5'"  . DA  A 1 1 ? 6.076   10.494  6.273   1.00 0.00 ? 1 DA  A "C5'"  1 
ATOM   3    C "C4'"  . DA  A 1 1 ? 6.178   9.201   7.046   1.00 0.00 ? 1 DA  A "C4'"  1 
ATOM   4    O "O4'"  . DA  A 1 1 ? 5.253   9.243   8.159   1.00 0.00 ? 1 DA  A "O4'"  1 
ATOM   5    C "C3'"  . DA  A 1 1 ? 5.811   7.949   6.254   1.00 0.00 ? 1 DA  A "C3'"  1 
ATOM   6    O "O3'"  . DA  A 1 1 ? 6.995   7.362   5.699   1.00 0.00 ? 1 DA  A "O3'"  1 
ATOM   7    C "C2'"  . DA  A 1 1 ? 5.190   7.050   7.309   1.00 0.00 ? 1 DA  A "C2'"  1 
ATOM   8    C "C1'"  . DA  A 1 1 ? 4.480   8.054   8.197   1.00 0.00 ? 1 DA  A "C1'"  1 
ATOM   9    N N9     . DA  A 1 1 ? 3.119   8.393   7.775   1.00 0.00 ? 1 DA  A N9     1 
ATOM   10   C C8     . DA  A 1 1 ? 2.747   9.378   6.894   1.00 0.00 ? 1 DA  A C8     1 
ATOM   11   N N7     . DA  A 1 1 ? 1.453   9.459   6.704   1.00 0.00 ? 1 DA  A N7     1 
ATOM   12   C C5     . DA  A 1 1 ? 0.935   8.457   7.512   1.00 0.00 ? 1 DA  A C5     1 
ATOM   13   C C6     . DA  A 1 1 ? -0.381  8.027   7.755   1.00 0.00 ? 1 DA  A C6     1 
ATOM   14   N N6     . DA  A 1 1 ? -1.457  8.572   7.185   1.00 0.00 ? 1 DA  A N6     1 
ATOM   15   N N1     . DA  A 1 1 ? -0.557  7.001   8.613   1.00 0.00 ? 1 DA  A N1     1 
ATOM   16   C C2     . DA  A 1 1 ? 0.521   6.451   9.182   1.00 0.00 ? 1 DA  A C2     1 
ATOM   17   N N3     . DA  A 1 1 ? 1.808   6.768   9.037   1.00 0.00 ? 1 DA  A N3     1 
ATOM   18   C C4     . DA  A 1 1 ? 1.949   7.792   8.178   1.00 0.00 ? 1 DA  A C4     1 
ATOM   19   H "H5'"  . DA  A 1 1 ? 6.987   10.633  5.692   1.00 0.00 ? 1 DA  A "H5'"  1 
ATOM   20   H "H5''" . DA  A 1 1 ? 5.228   10.431  5.591   1.00 0.00 ? 1 DA  A "H5''" 1 
ATOM   21   H "H4'"  . DA  A 1 1 ? 7.219   9.084   7.356   1.00 0.00 ? 1 DA  A "H4'"  1 
ATOM   22   H "H3'"  . DA  A 1 1 ? 5.113   8.180   5.451   1.00 0.00 ? 1 DA  A "H3'"  1 
ATOM   23   H "H2'"  . DA  A 1 1 ? 4.502   6.332   6.868   1.00 0.00 ? 1 DA  A "H2'"  1 
ATOM   24   H "H2''" . DA  A 1 1 ? 5.950   6.480   7.838   1.00 0.00 ? 1 DA  A "H2''" 1 
ATOM   25   H "H1'"  . DA  A 1 1 ? 4.452   7.706   9.226   1.00 0.00 ? 1 DA  A "H1'"  1 
ATOM   26   H H8     . DA  A 1 1 ? 3.454   10.024  6.401   1.00 0.00 ? 1 DA  A H8     1 
ATOM   27   H H61    . DA  A 1 1 ? -1.350  9.339   6.538   1.00 0.00 ? 1 DA  A H61    1 
ATOM   28   H H62    . DA  A 1 1 ? -2.376  8.215   7.403   1.00 0.00 ? 1 DA  A H62    1 
ATOM   29   H H2     . DA  A 1 1 ? 0.318   5.621   9.856   1.00 0.00 ? 1 DA  A H2     1 
ATOM   30   H "HO5'" . DA  A 1 1 ? 5.647   11.250  8.010   1.00 0.00 ? 1 DA  A "HO5'" 1 
ATOM   31   P P      . DC  A 1 2 ? 6.946   5.869   5.106   1.00 0.00 ? 2 DC  A P      1 
ATOM   32   O OP1    . DC  A 1 2 ? 8.340   5.468   4.783   1.00 0.00 ? 2 DC  A OP1    1 
ATOM   33   O OP2    . DC  A 1 2 ? 5.911   5.841   4.042   1.00 0.00 ? 2 DC  A OP2    1 
ATOM   34   O "O5'"  . DC  A 1 2 ? 6.431   4.988   6.332   1.00 0.00 ? 2 DC  A "O5'"  1 
ATOM   35   C "C5'"  . DC  A 1 2 ? 7.087   3.772   6.682   1.00 0.00 ? 2 DC  A "C5'"  1 
ATOM   36   C "C4'"  . DC  A 1 2 ? 6.379   2.595   6.054   1.00 0.00 ? 2 DC  A "C4'"  1 
ATOM   37   O "O4'"  . DC  A 1 2 ? 5.020   2.942   5.733   1.00 0.00 ? 2 DC  A "O4'"  1 
ATOM   38   C "C3'"  . DC  A 1 2 ? 6.989   2.121   4.738   1.00 0.00 ? 2 DC  A "C3'"  1 
ATOM   39   O "O3'"  . DC  A 1 2 ? 7.853   1.003   4.972   1.00 0.00 ? 2 DC  A "O3'"  1 
ATOM   40   C "C2'"  . DC  A 1 2 ? 5.785   1.718   3.890   1.00 0.00 ? 2 DC  A "C2'"  1 
ATOM   41   C "C1'"  . DC  A 1 2 ? 4.570   2.030   4.757   1.00 0.00 ? 2 DC  A "C1'"  1 
ATOM   42   N N1     . DC  A 1 2 ? 3.427   2.648   4.063   1.00 0.00 ? 2 DC  A N1     1 
ATOM   43   C C2     . DC  A 1 2 ? 2.145   2.132   4.287   1.00 0.00 ? 2 DC  A C2     1 
ATOM   44   O O2     . DC  A 1 2 ? 2.011   1.157   5.042   1.00 0.00 ? 2 DC  A O2     1 
ATOM   45   N N3     . DC  A 1 2 ? 1.085   2.707   3.677   1.00 0.00 ? 2 DC  A N3     1 
ATOM   46   C C4     . DC  A 1 2 ? 1.268   3.748   2.864   1.00 0.00 ? 2 DC  A C4     1 
ATOM   47   N N4     . DC  A 1 2 ? 0.193   4.290   2.292   1.00 0.00 ? 2 DC  A N4     1 
ATOM   48   C C5     . DC  A 1 2 ? 2.562   4.285   2.603   1.00 0.00 ? 2 DC  A C5     1 
ATOM   49   C C6     . DC  A 1 2 ? 3.603   3.713   3.222   1.00 0.00 ? 2 DC  A C6     1 
ATOM   50   H "H5'"  . DC  A 1 2 ? 7.078   3.655   7.765   1.00 0.00 ? 2 DC  A "H5'"  1 
ATOM   51   H "H5''" . DC  A 1 2 ? 8.120   3.797   6.336   1.00 0.00 ? 2 DC  A "H5''" 1 
ATOM   52   H "H4'"  . DC  A 1 2 ? 6.456   1.758   6.752   1.00 0.00 ? 2 DC  A "H4'"  1 
ATOM   53   H "H3'"  . DC  A 1 2 ? 7.562   2.922   4.273   1.00 0.00 ? 2 DC  A "H3'"  1 
ATOM   54   H "H2'"  . DC  A 1 2 ? 5.768   2.259   2.945   1.00 0.00 ? 2 DC  A "H2'"  1 
ATOM   55   H "H2''" . DC  A 1 2 ? 5.803   0.653   3.658   1.00 0.00 ? 2 DC  A "H2''" 1 
ATOM   56   H "H1'"  . DC  A 1 2 ? 4.220   1.135   5.273   1.00 0.00 ? 2 DC  A "H1'"  1 
ATOM   57   H H41    . DC  A 1 2 ? 0.299   5.083   1.675   1.00 0.00 ? 2 DC  A H41    1 
ATOM   58   H H42    . DC  A 1 2 ? -0.724  3.907   2.477   1.00 0.00 ? 2 DC  A H42    1 
ATOM   59   H H5     . DC  A 1 2 ? 2.699   5.127   1.926   1.00 0.00 ? 2 DC  A H5     1 
ATOM   60   H H6     . DC  A 1 2 ? 4.601   4.115   3.063   1.00 0.00 ? 2 DC  A H6     1 
ATOM   61   P P      . DG  A 1 3 ? 8.624   0.313   3.740   1.00 0.00 ? 3 DG  A P      1 
ATOM   62   O OP1    . DG  A 1 3 ? 9.981   -0.049  4.216   1.00 0.00 ? 3 DG  A OP1    1 
ATOM   63   O OP2    . DG  A 1 3 ? 8.476   1.173   2.541   1.00 0.00 ? 3 DG  A OP2    1 
ATOM   64   O "O5'"  . DG  A 1 3 ? 7.811   -1.035  3.492   1.00 0.00 ? 3 DG  A "O5'"  1 
ATOM   65   C "C5'"  . DG  A 1 3 ? 7.201   -1.733  4.579   1.00 0.00 ? 3 DG  A "C5'"  1 
ATOM   66   C "C4'"  . DG  A 1 3 ? 6.281   -2.813  4.060   1.00 0.00 ? 3 DG  A "C4'"  1 
ATOM   67   O "O4'"  . DG  A 1 3 ? 4.982   -2.225  3.797   1.00 0.00 ? 3 DG  A "O4'"  1 
ATOM   68   C "C3'"  . DG  A 1 3 ? 6.727   -3.475  2.755   1.00 0.00 ? 3 DG  A "C3'"  1 
ATOM   69   O "O3'"  . DG  A 1 3 ? 6.501   -4.889  2.820   1.00 0.00 ? 3 DG  A "O3'"  1 
ATOM   70   C "C2'"  . DG  A 1 3 ? 5.851   -2.829  1.697   1.00 0.00 ? 3 DG  A "C2'"  1 
ATOM   71   C "C1'"  . DG  A 1 3 ? 4.594   -2.444  2.452   1.00 0.00 ? 3 DG  A "C1'"  1 
ATOM   72   N N9     . DG  A 1 3 ? 3.940   -1.230  1.975   1.00 0.00 ? 3 DG  A N9     1 
ATOM   73   C C8     . DG  A 1 3 ? 4.541   -0.106  1.464   1.00 0.00 ? 3 DG  A C8     1 
ATOM   74   N N7     . DG  A 1 3 ? 3.691   0.823   1.123   1.00 0.00 ? 3 DG  A N7     1 
ATOM   75   C C5     . DG  A 1 3 ? 2.450   0.277   1.424   1.00 0.00 ? 3 DG  A C5     1 
ATOM   76   C C6     . DG  A 1 3 ? 1.144   0.813   1.270   1.00 0.00 ? 3 DG  A C6     1 
ATOM   77   O O6     . DG  A 1 3 ? 0.813   1.915   0.820   1.00 0.00 ? 3 DG  A O6     1 
ATOM   78   N N1     . DG  A 1 3 ? 0.170   -0.079  1.704   1.00 0.00 ? 3 DG  A N1     1 
ATOM   79   C C2     . DG  A 1 3 ? 0.418   -1.327  2.216   1.00 0.00 ? 3 DG  A C2     1 
ATOM   80   N N2     . DG  A 1 3 ? -0.653  -2.039  2.576   1.00 0.00 ? 3 DG  A N2     1 
ATOM   81   N N3     . DG  A 1 3 ? 1.626   -1.839  2.365   1.00 0.00 ? 3 DG  A N3     1 
ATOM   82   C C4     . DG  A 1 3 ? 2.588   -0.989  1.951   1.00 0.00 ? 3 DG  A C4     1 
ATOM   83   H "H5'"  . DG  A 1 3 ? 6.624   -1.033  5.184   1.00 0.00 ? 3 DG  A "H5'"  1 
ATOM   84   H "H5''" . DG  A 1 3 ? 7.971   -2.190  5.200   1.00 0.00 ? 3 DG  A "H5''" 1 
ATOM   85   H "H4'"  . DG  A 1 3 ? 6.247   -3.602  4.813   1.00 0.00 ? 3 DG  A "H4'"  1 
ATOM   86   H "H3'"  . DG  A 1 3 ? 7.786   -3.294  2.569   1.00 0.00 ? 3 DG  A "H3'"  1 
ATOM   87   H "H2'"  . DG  A 1 3 ? 6.341   -1.969  1.242   1.00 0.00 ? 3 DG  A "H2'"  1 
ATOM   88   H "H2''" . DG  A 1 3 ? 5.609   -3.531  0.899   1.00 0.00 ? 3 DG  A "H2''" 1 
ATOM   89   H "H1'"  . DG  A 1 3 ? 3.866   -3.255  2.437   1.00 0.00 ? 3 DG  A "H1'"  1 
ATOM   90   H H8     . DG  A 1 3 ? 5.609   -0.003  1.351   1.00 0.00 ? 3 DG  A H8     1 
ATOM   91   H H1     . DG  A 1 3 ? -0.795  0.216   1.637   1.00 0.00 ? 3 DG  A H1     1 
ATOM   92   H H21    . DG  A 1 3 ? -0.534  -2.965  2.958   1.00 0.00 ? 3 DG  A H21    1 
ATOM   93   H H22    . DG  A 1 3 ? -1.582  -1.653  2.464   1.00 0.00 ? 3 DG  A H22    1 
ATOM   94   P P      . DC  A 1 4 ? 6.713   -5.798  1.508   1.00 0.00 ? 4 DC  A P      1 
ATOM   95   O OP1    . DC  A 1 4 ? 7.277   -7.094  1.957   1.00 0.00 ? 4 DC  A OP1    1 
ATOM   96   O OP2    . DC  A 1 4 ? 7.432   -5.006  0.481   1.00 0.00 ? 4 DC  A OP2    1 
ATOM   97   O "O5'"  . DC  A 1 4 ? 5.231   -6.062  0.987   1.00 0.00 ? 4 DC  A "O5'"  1 
ATOM   98   C "C5'"  . DC  A 1 4 ? 4.124   -6.036  1.889   1.00 0.00 ? 4 DC  A "C5'"  1 
ATOM   99   C "C4'"  . DC  A 1 4 ? 3.025   -6.952  1.405   1.00 0.00 ? 4 DC  A "C4'"  1 
ATOM   100  O "O4'"  . DC  A 1 4 ? 1.887   -6.148  1.031   1.00 0.00 ? 4 DC  A "O4'"  1 
ATOM   101  C "C3'"  . DC  A 1 4 ? 3.358   -7.792  0.173   1.00 0.00 ? 4 DC  A "C3'"  1 
ATOM   102  O "O3'"  . DC  A 1 4 ? 2.697   -9.062  0.235   1.00 0.00 ? 4 DC  A "O3'"  1 
ATOM   103  C "C2'"  . DC  A 1 4 ? 2.819   -6.970  -0.988  1.00 0.00 ? 4 DC  A "C2'"  1 
ATOM   104  C "C1'"  . DC  A 1 4 ? 1.892   -5.928  -0.369  1.00 0.00 ? 4 DC  A "C1'"  1 
ATOM   105  N N1     . DC  A 1 4 ? 2.292   -4.531  -0.607  1.00 0.00 ? 4 DC  A N1     1 
ATOM   106  C C2     . DC  A 1 4 ? 1.297   -3.565  -0.779  1.00 0.00 ? 4 DC  A C2     1 
ATOM   107  O O2     . DC  A 1 4 ? 0.108   -3.911  -0.724  1.00 0.00 ? 4 DC  A O2     1 
ATOM   108  N N3     . DC  A 1 4 ? 1.654   -2.280  -1.002  1.00 0.00 ? 4 DC  A N3     1 
ATOM   109  C C4     . DC  A 1 4 ? 2.944   -1.947  -1.052  1.00 0.00 ? 4 DC  A C4     1 
ATOM   110  N N4     . DC  A 1 4 ? 3.251   -0.668  -1.262  1.00 0.00 ? 4 DC  A N4     1 
ATOM   111  C C5     . DC  A 1 4 ? 3.979   -2.911  -0.883  1.00 0.00 ? 4 DC  A C5     1 
ATOM   112  C C6     . DC  A 1 4 ? 3.611   -4.178  -0.662  1.00 0.00 ? 4 DC  A C6     1 
ATOM   113  H "H5'"  . DC  A 1 4 ? 3.734   -5.022  1.958   1.00 0.00 ? 4 DC  A "H5'"  1 
ATOM   114  H "H5''" . DC  A 1 4 ? 4.450   -6.357  2.877   1.00 0.00 ? 4 DC  A "H5''" 1 
ATOM   115  H "H4'"  . DC  A 1 4 ? 2.804   -7.655  2.211   1.00 0.00 ? 4 DC  A "H4'"  1 
ATOM   116  H "H3'"  . DC  A 1 4 ? 4.432   -7.954  0.090   1.00 0.00 ? 4 DC  A "H3'"  1 
ATOM   117  H "H2'"  . DC  A 1 4 ? 3.622   -6.518  -1.565  1.00 0.00 ? 4 DC  A "H2'"  1 
ATOM   118  H "H2''" . DC  A 1 4 ? 2.232   -7.586  -1.667  1.00 0.00 ? 4 DC  A "H2''" 1 
ATOM   119  H "H1'"  . DC  A 1 4 ? 0.871   -6.055  -0.728  1.00 0.00 ? 4 DC  A "H1'"  1 
ATOM   120  H H41    . DC  A 1 4 ? 4.220   -0.391  -1.299  1.00 0.00 ? 4 DC  A H41    1 
ATOM   121  H H42    . DC  A 1 4 ? 2.520   0.019   -1.377  1.00 0.00 ? 4 DC  A H42    1 
ATOM   122  H H5     . DC  A 1 4 ? 5.031   -2.627  -0.936  1.00 0.00 ? 4 DC  A H5     1 
ATOM   123  H H6     . DC  A 1 4 ? 4.379   -4.940  -0.524  1.00 0.00 ? 4 DC  A H6     1 
ATOM   124  P P      . DG  A 1 5 ? 2.858   -10.109 -0.978  1.00 0.00 ? 5 DG  A P      1 
ATOM   125  O OP1    . DG  A 1 5 ? 2.528   -11.456 -0.449  1.00 0.00 ? 5 DG  A OP1    1 
ATOM   126  O OP2    . DG  A 1 5 ? 4.172   -9.882  -1.626  1.00 0.00 ? 5 DG  A OP2    1 
ATOM   127  O "O5'"  . DG  A 1 5 ? 1.715   -9.687  -2.006  1.00 0.00 ? 5 DG  A "O5'"  1 
ATOM   128  C "C5'"  . DG  A 1 5 ? 0.362   -9.529  -1.576  1.00 0.00 ? 5 DG  A "C5'"  1 
ATOM   129  C "C4'"  . DG  A 1 5 ? -0.565  -9.436  -2.765  1.00 0.00 ? 5 DG  A "C4'"  1 
ATOM   130  O "O4'"  . DG  A 1 5 ? -0.782  -8.040  -3.074  1.00 0.00 ? 5 DG  A "O4'"  1 
ATOM   131  C "C3'"  . DG  A 1 5 ? -0.048  -10.091 -4.044  1.00 0.00 ? 5 DG  A "C3'"  1 
ATOM   132  O "O3'"  . DG  A 1 5 ? -1.115  -10.757 -4.728  1.00 0.00 ? 5 DG  A "O3'"  1 
ATOM   133  C "C2'"  . DG  A 1 5 ? 0.482   -8.932  -4.868  1.00 0.00 ? 5 DG  A "C2'"  1 
ATOM   134  C "C1'"  . DG  A 1 5 ? -0.245  -7.703  -4.342  1.00 0.00 ? 5 DG  A "C1'"  1 
ATOM   135  N N9     . DG  A 1 5 ? 0.609   -6.534  -4.168  1.00 0.00 ? 5 DG  A N9     1 
ATOM   136  C C8     . DG  A 1 5 ? 1.937   -6.530  -3.826  1.00 0.00 ? 5 DG  A C8     1 
ATOM   137  N N7     . DG  A 1 5 ? 2.445   -5.332  -3.741  1.00 0.00 ? 5 DG  A N7     1 
ATOM   138  C C5     . DG  A 1 5 ? 1.386   -4.489  -4.053  1.00 0.00 ? 5 DG  A C5     1 
ATOM   139  C C6     . DG  A 1 5 ? 1.329   -3.073  -4.134  1.00 0.00 ? 5 DG  A C6     1 
ATOM   140  O O6     . DG  A 1 5 ? 2.233   -2.252  -3.932  1.00 0.00 ? 5 DG  A O6     1 
ATOM   141  N N1     . DG  A 1 5 ? 0.061   -2.632  -4.492  1.00 0.00 ? 5 DG  A N1     1 
ATOM   142  C C2     . DG  A 1 5 ? -1.018  -3.445  -4.730  1.00 0.00 ? 5 DG  A C2     1 
ATOM   143  N N2     . DG  A 1 5 ? -2.160  -2.824  -5.051  1.00 0.00 ? 5 DG  A N2     1 
ATOM   144  N N3     . DG  A 1 5 ? -0.981  -4.765  -4.657  1.00 0.00 ? 5 DG  A N3     1 
ATOM   145  C C4     . DG  A 1 5 ? 0.245   -5.217  -4.318  1.00 0.00 ? 5 DG  A C4     1 
ATOM   146  H "H5'"  . DG  A 1 5 ? 0.271   -8.622  -0.982  1.00 0.00 ? 5 DG  A "H5'"  1 
ATOM   147  H "H5''" . DG  A 1 5 ? 0.072   -10.382 -0.970  1.00 0.00 ? 5 DG  A "H5''" 1 
ATOM   148  H "H4'"  . DG  A 1 5 ? -1.485  -9.961  -2.499  1.00 0.00 ? 5 DG  A "H4'"  1 
ATOM   149  H "H3'"  . DG  A 1 5 ? 0.735   -10.813 -3.821  1.00 0.00 ? 5 DG  A "H3'"  1 
ATOM   150  H "H2'"  . DG  A 1 5 ? 1.562   -8.841  -4.779  1.00 0.00 ? 5 DG  A "H2'"  1 
ATOM   151  H "H2''" . DG  A 1 5 ? 0.251   -9.064  -5.923  1.00 0.00 ? 5 DG  A "H2''" 1 
ATOM   152  H "H1'"  . DG  A 1 5 ? -1.072  -7.430  -4.996  1.00 0.00 ? 5 DG  A "H1'"  1 
ATOM   153  H H8     . DG  A 1 5 ? 2.504   -7.433  -3.654  1.00 0.00 ? 5 DG  A H8     1 
ATOM   154  H H1     . DG  A 1 5 ? -0.080  -1.637  -4.590  1.00 0.00 ? 5 DG  A H1     1 
ATOM   155  H H21    . DG  A 1 5 ? -2.990  -3.367  -5.236  1.00 0.00 ? 5 DG  A H21    1 
ATOM   156  H H22    . DG  A 1 5 ? -2.191  -1.814  -5.107  1.00 0.00 ? 5 DG  A H22    1 
HETATM 157  P P      . 2AU A 1 6 ? -0.787  -11.740 -5.959  1.00 0.00 ? 6 2AU A P      1 
HETATM 158  O OP1    . 2AU A 1 6 ? -1.861  -12.760 -6.032  1.00 0.00 ? 6 2AU A OP1    1 
HETATM 159  O "O5'"  . 2AU A 1 6 ? -0.909  -10.796 -7.236  1.00 0.00 ? 6 2AU A "O5'"  1 
HETATM 160  C "C5'"  . 2AU A 1 6 ? 0.246   -10.372 -7.959  1.00 0.00 ? 6 2AU A "C5'"  1 
HETATM 161  C "C4'"  . 2AU A 1 6 ? -0.102  -9.214  -8.870  1.00 0.00 ? 6 2AU A "C4'"  1 
HETATM 162  O "O4'"  . 2AU A 1 6 ? -1.515  -8.901  -8.717  1.00 0.00 ? 6 2AU A "O4'"  1 
HETATM 163  C "C3'"  . 2AU A 1 6 ? 0.640   -7.908  -8.602  1.00 0.00 ? 6 2AU A "C3'"  1 
HETATM 164  O "O3'"  . 2AU A 1 6 ? 0.910   -7.198  -9.815  1.00 0.00 ? 6 2AU A "O3'"  1 
HETATM 165  C "C2'"  . 2AU A 1 6 ? -0.308  -7.152  -7.677  1.00 0.00 ? 6 2AU A "C2'"  1 
HETATM 166  C "C1'"  . 2AU A 1 6 ? -1.666  -7.587  -8.220  1.00 0.00 ? 6 2AU A "C1'"  1 
HETATM 167  N N1     . 2AU A 1 6 ? -2.728  -7.594  -7.204  1.00 0.00 ? 6 2AU A N1     1 
HETATM 168  C C2     . 2AU A 1 6 ? -3.731  -6.649  -7.312  1.00 0.00 ? 6 2AU A C2     1 
HETATM 169  O O2     . 2AU A 1 6 ? -3.766  -5.819  -8.204  1.00 0.00 ? 6 2AU A O2     1 
HETATM 170  N N3     . 2AU A 1 6 ? -4.692  -6.710  -6.336  1.00 0.00 ? 6 2AU A N3     1 
HETATM 171  C C4     . 2AU A 1 6 ? -4.750  -7.599  -5.285  1.00 0.00 ? 6 2AU A C4     1 
HETATM 172  O O4     . 2AU A 1 6 ? -5.685  -7.529  -4.485  1.00 0.00 ? 6 2AU A O4     1 
HETATM 173  C C5     . 2AU A 1 6 ? -3.677  -8.541  -5.242  1.00 0.00 ? 6 2AU A C5     1 
HETATM 174  C C6     . 2AU A 1 6 ? -2.723  -8.511  -6.177  1.00 0.00 ? 6 2AU A C6     1 
HETATM 175  H "H5'"  . 2AU A 1 6 ? 0.626   -11.198 -8.560  1.00 0.00 ? 6 2AU A "H5'"  1 
HETATM 176  H "H5''" . 2AU A 1 6 ? 1.024   -10.056 -7.265  1.00 0.00 ? 6 2AU A "H5''" 1 
HETATM 177  H "H4'"  . 2AU A 1 6 ? 0.164   -9.514  -9.879  1.00 0.00 ? 6 2AU A "H4'"  1 
HETATM 178  H "H3'"  . 2AU A 1 6 ? 1.611   -8.088  -8.142  1.00 0.00 ? 6 2AU A "H3'"  1 
HETATM 179  H "HO3'" . 2AU A 1 6 ? 1.864   -7.153  -9.912  1.00 0.00 ? 6 2AU A "HO3'" 1 
HETATM 180  H "H2'"  . 2AU A 1 6 ? -0.169  -7.471  -6.646  1.00 0.00 ? 6 2AU A "H2'"  1 
HETATM 181  H "H1'"  . 2AU A 1 6 ? -1.997  -6.965  -9.053  1.00 0.00 ? 6 2AU A "H1'"  1 
HETATM 182  H H3     . 2AU A 1 6 ? -5.436  -6.032  -6.391  1.00 0.00 ? 6 2AU A H3     1 
HETATM 183  H H5     . 2AU A 1 6 ? -3.634  -9.282  -4.444  1.00 0.00 ? 6 2AU A H5     1 
HETATM 184  O OP2    . 2AU A 1 6 ? 0.625   -12.178 -5.831  1.00 0.00 ? 6 2AU A OP2    1 
HETATM 185  H H6     . 2AU A 1 6 ? -1.908  -9.233  -6.120  1.00 0.00 ? 6 2AU A H6     1 
ATOM   186  O "O5'"  . DA  B 1 1 ? 4.906   5.949   -12.698 1.00 0.00 ? 1 DA  B "O5'"  1 
ATOM   187  C "C5'"  . DA  B 1 1 ? 4.124   6.080   -11.507 1.00 0.00 ? 1 DA  B "C5'"  1 
ATOM   188  C "C4'"  . DA  B 1 1 ? 2.794   5.379   -11.652 1.00 0.00 ? 1 DA  B "C4'"  1 
ATOM   189  O "O4'"  . DA  B 1 1 ? 2.988   4.149   -12.389 1.00 0.00 ? 1 DA  B "O4'"  1 
ATOM   190  C "C3'"  . DA  B 1 1 ? 2.138   4.970   -10.335 1.00 0.00 ? 1 DA  B "C3'"  1 
ATOM   191  O "O3'"  . DA  B 1 1 ? 1.219   5.985   -9.915  1.00 0.00 ? 1 DA  B "O3'"  1 
ATOM   192  C "C2'"  . DA  B 1 1 ? 1.417   3.686   -10.700 1.00 0.00 ? 1 DA  B "C2'"  1 
ATOM   193  C "C1'"  . DA  B 1 1 ? 2.365   3.068   -11.709 1.00 0.00 ? 1 DA  B "C1'"  1 
ATOM   194  N N9     . DA  B 1 1 ? 3.421   2.236   -11.131 1.00 0.00 ? 1 DA  B N9     1 
ATOM   195  C C8     . DA  B 1 1 ? 4.656   2.650   -10.693 1.00 0.00 ? 1 DA  B C8     1 
ATOM   196  N N7     . DA  B 1 1 ? 5.403   1.683   -10.224 1.00 0.00 ? 1 DA  B N7     1 
ATOM   197  C C5     . DA  B 1 1 ? 4.610   0.553   -10.358 1.00 0.00 ? 1 DA  B C5     1 
ATOM   198  C C6     . DA  B 1 1 ? 4.829   -0.798  -10.038 1.00 0.00 ? 1 DA  B C6     1 
ATOM   199  N N6     . DA  B 1 1 ? 5.957   -1.258  -9.495  1.00 0.00 ? 1 DA  B N6     1 
ATOM   200  N N1     . DA  B 1 1 ? 3.836   -1.673  -10.295 1.00 0.00 ? 1 DA  B N1     1 
ATOM   201  C C2     . DA  B 1 1 ? 2.702   -1.213  -10.836 1.00 0.00 ? 1 DA  B C2     1 
ATOM   202  N N3     . DA  B 1 1 ? 2.376   0.031   -11.184 1.00 0.00 ? 1 DA  B N3     1 
ATOM   203  C C4     . DA  B 1 1 ? 3.386   0.877   -10.915 1.00 0.00 ? 1 DA  B C4     1 
ATOM   204  H "H5'"  . DA  B 1 1 ? 3.948   7.136   -11.304 1.00 0.00 ? 1 DA  B "H5'"  1 
ATOM   205  H "H5''" . DA  B 1 1 ? 4.664   5.643   -10.667 1.00 0.00 ? 1 DA  B "H5''" 1 
ATOM   206  H "H4'"  . DA  B 1 1 ? 2.108   6.071   -12.142 1.00 0.00 ? 1 DA  B "H4'"  1 
ATOM   207  H "H3'"  . DA  B 1 1 ? 2.883   4.814   -9.555  1.00 0.00 ? 1 DA  B "H3'"  1 
ATOM   208  H "H2'"  . DA  B 1 1 ? 1.270   3.047   -9.830  1.00 0.00 ? 1 DA  B "H2'"  1 
ATOM   209  H "H2''" . DA  B 1 1 ? 0.431   3.891   -11.113 1.00 0.00 ? 1 DA  B "H2''" 1 
ATOM   210  H "H1'"  . DA  B 1 1 ? 1.818   2.483   -12.444 1.00 0.00 ? 1 DA  B "H1'"  1 
ATOM   211  H H8     . DA  B 1 1 ? 4.977   3.678   -10.728 1.00 0.00 ? 1 DA  B H8     1 
ATOM   212  H H61    . DA  B 1 1 ? 6.714   -0.622  -9.291  1.00 0.00 ? 1 DA  B H61    1 
ATOM   213  H H62    . DA  B 1 1 ? 6.052   -2.243  -9.289  1.00 0.00 ? 1 DA  B H62    1 
ATOM   214  H H2     . DA  B 1 1 ? 1.934   -1.964  -11.012 1.00 0.00 ? 1 DA  B H2     1 
ATOM   215  H "HO5'" . DA  B 1 1 ? 4.506   5.248   -13.220 1.00 0.00 ? 1 DA  B "HO5'" 1 
ATOM   216  P P      . DC  B 1 2 ? 0.156   5.672   -8.751  1.00 0.00 ? 2 DC  B P      1 
ATOM   217  O OP1    . DC  B 1 2 ? -0.773  6.828   -8.666  1.00 0.00 ? 2 DC  B OP1    1 
ATOM   218  O OP2    . DC  B 1 2 ? 0.917   5.254   -7.546  1.00 0.00 ? 2 DC  B OP2    1 
ATOM   219  O "O5'"  . DC  B 1 2 ? -0.649  4.409   -9.298  1.00 0.00 ? 2 DC  B "O5'"  1 
ATOM   220  C "C5'"  . DC  B 1 2 ? -2.073  4.376   -9.255  1.00 0.00 ? 2 DC  B "C5'"  1 
ATOM   221  C "C4'"  . DC  B 1 2 ? -2.543  3.638   -8.023  1.00 0.00 ? 2 DC  B "C4'"  1 
ATOM   222  O "O4'"  . DC  B 1 2 ? -1.506  2.767   -7.537  1.00 0.00 ? 2 DC  B "O4'"  1 
ATOM   223  C "C3'"  . DC  B 1 2 ? -2.889  4.542   -6.843  1.00 0.00 ? 2 DC  B "C3'"  1 
ATOM   224  O "O3'"  . DC  B 1 2 ? -4.302  4.767   -6.795  1.00 0.00 ? 2 DC  B "O3'"  1 
ATOM   225  C "C2'"  . DC  B 1 2 ? -2.414  3.759   -5.620  1.00 0.00 ? 2 DC  B "C2'"  1 
ATOM   226  C "C1'"  . DC  B 1 2 ? -1.790  2.487   -6.185  1.00 0.00 ? 2 DC  B "C1'"  1 
ATOM   227  N N1     . DC  B 1 2 ? -0.535  2.050   -5.546  1.00 0.00 ? 2 DC  B N1     1 
ATOM   228  C C2     . DC  B 1 2 ? -0.398  0.706   -5.184  1.00 0.00 ? 2 DC  B C2     1 
ATOM   229  O O2     . DC  B 1 2 ? -1.343  -0.073  -5.385  1.00 0.00 ? 2 DC  B O2     1 
ATOM   230  N N3     . DC  B 1 2 ? 0.757   0.287   -4.623  1.00 0.00 ? 2 DC  B N3     1 
ATOM   231  C C4     . DC  B 1 2 ? 1.749   1.154   -4.412  1.00 0.00 ? 2 DC  B C4     1 
ATOM   232  N N4     . DC  B 1 2 ? 2.876   0.694   -3.866  1.00 0.00 ? 2 DC  B N4     1 
ATOM   233  C C5     . DC  B 1 2 ? 1.633   2.532   -4.757  1.00 0.00 ? 2 DC  B C5     1 
ATOM   234  C C6     . DC  B 1 2 ? 0.487   2.932   -5.321  1.00 0.00 ? 2 DC  B C6     1 
ATOM   235  H "H5'"  . DC  B 1 2 ? -2.450  3.865   -10.139 1.00 0.00 ? 2 DC  B "H5'"  1 
ATOM   236  H "H5''" . DC  B 1 2 ? -2.465  5.392   -9.237  1.00 0.00 ? 2 DC  B "H5''" 1 
ATOM   237  H "H4'"  . DC  B 1 2 ? -3.460  3.109   -8.289  1.00 0.00 ? 2 DC  B "H4'"  1 
ATOM   238  H "H3'"  . DC  B 1 2 ? -2.378  5.500   -6.932  1.00 0.00 ? 2 DC  B "H3'"  1 
ATOM   239  H "H2'"  . DC  B 1 2 ? -1.707  4.339   -5.028  1.00 0.00 ? 2 DC  B "H2'"  1 
ATOM   240  H "H2''" . DC  B 1 2 ? -3.249  3.497   -4.969  1.00 0.00 ? 2 DC  B "H2''" 1 
ATOM   241  H "H1'"  . DC  B 1 2 ? -2.500  1.660   -6.157  1.00 0.00 ? 2 DC  B "H1'"  1 
ATOM   242  H H41    . DC  B 1 2 ? 3.645   1.327   -3.699  1.00 0.00 ? 2 DC  B H41    1 
ATOM   243  H H42    . DC  B 1 2 ? 2.955   -0.284  -3.622  1.00 0.00 ? 2 DC  B H42    1 
ATOM   244  H H5     . DC  B 1 2 ? 2.445   3.233   -4.566  1.00 0.00 ? 2 DC  B H5     1 
ATOM   245  H H6     . DC  B 1 2 ? 0.376   3.974   -5.617  1.00 0.00 ? 2 DC  B H6     1 
ATOM   246  P P      . DG  B 1 3 ? -4.929  5.692   -5.636  1.00 0.00 ? 3 DG  B P      1 
ATOM   247  O OP1    . DG  B 1 3 ? -6.012  6.511   -6.232  1.00 0.00 ? 3 DG  B OP1    1 
ATOM   248  O OP2    . DG  B 1 3 ? -3.809  6.364   -4.931  1.00 0.00 ? 3 DG  B OP2    1 
ATOM   249  O "O5'"  . DG  B 1 3 ? -5.589  4.646   -4.632  1.00 0.00 ? 3 DG  B "O5'"  1 
ATOM   250  C "C5'"  . DG  B 1 3 ? -6.159  3.427   -5.114  1.00 0.00 ? 3 DG  B "C5'"  1 
ATOM   251  C "C4'"  . DG  B 1 3 ? -6.472  2.502   -3.961  1.00 0.00 ? 3 DG  B "C4'"  1 
ATOM   252  O "O4'"  . DG  B 1 3 ? -5.281  1.741   -3.644  1.00 0.00 ? 3 DG  B "O4'"  1 
ATOM   253  C "C3'"  . DG  B 1 3 ? -6.899  3.197   -2.666  1.00 0.00 ? 3 DG  B "C3'"  1 
ATOM   254  O "O3'"  . DG  B 1 3 ? -7.984  2.482   -2.061  1.00 0.00 ? 3 DG  B "O3'"  1 
ATOM   255  C "C2'"  . DG  B 1 3 ? -5.655  3.146   -1.796  1.00 0.00 ? 3 DG  B "C2'"  1 
ATOM   256  C "C1'"  . DG  B 1 3 ? -4.921  1.914   -2.285  1.00 0.00 ? 3 DG  B "C1'"  1 
ATOM   257  N N9     . DG  B 1 3 ? -3.465  2.003   -2.219  1.00 0.00 ? 3 DG  B N9     1 
ATOM   258  C C8     . DG  B 1 3 ? -2.688  3.118   -2.416  1.00 0.00 ? 3 DG  B C8     1 
ATOM   259  N N7     . DG  B 1 3 ? -1.410  2.883   -2.293  1.00 0.00 ? 3 DG  B N7     1 
ATOM   260  C C5     . DG  B 1 3 ? -1.339  1.529   -1.994  1.00 0.00 ? 3 DG  B C5     1 
ATOM   261  C C6     . DG  B 1 3 ? -0.215  0.697   -1.747  1.00 0.00 ? 3 DG  B C6     1 
ATOM   262  O O6     . DG  B 1 3 ? 0.982   1.002   -1.740  1.00 0.00 ? 3 DG  B O6     1 
ATOM   263  N N1     . DG  B 1 3 ? -0.597  -0.614  -1.486  1.00 0.00 ? 3 DG  B N1     1 
ATOM   264  C C2     . DG  B 1 3 ? -1.891  -1.068  -1.460  1.00 0.00 ? 3 DG  B C2     1 
ATOM   265  N N2     . DG  B 1 3 ? -2.056  -2.365  -1.186  1.00 0.00 ? 3 DG  B N2     1 
ATOM   266  N N3     . DG  B 1 3 ? -2.946  -0.306  -1.687  1.00 0.00 ? 3 DG  B N3     1 
ATOM   267  C C4     . DG  B 1 3 ? -2.599  0.972   -1.946  1.00 0.00 ? 3 DG  B C4     1 
ATOM   268  H "H5'"  . DG  B 1 3 ? -5.455  2.935   -5.785  1.00 0.00 ? 3 DG  B "H5'"  1 
ATOM   269  H "H5''" . DG  B 1 3 ? -7.079  3.644   -5.657  1.00 0.00 ? 3 DG  B "H5''" 1 
ATOM   270  H "H4'"  . DG  B 1 3 ? -7.311  1.873   -4.267  1.00 0.00 ? 3 DG  B "H4'"  1 
ATOM   271  H "H3'"  . DG  B 1 3 ? -7.215  4.222   -2.861  1.00 0.00 ? 3 DG  B "H3'"  1 
ATOM   272  H "H2'"  . DG  B 1 3 ? -5.059  4.052   -1.899  1.00 0.00 ? 3 DG  B "H2'"  1 
ATOM   273  H "H2''" . DG  B 1 3 ? -5.912  3.038   -0.743  1.00 0.00 ? 3 DG  B "H2''" 1 
ATOM   274  H "H1'"  . DG  B 1 3 ? -5.236  1.027   -1.735  1.00 0.00 ? 3 DG  B "H1'"  1 
ATOM   275  H H8     . DG  B 1 3 ? -3.094  4.092   -2.642  1.00 0.00 ? 3 DG  B H8     1 
ATOM   276  H H1     . DG  B 1 3 ? 0.137   -1.284  -1.300  1.00 0.00 ? 3 DG  B H1     1 
ATOM   277  H H21    . DG  B 1 3 ? -2.986  -2.756  -1.152  1.00 0.00 ? 3 DG  B H21    1 
ATOM   278  H H22    . DG  B 1 3 ? -1.252  -2.954  -1.010  1.00 0.00 ? 3 DG  B H22    1 
ATOM   279  P P      . DC  B 1 4 ? -8.500  2.896   -0.593  1.00 0.00 ? 4 DC  B P      1 
ATOM   280  O OP1    . DC  B 1 4 ? -9.973  2.734   -0.559  1.00 0.00 ? 4 DC  B OP1    1 
ATOM   281  O OP2    . DC  B 1 4 ? -7.903  4.210   -0.245  1.00 0.00 ? 4 DC  B OP2    1 
ATOM   282  O "O5'"  . DC  B 1 4 ? -7.857  1.794   0.360   1.00 0.00 ? 4 DC  B "O5'"  1 
ATOM   283  C "C5'"  . DC  B 1 4 ? -7.533  0.497   -0.141  1.00 0.00 ? 4 DC  B "C5'"  1 
ATOM   284  C "C4'"  . DC  B 1 4 ? -7.632  -0.535  0.960   1.00 0.00 ? 4 DC  B "C4'"  1 
ATOM   285  O "O4'"  . DC  B 1 4 ? -6.310  -1.038  1.239   1.00 0.00 ? 4 DC  B "O4'"  1 
ATOM   286  C "C3'"  . DC  B 1 4 ? -8.170  -0.028  2.296   1.00 0.00 ? 4 DC  B "C3'"  1 
ATOM   287  O "O3'"  . DC  B 1 4 ? -8.923  -1.052  2.959   1.00 0.00 ? 4 DC  B "O3'"  1 
ATOM   288  C "C2'"  . DC  B 1 4 ? -6.917  0.308   3.092   1.00 0.00 ? 4 DC  B "C2'"  1 
ATOM   289  C "C1'"  . DC  B 1 4 ? -5.761  -0.359  2.355   1.00 0.00 ? 4 DC  B "C1'"  1 
ATOM   290  N N1     . DC  B 1 4 ? -4.731  0.568   1.857   1.00 0.00 ? 4 DC  B N1     1 
ATOM   291  C C2     . DC  B 1 4 ? -3.396  0.155   1.855   1.00 0.00 ? 4 DC  B C2     1 
ATOM   292  O O2     . DC  B 1 4 ? -3.119  -0.981  2.268   1.00 0.00 ? 4 DC  B O2     1 
ATOM   293  N N3     . DC  B 1 4 ? -2.442  0.999   1.406   1.00 0.00 ? 4 DC  B N3     1 
ATOM   294  C C4     . DC  B 1 4 ? -2.780  2.213   0.967   1.00 0.00 ? 4 DC  B C4     1 
ATOM   295  N N4     . DC  B 1 4 ? -1.810  3.010   0.522   1.00 0.00 ? 4 DC  B N4     1 
ATOM   296  C C5     . DC  B 1 4 ? -4.132  2.663   0.961   1.00 0.00 ? 4 DC  B C5     1 
ATOM   297  C C6     . DC  B 1 4 ? -5.066  1.815   1.408   1.00 0.00 ? 4 DC  B C6     1 
ATOM   298  H "H5'"  . DC  B 1 4 ? -6.516  0.499   -0.530  1.00 0.00 ? 4 DC  B "H5'"  1 
ATOM   299  H "H5''" . DC  B 1 4 ? -8.219  0.231   -0.943  1.00 0.00 ? 4 DC  B "H5''" 1 
ATOM   300  H "H4'"  . DC  B 1 4 ? -8.322  -1.311  0.621   1.00 0.00 ? 4 DC  B "H4'"  1 
ATOM   301  H "H3'"  . DC  B 1 4 ? -8.807  0.846   2.156   1.00 0.00 ? 4 DC  B "H3'"  1 
ATOM   302  H "H2'"  . DC  B 1 4 ? -6.781  1.384   3.187   1.00 0.00 ? 4 DC  B "H2'"  1 
ATOM   303  H "H2''" . DC  B 1 4 ? -6.966  -0.107  4.096   1.00 0.00 ? 4 DC  B "H2''" 1 
ATOM   304  H "H1'"  . DC  B 1 4 ? -5.275  -1.101  2.988   1.00 0.00 ? 4 DC  B "H1'"  1 
ATOM   305  H H41    . DC  B 1 4 ? -2.043  3.930   0.182   1.00 0.00 ? 4 DC  B H41    1 
ATOM   306  H H42    . DC  B 1 4 ? -0.852  2.692   0.521   1.00 0.00 ? 4 DC  B H42    1 
ATOM   307  H H5     . DC  B 1 4 ? -4.395  3.660   0.610   1.00 0.00 ? 4 DC  B H5     1 
ATOM   308  H H6     . DC  B 1 4 ? -6.110  2.126   1.413   1.00 0.00 ? 4 DC  B H6     1 
ATOM   309  P P      . DG  B 1 5 ? -9.552  -0.770  4.414   1.00 0.00 ? 5 DG  B P      1 
ATOM   310  O OP1    . DG  B 1 5 ? -10.664 -1.728  4.633   1.00 0.00 ? 5 DG  B OP1    1 
ATOM   311  O OP2    . DG  B 1 5 ? -9.814  0.686   4.517   1.00 0.00 ? 5 DG  B OP2    1 
ATOM   312  O "O5'"  . DG  B 1 5 ? -8.372  -1.131  5.423   1.00 0.00 ? 5 DG  B "O5'"  1 
ATOM   313  C "C5'"  . DG  B 1 5 ? -7.694  -2.386  5.339   1.00 0.00 ? 5 DG  B "C5'"  1 
ATOM   314  C "C4'"  . DG  B 1 5 ? -6.853  -2.618  6.571   1.00 0.00 ? 5 DG  B "C4'"  1 
ATOM   315  O "O4'"  . DG  B 1 5 ? -5.503  -2.173  6.300   1.00 0.00 ? 5 DG  B "O4'"  1 
ATOM   316  C "C3'"  . DG  B 1 5 ? -7.314  -1.871  7.822   1.00 0.00 ? 5 DG  B "C3'"  1 
ATOM   317  O "O3'"  . DG  B 1 5 ? -7.168  -2.702  8.979   1.00 0.00 ? 5 DG  B "O3'"  1 
ATOM   318  C "C2'"  . DG  B 1 5 ? -6.390  -0.669  7.900   1.00 0.00 ? 5 DG  B "C2'"  1 
ATOM   319  C "C1'"  . DG  B 1 5 ? -5.152  -1.067  7.111   1.00 0.00 ? 5 DG  B "C1'"  1 
ATOM   320  N N9     . DG  B 1 5 ? -4.640  -0.017  6.238   1.00 0.00 ? 5 DG  B N9     1 
ATOM   321  C C8     . DG  B 1 5 ? -5.374  0.943   5.591   1.00 0.00 ? 5 DG  B C8     1 
ATOM   322  N N7     . DG  B 1 5 ? -4.647  1.753   4.871   1.00 0.00 ? 5 DG  B N7     1 
ATOM   323  C C5     . DG  B 1 5 ? -3.348  1.302   5.058   1.00 0.00 ? 5 DG  B C5     1 
ATOM   324  C C6     . DG  B 1 5 ? -2.120  1.789   4.539   1.00 0.00 ? 5 DG  B C6     1 
ATOM   325  O O6     . DG  B 1 5 ? -1.929  2.744   3.777   1.00 0.00 ? 5 DG  B O6     1 
ATOM   326  N N1     . DG  B 1 5 ? -1.039  1.041   4.994   1.00 0.00 ? 5 DG  B N1     1 
ATOM   327  C C2     . DG  B 1 5 ? -1.127  -0.043  5.830   1.00 0.00 ? 5 DG  B C2     1 
ATOM   328  N N2     . DG  B 1 5 ? 0.030   -0.636  6.144   1.00 0.00 ? 5 DG  B N2     1 
ATOM   329  N N3     . DG  B 1 5 ? -2.263  -0.508  6.322   1.00 0.00 ? 5 DG  B N3     1 
ATOM   330  C C4     . DG  B 1 5 ? -3.326  0.208   5.899   1.00 0.00 ? 5 DG  B C4     1 
ATOM   331  H "H5'"  . DG  B 1 5 ? -7.051  -2.398  4.462   1.00 0.00 ? 5 DG  B "H5'"  1 
ATOM   332  H "H5''" . DG  B 1 5 ? -8.423  -3.188  5.257   1.00 0.00 ? 5 DG  B "H5''" 1 
ATOM   333  H "H4'"  . DG  B 1 5 ? -6.911  -3.682  6.809   1.00 0.00 ? 5 DG  B "H4'"  1 
ATOM   334  H "H3'"  . DG  B 1 5 ? -8.356  -1.569  7.731   1.00 0.00 ? 5 DG  B "H3'"  1 
ATOM   335  H "H2'"  . DG  B 1 5 ? -6.866  0.224   7.500   1.00 0.00 ? 5 DG  B "H2'"  1 
ATOM   336  H "H2''" . DG  B 1 5 ? -6.111  -0.457  8.930   1.00 0.00 ? 5 DG  B "H2''" 1 
ATOM   337  H "H1'"  . DG  B 1 5 ? -4.349  -1.379  7.778   1.00 0.00 ? 5 DG  B "H1'"  1 
ATOM   338  H H8     . DG  B 1 5 ? -6.447  1.023   5.678   1.00 0.00 ? 5 DG  B H8     1 
ATOM   339  H H1     . DG  B 1 5 ? -0.117  1.316   4.690   1.00 0.00 ? 5 DG  B H1     1 
ATOM   340  H H21    . DG  B 1 5 ? 0.031   -1.440  6.754   1.00 0.00 ? 5 DG  B H21    1 
ATOM   341  H H22    . DG  B 1 5 ? 0.901   -0.283  5.769   1.00 0.00 ? 5 DG  B H22    1 
HETATM 342  P P      . 2AU B 1 6 ? -7.825  -2.250  10.377  1.00 0.00 ? 6 2AU B P      1 
HETATM 343  O OP1    . 2AU B 1 6 ? -8.110  -3.484  11.147  1.00 0.00 ? 6 2AU B OP1    1 
HETATM 344  O "O5'"  . 2AU B 1 6 ? -6.643  -1.473  11.113  1.00 0.00 ? 6 2AU B "O5'"  1 
HETATM 345  C "C5'"  . 2AU B 1 6 ? -6.662  -0.052  11.251  1.00 0.00 ? 6 2AU B "C5'"  1 
HETATM 346  C "C4'"  . 2AU B 1 6 ? -5.289  0.455   11.636  1.00 0.00 ? 6 2AU B "C4'"  1 
HETATM 347  O "O4'"  . 2AU B 1 6 ? -4.380  -0.678  11.741  1.00 0.00 ? 6 2AU B "O4'"  1 
HETATM 348  C "C3'"  . 2AU B 1 6 ? -4.634  1.418   10.652  1.00 0.00 ? 6 2AU B "C3'"  1 
HETATM 349  O "O3'"  . 2AU B 1 6 ? -3.855  2.411   11.326  1.00 0.00 ? 6 2AU B "O3'"  1 
HETATM 350  C "C2'"  . 2AU B 1 6 ? -3.786  0.501   9.778   1.00 0.00 ? 6 2AU B "C2'"  1 
HETATM 351  C "C1'"  . 2AU B 1 6 ? -3.344  -0.552  10.790  1.00 0.00 ? 6 2AU B "C1'"  1 
HETATM 352  N N1     . 2AU B 1 6 ? -3.098  -1.872  10.194  1.00 0.00 ? 6 2AU B N1     1 
HETATM 353  C C2     . 2AU B 1 6 ? -1.793  -2.328  10.147  1.00 0.00 ? 6 2AU B C2     1 
HETATM 354  O O2     . 2AU B 1 6 ? -0.851  -1.683  10.573  1.00 0.00 ? 6 2AU B O2     1 
HETATM 355  N N3     . 2AU B 1 6 ? -1.633  -3.567  9.580   1.00 0.00 ? 6 2AU B N3     1 
HETATM 356  C C4     . 2AU B 1 6 ? -2.619  -4.378  9.067   1.00 0.00 ? 6 2AU B C4     1 
HETATM 357  O O4     . 2AU B 1 6 ? -2.317  -5.472  8.591   1.00 0.00 ? 6 2AU B O4     1 
HETATM 358  C C5     . 2AU B 1 6 ? -3.939  -3.834  9.149   1.00 0.00 ? 6 2AU B C5     1 
HETATM 359  C C6     . 2AU B 1 6 ? -4.133  -2.631  9.696   1.00 0.00 ? 6 2AU B C6     1 
HETATM 360  H "H5'"  . 2AU B 1 6 ? -7.378  0.230   12.025  1.00 0.00 ? 6 2AU B "H5'"  1 
HETATM 361  H "H5''" . 2AU B 1 6 ? -6.961  0.408   10.311  1.00 0.00 ? 6 2AU B "H5''" 1 
HETATM 362  H "H4'"  . 2AU B 1 6 ? -5.403  1.001   12.567  1.00 0.00 ? 6 2AU B "H4'"  1 
HETATM 363  H "H3'"  . 2AU B 1 6 ? -5.378  1.967   10.075  1.00 0.00 ? 6 2AU B "H3'"  1 
HETATM 364  H "HO3'" . 2AU B 1 6 ? -4.258  3.263   11.141  1.00 0.00 ? 6 2AU B "HO3'" 1 
HETATM 365  H "H2'"  . 2AU B 1 6 ? -4.390  0.064   8.985   1.00 0.00 ? 6 2AU B "H2'"  1 
HETATM 366  H "H1'"  . 2AU B 1 6 ? -2.446  -0.252  11.333  1.00 0.00 ? 6 2AU B "H1'"  1 
HETATM 367  H H3     . 2AU B 1 6 ? -0.690  -3.923  9.534   1.00 0.00 ? 6 2AU B H3     1 
HETATM 368  H H5     . 2AU B 1 6 ? -4.788  -4.401  8.764   1.00 0.00 ? 6 2AU B H5     1 
HETATM 369  O OP2    . 2AU B 1 6 ? -8.922  -1.290  10.103  1.00 0.00 ? 6 2AU B OP2    1 
HETATM 370  H H6     . 2AU B 1 6 ? -5.147  -2.231  9.740   1.00 0.00 ? 6 2AU B H6     1 
HETATM 371  C C4A    . AQC C 2 . ? 1.158   -0.755  -7.947  1.00 0.00 ? 7 AQC A C4A    1 
HETATM 372  C C1A    . AQC C 2 . ? 2.230   -1.499  -7.406  1.00 0.00 ? 7 AQC A C1A    1 
HETATM 373  C C9     . AQC C 2 . ? 3.496   -0.828  -6.973  1.00 0.00 ? 7 AQC A C9     1 
HETATM 374  C C8A    . AQC C 2 . ? 3.572   0.658   -7.137  1.00 0.00 ? 7 AQC A C8A    1 
HETATM 375  C C5A    . AQC C 2 . ? 2.496   1.394   -7.677  1.00 0.00 ? 7 AQC A C5A    1 
HETATM 376  C C10    . AQC C 2 . ? 1.238   0.726   -8.111  1.00 0.00 ? 7 AQC A C10    1 
HETATM 377  C C4     . AQC C 2 . ? -0.011  -1.412  -8.341  1.00 0.00 ? 7 AQC A C4     1 
HETATM 378  C C3     . AQC C 2 . ? -0.117  -2.795  -8.198  1.00 0.00 ? 7 AQC A C3     1 
HETATM 379  C C2     . AQC C 2 . ? 0.948   -3.545  -7.658  1.00 0.00 ? 7 AQC A C2     1 
HETATM 380  C C1     . AQC C 2 . ? 2.113   -2.884  -7.269  1.00 0.00 ? 7 AQC A C1     1 
HETATM 381  C C8     . AQC C 2 . ? 4.735   1.328   -6.744  1.00 0.00 ? 7 AQC A C8     1 
HETATM 382  C C5     . AQC C 2 . ? 2.607   2.781   -7.810  1.00 0.00 ? 7 AQC A C5     1 
HETATM 383  C C7     . AQC C 2 . ? 4.829   2.712   -6.884  1.00 0.00 ? 7 AQC A C7     1 
HETATM 384  C C6     . AQC C 2 . ? 3.763   3.436   -7.417  1.00 0.00 ? 7 AQC A C6     1 
HETATM 385  C C1L    . AQC C 2 . ? 0.931   -5.041  -7.462  1.00 0.00 ? 7 AQC A C1L    1 
HETATM 386  N "N2'"  . AQC C 2 . ? -0.194  -5.710  -7.833  1.00 0.00 ? 7 AQC A "N2'"  1 
HETATM 387  O O9     . AQC C 2 . ? 4.424   -1.465  -6.506  1.00 0.00 ? 7 AQC A O9     1 
HETATM 388  O O10    . AQC C 2 . ? 0.310   1.357   -8.578  1.00 0.00 ? 7 AQC A O10    1 
HETATM 389  O O1L    . AQC C 2 . ? 1.890   -5.625  -6.987  1.00 0.00 ? 7 AQC A O1L    1 
HETATM 390  H H4     . AQC C 2 . ? -0.819  -0.821  -8.753  1.00 0.00 ? 7 AQC A H4     1 
HETATM 391  H H3     . AQC C 2 . ? -1.037  -3.268  -8.511  1.00 0.00 ? 7 AQC A H3     1 
HETATM 392  H H1     . AQC C 2 . ? 2.932   -3.455  -6.854  1.00 0.00 ? 7 AQC A H1     1 
HETATM 393  H H8     . AQC C 2 . ? 5.544   0.751   -6.337  1.00 0.00 ? 7 AQC A H8     1 
HETATM 394  H H5     . AQC C 2 . ? 1.775   3.326   -8.224  1.00 0.00 ? 7 AQC A H5     1 
HETATM 395  H H7     . AQC C 2 . ? 5.727   3.224   -6.579  1.00 0.00 ? 7 AQC A H7     1 
HETATM 396  H H6     . AQC C 2 . ? 3.836   4.508   -7.525  1.00 0.00 ? 7 AQC A H6     1 
HETATM 397  H "HN2'" . AQC C 2 . ? -1.037  -5.147  -8.255  1.00 0.00 ? 7 AQC A "HN2'" 1 
HETATM 398  C C4A    . AQC D 2 . ? 0.896   4.093   6.893   1.00 0.00 ? 7 AQC B C4A    1 
HETATM 399  C C1A    . AQC D 2 . ? -0.389  4.491   6.461   1.00 0.00 ? 7 AQC B C1A    1 
HETATM 400  C C9     . AQC D 2 . ? -0.561  5.597   5.467   1.00 0.00 ? 7 AQC B C9     1 
HETATM 401  C C8A    . AQC D 2 . ? 0.681   6.255   4.954   1.00 0.00 ? 7 AQC B C8A    1 
HETATM 402  C C5A    . AQC D 2 . ? 1.961   5.849   5.389   1.00 0.00 ? 7 AQC B C5A    1 
HETATM 403  C C10    . AQC D 2 . ? 2.133   4.752   6.380   1.00 0.00 ? 7 AQC B C10    1 
HETATM 404  C C4     . AQC D 2 . ? 1.021   3.056   7.821   1.00 0.00 ? 7 AQC B C4     1 
HETATM 405  C C3     . AQC D 2 . ? -0.114  2.419   8.316   1.00 0.00 ? 7 AQC B C3     1 
HETATM 406  C C2     . AQC D 2 . ? -1.401  2.810   7.890   1.00 0.00 ? 7 AQC B C2     1 
HETATM 407  C C1     . AQC D 2 . ? -1.521  3.847   6.964   1.00 0.00 ? 7 AQC B C1     1 
HETATM 408  C C8     . AQC D 2 . ? 0.569   7.292   4.022   1.00 0.00 ? 7 AQC B C8     1 
HETATM 409  C C5     . AQC D 2 . ? 3.097   6.489   4.884   1.00 0.00 ? 7 AQC B C5     1 
HETATM 410  C C7     . AQC D 2 . ? 1.711   7.918   3.528   1.00 0.00 ? 7 AQC B C7     1 
HETATM 411  C C6     . AQC D 2 . ? 2.974   7.514   3.959   1.00 0.00 ? 7 AQC B C6     1 
HETATM 412  C C1L    . AQC D 2 . ? -2.689  2.184   8.364   1.00 0.00 ? 7 AQC B C1L    1 
HETATM 413  N "N2'"  . AQC D 2 . ? -2.601  1.170   9.266   1.00 0.00 ? 7 AQC B "N2'"  1 
HETATM 414  O O9     . AQC D 2 . ? -1.667  5.946   5.091   1.00 0.00 ? 7 AQC B O9     1 
HETATM 415  O O10    . AQC D 2 . ? 3.233   4.401   6.759   1.00 0.00 ? 7 AQC B O10    1 
HETATM 416  O O1L    . AQC D 2 . ? -3.768  2.575   7.951   1.00 0.00 ? 7 AQC B O1L    1 
HETATM 417  H H4     . AQC D 2 . ? 2.018   2.768   8.138   1.00 0.00 ? 7 AQC B H4     1 
HETATM 418  H H3     . AQC D 2 . ? 0.023   1.619   9.031   1.00 0.00 ? 7 AQC B H3     1 
HETATM 419  H H1     . AQC D 2 . ? -2.505  4.150   6.634   1.00 0.00 ? 7 AQC B H1     1 
HETATM 420  H H8     . AQC D 2 . ? -0.413  7.587   3.703   1.00 0.00 ? 7 AQC B H8     1 
HETATM 421  H H5     . AQC D 2 . ? 4.066   6.164   5.228   1.00 0.00 ? 7 AQC B H5     1 
HETATM 422  H H7     . AQC D 2 . ? 1.619   8.716   2.809   1.00 0.00 ? 7 AQC B H7     1 
HETATM 423  H H6     . AQC D 2 . ? 3.860   7.999   3.576   1.00 0.00 ? 7 AQC B H6     1 
HETATM 424  H "HN2'" . AQC D 2 . ? -1.609  0.848   9.614   1.00 0.00 ? 7 AQC B "HN2'" 1 
ATOM   425  O "O5'"  . DA  A 1 1 ? 5.886   11.611  7.154   1.00 0.00 ? 1 DA  A "O5'"  2 
ATOM   426  C "C5'"  . DA  A 1 1 ? 6.065   10.498  6.274   1.00 0.00 ? 1 DA  A "C5'"  2 
ATOM   427  C "C4'"  . DA  A 1 1 ? 6.169   9.205   7.047   1.00 0.00 ? 1 DA  A "C4'"  2 
ATOM   428  O "O4'"  . DA  A 1 1 ? 5.243   9.246   8.161   1.00 0.00 ? 1 DA  A "O4'"  2 
ATOM   429  C "C3'"  . DA  A 1 1 ? 5.804   7.951   6.256   1.00 0.00 ? 1 DA  A "C3'"  2 
ATOM   430  O "O3'"  . DA  A 1 1 ? 6.988   7.365   5.702   1.00 0.00 ? 1 DA  A "O3'"  2 
ATOM   431  C "C2'"  . DA  A 1 1 ? 5.182   7.053   7.310   1.00 0.00 ? 1 DA  A "C2'"  2 
ATOM   432  C "C1'"  . DA  A 1 1 ? 4.471   8.055   8.198   1.00 0.00 ? 1 DA  A "C1'"  2 
ATOM   433  N N9     . DA  A 1 1 ? 3.110   8.393   7.775   1.00 0.00 ? 1 DA  A N9     2 
ATOM   434  C C8     . DA  A 1 1 ? 2.737   9.378   6.894   1.00 0.00 ? 1 DA  A C8     2 
ATOM   435  N N7     . DA  A 1 1 ? 1.443   9.457   6.704   1.00 0.00 ? 1 DA  A N7     2 
ATOM   436  C C5     . DA  A 1 1 ? 0.926   8.456   7.511   1.00 0.00 ? 1 DA  A C5     2 
ATOM   437  C C6     . DA  A 1 1 ? -0.390  8.025   7.754   1.00 0.00 ? 1 DA  A C6     2 
ATOM   438  N N6     . DA  A 1 1 ? -1.466  8.568   7.183   1.00 0.00 ? 1 DA  A N6     2 
ATOM   439  N N1     . DA  A 1 1 ? -0.564  7.000   8.612   1.00 0.00 ? 1 DA  A N1     2 
ATOM   440  C C2     . DA  A 1 1 ? 0.513   6.450   9.182   1.00 0.00 ? 1 DA  A C2     2 
ATOM   441  N N3     . DA  A 1 1 ? 1.799   6.768   9.037   1.00 0.00 ? 1 DA  A N3     2 
ATOM   442  C C4     . DA  A 1 1 ? 1.940   7.791   8.177   1.00 0.00 ? 1 DA  A C4     2 
ATOM   443  H "H5'"  . DA  A 1 1 ? 6.977   10.636  5.693   1.00 0.00 ? 1 DA  A "H5'"  2 
ATOM   444  H "H5''" . DA  A 1 1 ? 5.218   10.433  5.591   1.00 0.00 ? 1 DA  A "H5''" 2 
ATOM   445  H "H4'"  . DA  A 1 1 ? 7.208   9.088   7.357   1.00 0.00 ? 1 DA  A "H4'"  2 
ATOM   446  H "H3'"  . DA  A 1 1 ? 5.105   8.182   5.452   1.00 0.00 ? 1 DA  A "H3'"  2 
ATOM   447  H "H2'"  . DA  A 1 1 ? 4.496   6.334   6.870   1.00 0.00 ? 1 DA  A "H2'"  2 
ATOM   448  H "H2''" . DA  A 1 1 ? 5.943   6.483   7.841   1.00 0.00 ? 1 DA  A "H2''" 2 
ATOM   449  H "H1'"  . DA  A 1 1 ? 4.443   7.708   9.227   1.00 0.00 ? 1 DA  A "H1'"  2 
ATOM   450  H H8     . DA  A 1 1 ? 3.444   10.024  6.400   1.00 0.00 ? 1 DA  A H8     2 
ATOM   451  H H61    . DA  A 1 1 ? -1.359  9.335   6.535   1.00 0.00 ? 1 DA  A H61    2 
ATOM   452  H H62    . DA  A 1 1 ? -2.386  8.211   7.400   1.00 0.00 ? 1 DA  A H62    2 
ATOM   453  H H2     . DA  A 1 1 ? 0.309   5.621   9.856   1.00 0.00 ? 1 DA  A H2     2 
ATOM   454  H "HO5'" . DA  A 1 1 ? 5.636   11.254  8.010   1.00 0.00 ? 1 DA  A "HO5'" 2 
ATOM   455  P P      . DC  A 1 2 ? 6.941   5.872   5.109   1.00 0.00 ? 2 DC  A P      2 
ATOM   456  O OP1    . DC  A 1 2 ? 8.335   5.472   4.786   1.00 0.00 ? 2 DC  A OP1    2 
ATOM   457  O OP2    . DC  A 1 2 ? 5.906   5.844   4.045   1.00 0.00 ? 2 DC  A OP2    2 
ATOM   458  O "O5'"  . DC  A 1 2 ? 6.426   4.991   6.333   1.00 0.00 ? 2 DC  A "O5'"  2 
ATOM   459  C "C5'"  . DC  A 1 2 ? 7.083   3.776   6.685   1.00 0.00 ? 2 DC  A "C5'"  2 
ATOM   460  C "C4'"  . DC  A 1 2 ? 6.375   2.599   6.057   1.00 0.00 ? 2 DC  A "C4'"  2 
ATOM   461  O "O4'"  . DC  A 1 2 ? 5.017   2.944   5.735   1.00 0.00 ? 2 DC  A "O4'"  2 
ATOM   462  C "C3'"  . DC  A 1 2 ? 6.988   2.124   4.742   1.00 0.00 ? 2 DC  A "C3'"  2 
ATOM   463  O "O3'"  . DC  A 1 2 ? 7.852   1.008   4.977   1.00 0.00 ? 2 DC  A "O3'"  2 
ATOM   464  C "C2'"  . DC  A 1 2 ? 5.785   1.720   3.893   1.00 0.00 ? 2 DC  A "C2'"  2 
ATOM   465  C "C1'"  . DC  A 1 2 ? 4.568   2.032   4.760   1.00 0.00 ? 2 DC  A "C1'"  2 
ATOM   466  N N1     . DC  A 1 2 ? 3.425   2.649   4.064   1.00 0.00 ? 2 DC  A N1     2 
ATOM   467  C C2     . DC  A 1 2 ? 2.144   2.132   4.288   1.00 0.00 ? 2 DC  A C2     2 
ATOM   468  O O2     . DC  A 1 2 ? 2.011   1.157   5.043   1.00 0.00 ? 2 DC  A O2     2 
ATOM   469  N N3     . DC  A 1 2 ? 1.084   2.706   3.677   1.00 0.00 ? 2 DC  A N3     2 
ATOM   470  C C4     . DC  A 1 2 ? 1.267   3.747   2.863   1.00 0.00 ? 2 DC  A C4     2 
ATOM   471  N N4     . DC  A 1 2 ? 0.191   4.289   2.290   1.00 0.00 ? 2 DC  A N4     2 
ATOM   472  C C5     . DC  A 1 2 ? 2.561   4.284   2.603   1.00 0.00 ? 2 DC  A C5     2 
ATOM   473  C C6     . DC  A 1 2 ? 3.601   3.714   3.224   1.00 0.00 ? 2 DC  A C6     2 
ATOM   474  H "H5'"  . DC  A 1 2 ? 7.073   3.659   7.768   1.00 0.00 ? 2 DC  A "H5'"  2 
ATOM   475  H "H5''" . DC  A 1 2 ? 8.116   3.802   6.339   1.00 0.00 ? 2 DC  A "H5''" 2 
ATOM   476  H "H4'"  . DC  A 1 2 ? 6.453   1.761   6.755   1.00 0.00 ? 2 DC  A "H4'"  2 
ATOM   477  H "H3'"  . DC  A 1 2 ? 7.559   2.927   4.276   1.00 0.00 ? 2 DC  A "H3'"  2 
ATOM   478  H "H2'"  . DC  A 1 2 ? 5.767   2.260   2.948   1.00 0.00 ? 2 DC  A "H2'"  2 
ATOM   479  H "H2''" . DC  A 1 2 ? 5.803   0.655   3.661   1.00 0.00 ? 2 DC  A "H2''" 2 
ATOM   480  H "H1'"  . DC  A 1 2 ? 4.219   1.136   5.276   1.00 0.00 ? 2 DC  A "H1'"  2 
ATOM   481  H H41    . DC  A 1 2 ? 0.299   5.080   1.672   1.00 0.00 ? 2 DC  A H41    2 
ATOM   482  H H42    . DC  A 1 2 ? -0.725  3.905   2.474   1.00 0.00 ? 2 DC  A H42    2 
ATOM   483  H H5     . DC  A 1 2 ? 2.698   5.126   1.925   1.00 0.00 ? 2 DC  A H5     2 
ATOM   484  H H6     . DC  A 1 2 ? 4.600   4.117   3.064   1.00 0.00 ? 2 DC  A H6     2 
ATOM   485  P P      . DG  A 1 3 ? 8.624   0.317   3.744   1.00 0.00 ? 3 DG  A P      2 
ATOM   486  O OP1    . DG  A 1 3 ? 9.980   -0.047  4.221   1.00 0.00 ? 3 DG  A OP1    2 
ATOM   487  O OP2    . DG  A 1 3 ? 8.478   1.178   2.546   1.00 0.00 ? 3 DG  A OP2    2 
ATOM   488  O "O5'"  . DG  A 1 3 ? 7.809   -1.029  3.495   1.00 0.00 ? 3 DG  A "O5'"  2 
ATOM   489  C "C5'"  . DG  A 1 3 ? 7.199   -1.729  4.581   1.00 0.00 ? 3 DG  A "C5'"  2 
ATOM   490  C "C4'"  . DG  A 1 3 ? 6.280   -2.810  4.062   1.00 0.00 ? 3 DG  A "C4'"  2 
ATOM   491  O "O4'"  . DG  A 1 3 ? 4.982   -2.223  3.798   1.00 0.00 ? 3 DG  A "O4'"  2 
ATOM   492  C "C3'"  . DG  A 1 3 ? 6.728   -3.473  2.757   1.00 0.00 ? 3 DG  A "C3'"  2 
ATOM   493  O "O3'"  . DG  A 1 3 ? 6.502   -4.887  2.822   1.00 0.00 ? 3 DG  A "O3'"  2 
ATOM   494  C "C2'"  . DG  A 1 3 ? 5.852   -2.826  1.698   1.00 0.00 ? 3 DG  A "C2'"  2 
ATOM   495  C "C1'"  . DG  A 1 3 ? 4.595   -2.442  2.453   1.00 0.00 ? 3 DG  A "C1'"  2 
ATOM   496  N N9     . DG  A 1 3 ? 3.941   -1.227  1.975   1.00 0.00 ? 3 DG  A N9     2 
ATOM   497  C C8     . DG  A 1 3 ? 4.541   -0.104  1.464   1.00 0.00 ? 3 DG  A C8     2 
ATOM   498  N N7     . DG  A 1 3 ? 3.691   0.825   1.123   1.00 0.00 ? 3 DG  A N7     2 
ATOM   499  C C5     . DG  A 1 3 ? 2.450   0.278   1.424   1.00 0.00 ? 3 DG  A C5     2 
ATOM   500  C C6     . DG  A 1 3 ? 1.145   0.815   1.270   1.00 0.00 ? 3 DG  A C6     2 
ATOM   501  O O6     . DG  A 1 3 ? 0.812   1.916   0.819   1.00 0.00 ? 3 DG  A O6     2 
ATOM   502  N N1     . DG  A 1 3 ? 0.171   -0.077  1.705   1.00 0.00 ? 3 DG  A N1     2 
ATOM   503  C C2     . DG  A 1 3 ? 0.418   -1.325  2.218   1.00 0.00 ? 3 DG  A C2     2 
ATOM   504  N N2     . DG  A 1 3 ? -0.653  -2.037  2.578   1.00 0.00 ? 3 DG  A N2     2 
ATOM   505  N N3     . DG  A 1 3 ? 1.626   -1.837  2.366   1.00 0.00 ? 3 DG  A N3     2 
ATOM   506  C C4     . DG  A 1 3 ? 2.589   -0.988  1.952   1.00 0.00 ? 3 DG  A C4     2 
ATOM   507  H "H5'"  . DG  A 1 3 ? 6.623   -1.031  5.188   1.00 0.00 ? 3 DG  A "H5'"  2 
ATOM   508  H "H5''" . DG  A 1 3 ? 7.971   -2.187  5.201   1.00 0.00 ? 3 DG  A "H5''" 2 
ATOM   509  H "H4'"  . DG  A 1 3 ? 6.246   -3.599  4.815   1.00 0.00 ? 3 DG  A "H4'"  2 
ATOM   510  H "H3'"  . DG  A 1 3 ? 7.786   -3.291  2.572   1.00 0.00 ? 3 DG  A "H3'"  2 
ATOM   511  H "H2'"  . DG  A 1 3 ? 6.342   -1.965  1.245   1.00 0.00 ? 3 DG  A "H2'"  2 
ATOM   512  H "H2''" . DG  A 1 3 ? 5.612   -3.528  0.900   1.00 0.00 ? 3 DG  A "H2''" 2 
ATOM   513  H "H1'"  . DG  A 1 3 ? 3.866   -3.253  2.437   1.00 0.00 ? 3 DG  A "H1'"  2 
ATOM   514  H H8     . DG  A 1 3 ? 5.610   0.000   1.351   1.00 0.00 ? 3 DG  A H8     2 
ATOM   515  H H1     . DG  A 1 3 ? -0.794  0.216   1.638   1.00 0.00 ? 3 DG  A H1     2 
ATOM   516  H H21    . DG  A 1 3 ? -0.533  -2.963  2.962   1.00 0.00 ? 3 DG  A H21    2 
ATOM   517  H H22    . DG  A 1 3 ? -1.582  -1.650  2.467   1.00 0.00 ? 3 DG  A H22    2 
ATOM   518  P P      . DC  A 1 4 ? 6.715   -5.795  1.510   1.00 0.00 ? 4 DC  A P      2 
ATOM   519  O OP1    . DC  A 1 4 ? 7.277   -7.091  1.959   1.00 0.00 ? 4 DC  A OP1    2 
ATOM   520  O OP2    . DC  A 1 4 ? 7.437   -5.003  0.483   1.00 0.00 ? 4 DC  A OP2    2 
ATOM   521  O "O5'"  . DC  A 1 4 ? 5.233   -6.056  0.987   1.00 0.00 ? 4 DC  A "O5'"  2 
ATOM   522  C "C5'"  . DC  A 1 4 ? 4.126   -6.032  1.888   1.00 0.00 ? 4 DC  A "C5'"  2 
ATOM   523  C "C4'"  . DC  A 1 4 ? 3.028   -6.951  1.402   1.00 0.00 ? 4 DC  A "C4'"  2 
ATOM   524  O "O4'"  . DC  A 1 4 ? 1.890   -6.148  1.028   1.00 0.00 ? 4 DC  A "O4'"  2 
ATOM   525  C "C3'"  . DC  A 1 4 ? 3.363   -7.788  0.169   1.00 0.00 ? 4 DC  A "C3'"  2 
ATOM   526  O "O3'"  . DC  A 1 4 ? 2.705   -9.060  0.231   1.00 0.00 ? 4 DC  A "O3'"  2 
ATOM   527  C "C2'"  . DC  A 1 4 ? 2.823   -6.967  -0.991  1.00 0.00 ? 4 DC  A "C2'"  2 
ATOM   528  C "C1'"  . DC  A 1 4 ? 1.895   -5.926  -0.371  1.00 0.00 ? 4 DC  A "C1'"  2 
ATOM   529  N N1     . DC  A 1 4 ? 2.295   -4.529  -0.609  1.00 0.00 ? 4 DC  A N1     2 
ATOM   530  C C2     . DC  A 1 4 ? 1.299   -3.562  -0.779  1.00 0.00 ? 4 DC  A C2     2 
ATOM   531  O O2     . DC  A 1 4 ? 0.111   -3.910  -0.724  1.00 0.00 ? 4 DC  A O2     2 
ATOM   532  N N3     . DC  A 1 4 ? 1.655   -2.278  -1.002  1.00 0.00 ? 4 DC  A N3     2 
ATOM   533  C C4     . DC  A 1 4 ? 2.946   -1.944  -1.052  1.00 0.00 ? 4 DC  A C4     2 
ATOM   534  N N4     . DC  A 1 4 ? 3.252   -0.665  -1.262  1.00 0.00 ? 4 DC  A N4     2 
ATOM   535  C C5     . DC  A 1 4 ? 3.982   -2.907  -0.884  1.00 0.00 ? 4 DC  A C5     2 
ATOM   536  C C6     . DC  A 1 4 ? 3.614   -4.176  -0.664  1.00 0.00 ? 4 DC  A C6     2 
ATOM   537  H "H5'"  . DC  A 1 4 ? 3.734   -5.019  1.956   1.00 0.00 ? 4 DC  A "H5'"  2 
ATOM   538  H "H5''" . DC  A 1 4 ? 4.451   -6.354  2.876   1.00 0.00 ? 4 DC  A "H5''" 2 
ATOM   539  H "H4'"  . DC  A 1 4 ? 2.807   -7.654  2.207   1.00 0.00 ? 4 DC  A "H4'"  2 
ATOM   540  H "H3'"  . DC  A 1 4 ? 4.438   -7.948  0.087   1.00 0.00 ? 4 DC  A "H3'"  2 
ATOM   541  H "H2'"  . DC  A 1 4 ? 3.626   -6.513  -1.568  1.00 0.00 ? 4 DC  A "H2'"  2 
ATOM   542  H "H2''" . DC  A 1 4 ? 2.237   -7.583  -1.670  1.00 0.00 ? 4 DC  A "H2''" 2 
ATOM   543  H "H1'"  . DC  A 1 4 ? 0.874   -6.054  -0.732  1.00 0.00 ? 4 DC  A "H1'"  2 
ATOM   544  H H41    . DC  A 1 4 ? 4.222   -0.388  -1.298  1.00 0.00 ? 4 DC  A H41    2 
ATOM   545  H H42    . DC  A 1 4 ? 2.521   0.022   -1.377  1.00 0.00 ? 4 DC  A H42    2 
ATOM   546  H H5     . DC  A 1 4 ? 5.032   -2.624  -0.937  1.00 0.00 ? 4 DC  A H5     2 
ATOM   547  H H6     . DC  A 1 4 ? 4.382   -4.936  -0.526  1.00 0.00 ? 4 DC  A H6     2 
ATOM   548  P P      . DG  A 1 5 ? 2.867   -10.105 -0.983  1.00 0.00 ? 5 DG  A P      2 
ATOM   549  O OP1    . DG  A 1 5 ? 2.543   -11.454 -0.455  1.00 0.00 ? 5 DG  A OP1    2 
ATOM   550  O OP2    . DG  A 1 5 ? 4.178   -9.874  -1.634  1.00 0.00 ? 5 DG  A OP2    2 
ATOM   551  O "O5'"  . DG  A 1 5 ? 1.722   -9.686  -2.010  1.00 0.00 ? 5 DG  A "O5'"  2 
ATOM   552  C "C5'"  . DG  A 1 5 ? 0.369   -9.528  -1.577  1.00 0.00 ? 5 DG  A "C5'"  2 
ATOM   553  C "C4'"  . DG  A 1 5 ? -0.562  -9.438  -2.762  1.00 0.00 ? 5 DG  A "C4'"  2 
ATOM   554  O "O4'"  . DG  A 1 5 ? -0.781  -8.042  -3.075  1.00 0.00 ? 5 DG  A "O4'"  2 
ATOM   555  C "C3'"  . DG  A 1 5 ? -0.046  -10.094 -4.043  1.00 0.00 ? 5 DG  A "C3'"  2 
ATOM   556  O "O3'"  . DG  A 1 5 ? -1.114  -10.763 -4.722  1.00 0.00 ? 5 DG  A "O3'"  2 
ATOM   557  C "C2'"  . DG  A 1 5 ? 0.479   -8.935  -4.871  1.00 0.00 ? 5 DG  A "C2'"  2 
ATOM   558  C "C1'"  . DG  A 1 5 ? -0.247  -7.707  -4.342  1.00 0.00 ? 5 DG  A "C1'"  2 
ATOM   559  N N9     . DG  A 1 5 ? 0.608   -6.537  -4.170  1.00 0.00 ? 5 DG  A N9     2 
ATOM   560  C C8     . DG  A 1 5 ? 1.936   -6.534  -3.830  1.00 0.00 ? 5 DG  A C8     2 
ATOM   561  N N7     . DG  A 1 5 ? 2.446   -5.336  -3.746  1.00 0.00 ? 5 DG  A N7     2 
ATOM   562  C C5     . DG  A 1 5 ? 1.385   -4.493  -4.054  1.00 0.00 ? 5 DG  A C5     2 
ATOM   563  C C6     . DG  A 1 5 ? 1.330   -3.077  -4.135  1.00 0.00 ? 5 DG  A C6     2 
ATOM   564  O O6     . DG  A 1 5 ? 2.233   -2.255  -3.935  1.00 0.00 ? 5 DG  A O6     2 
ATOM   565  N N1     . DG  A 1 5 ? 0.060   -2.635  -4.492  1.00 0.00 ? 5 DG  A N1     2 
ATOM   566  C C2     . DG  A 1 5 ? -1.019  -3.448  -4.728  1.00 0.00 ? 5 DG  A C2     2 
ATOM   567  N N2     . DG  A 1 5 ? -2.162  -2.827  -5.048  1.00 0.00 ? 5 DG  A N2     2 
ATOM   568  N N3     . DG  A 1 5 ? -0.983  -4.768  -4.656  1.00 0.00 ? 5 DG  A N3     2 
ATOM   569  C C4     . DG  A 1 5 ? 0.243   -5.219  -4.319  1.00 0.00 ? 5 DG  A C4     2 
ATOM   570  H "H5'"  . DG  A 1 5 ? 0.279   -8.620  -0.984  1.00 0.00 ? 5 DG  A "H5'"  2 
ATOM   571  H "H5''" . DG  A 1 5 ? 0.082   -10.381 -0.968  1.00 0.00 ? 5 DG  A "H5''" 2 
ATOM   572  H "H4'"  . DG  A 1 5 ? -1.480  -9.965  -2.495  1.00 0.00 ? 5 DG  A "H4'"  2 
ATOM   573  H "H3'"  . DG  A 1 5 ? 0.739   -10.814 -3.821  1.00 0.00 ? 5 DG  A "H3'"  2 
ATOM   574  H "H2'"  . DG  A 1 5 ? 1.560   -8.845  -4.787  1.00 0.00 ? 5 DG  A "H2'"  2 
ATOM   575  H "H2''" . DG  A 1 5 ? 0.243   -9.068  -5.924  1.00 0.00 ? 5 DG  A "H2''" 2 
ATOM   576  H "H1'"  . DG  A 1 5 ? -1.075  -7.433  -4.995  1.00 0.00 ? 5 DG  A "H1'"  2 
ATOM   577  H H8     . DG  A 1 5 ? 2.504   -7.436  -3.659  1.00 0.00 ? 5 DG  A H8     2 
ATOM   578  H H1     . DG  A 1 5 ? -0.081  -1.640  -4.589  1.00 0.00 ? 5 DG  A H1     2 
ATOM   579  H H21    . DG  A 1 5 ? -2.992  -3.370  -5.233  1.00 0.00 ? 5 DG  A H21    2 
ATOM   580  H H22    . DG  A 1 5 ? -2.192  -1.817  -5.104  1.00 0.00 ? 5 DG  A H22    2 
HETATM 581  P P      . 2AU A 1 6 ? -0.789  -11.742 -5.957  1.00 0.00 ? 6 2AU A P      2 
HETATM 582  O OP1    . 2AU A 1 6 ? -1.861  -12.763 -6.030  1.00 0.00 ? 6 2AU A OP1    2 
HETATM 583  O "O5'"  . 2AU A 1 6 ? -0.918  -10.795 -7.231  1.00 0.00 ? 6 2AU A "O5'"  2 
HETATM 584  C "C5'"  . 2AU A 1 6 ? 0.235   -10.368 -7.957  1.00 0.00 ? 6 2AU A "C5'"  2 
HETATM 585  C "C4'"  . 2AU A 1 6 ? -0.121  -9.217  -8.873  1.00 0.00 ? 6 2AU A "C4'"  2 
HETATM 586  O "O4'"  . 2AU A 1 6 ? -1.533  -8.901  -8.711  1.00 0.00 ? 6 2AU A "O4'"  2 
HETATM 587  C "C3'"  . 2AU A 1 6 ? 0.623   -7.908  -8.620  1.00 0.00 ? 6 2AU A "C3'"  2 
HETATM 588  O "O3'"  . 2AU A 1 6 ? 0.869   -7.198  -9.838  1.00 0.00 ? 6 2AU A "O3'"  2 
HETATM 589  C "C2'"  . 2AU A 1 6 ? -0.314  -7.154  -7.682  1.00 0.00 ? 6 2AU A "C2'"  2 
HETATM 590  C "C1'"  . 2AU A 1 6 ? -1.678  -7.587  -8.212  1.00 0.00 ? 6 2AU A "C1'"  2 
HETATM 591  N N1     . 2AU A 1 6 ? -2.733  -7.592  -7.189  1.00 0.00 ? 6 2AU A N1     2 
HETATM 592  C C2     . 2AU A 1 6 ? -3.732  -6.641  -7.287  1.00 0.00 ? 6 2AU A C2     2 
HETATM 593  O O2     . 2AU A 1 6 ? -3.767  -5.807  -8.176  1.00 0.00 ? 6 2AU A O2     2 
HETATM 594  N N3     . 2AU A 1 6 ? -4.687  -6.701  -6.305  1.00 0.00 ? 6 2AU A N3     2 
HETATM 595  C C4     . 2AU A 1 6 ? -4.745  -7.594  -5.258  1.00 0.00 ? 6 2AU A C4     2 
HETATM 596  O O4     . 2AU A 1 6 ? -5.675  -7.523  -4.454  1.00 0.00 ? 6 2AU A O4     2 
HETATM 597  C C5     . 2AU A 1 6 ? -3.675  -8.542  -5.225  1.00 0.00 ? 6 2AU A C5     2 
HETATM 598  C C6     . 2AU A 1 6 ? -2.727  -8.513  -6.165  1.00 0.00 ? 6 2AU A C6     2 
HETATM 599  H "H5'"  . 2AU A 1 6 ? 0.616   -11.195 -8.557  1.00 0.00 ? 6 2AU A "H5'"  2 
HETATM 600  H "H5''" . 2AU A 1 6 ? 1.013   -10.046 -7.267  1.00 0.00 ? 6 2AU A "H5''" 2 
HETATM 601  H "H4'"  . 2AU A 1 6 ? 0.138   -9.523  -9.882  1.00 0.00 ? 6 2AU A "H4'"  2 
HETATM 602  H "H3'"  . 2AU A 1 6 ? 1.601   -8.084  -8.176  1.00 0.00 ? 6 2AU A "H3'"  2 
HETATM 603  H "HO3'" . 2AU A 1 6 ? 0.245   -7.522  -10.492 1.00 0.00 ? 6 2AU A "HO3'" 2 
HETATM 604  H "H2'"  . 2AU A 1 6 ? -0.164  -7.476  -6.652  1.00 0.00 ? 6 2AU A "H2'"  2 
HETATM 605  H "H1'"  . 2AU A 1 6 ? -2.014  -6.965  -9.043  1.00 0.00 ? 6 2AU A "H1'"  2 
HETATM 606  H H3     . 2AU A 1 6 ? -5.428  -6.018  -6.353  1.00 0.00 ? 6 2AU A H3     2 
HETATM 607  H H5     . 2AU A 1 6 ? -3.633  -9.288  -4.431  1.00 0.00 ? 6 2AU A H5     2 
HETATM 608  O OP2    . 2AU A 1 6 ? 0.626   -12.177 -5.836  1.00 0.00 ? 6 2AU A OP2    2 
HETATM 609  H H6     . 2AU A 1 6 ? -1.914  -9.239  -6.115  1.00 0.00 ? 6 2AU A H6     2 
ATOM   610  O "O5'"  . DA  B 1 1 ? 4.914   5.939   -12.697 1.00 0.00 ? 1 DA  B "O5'"  2 
ATOM   611  C "C5'"  . DA  B 1 1 ? 4.132   6.072   -11.507 1.00 0.00 ? 1 DA  B "C5'"  2 
ATOM   612  C "C4'"  . DA  B 1 1 ? 2.802   5.371   -11.651 1.00 0.00 ? 1 DA  B "C4'"  2 
ATOM   613  O "O4'"  . DA  B 1 1 ? 2.995   4.141   -12.388 1.00 0.00 ? 1 DA  B "O4'"  2 
ATOM   614  C "C3'"  . DA  B 1 1 ? 2.143   4.964   -10.335 1.00 0.00 ? 1 DA  B "C3'"  2 
ATOM   615  O "O3'"  . DA  B 1 1 ? 1.225   5.980   -9.917  1.00 0.00 ? 1 DA  B "O3'"  2 
ATOM   616  C "C2'"  . DA  B 1 1 ? 1.422   3.680   -10.700 1.00 0.00 ? 1 DA  B "C2'"  2 
ATOM   617  C "C1'"  . DA  B 1 1 ? 2.371   3.061   -11.709 1.00 0.00 ? 1 DA  B "C1'"  2 
ATOM   618  N N9     . DA  B 1 1 ? 3.427   2.228   -11.129 1.00 0.00 ? 1 DA  B N9     2 
ATOM   619  C C8     . DA  B 1 1 ? 4.659   2.642   -10.690 1.00 0.00 ? 1 DA  B C8     2 
ATOM   620  N N7     . DA  B 1 1 ? 5.407   1.674   -10.218 1.00 0.00 ? 1 DA  B N7     2 
ATOM   621  C C5     . DA  B 1 1 ? 4.613   0.545   -10.354 1.00 0.00 ? 1 DA  B C5     2 
ATOM   622  C C6     . DA  B 1 1 ? 4.832   -0.806  -10.033 1.00 0.00 ? 1 DA  B C6     2 
ATOM   623  N N6     . DA  B 1 1 ? 5.959   -1.267  -9.489  1.00 0.00 ? 1 DA  B N6     2 
ATOM   624  N N1     . DA  B 1 1 ? 3.838   -1.680  -10.291 1.00 0.00 ? 1 DA  B N1     2 
ATOM   625  C C2     . DA  B 1 1 ? 2.705   -1.221  -10.834 1.00 0.00 ? 1 DA  B C2     2 
ATOM   626  N N3     . DA  B 1 1 ? 2.381   0.024   -11.182 1.00 0.00 ? 1 DA  B N3     2 
ATOM   627  C C4     . DA  B 1 1 ? 3.390   0.870   -10.913 1.00 0.00 ? 1 DA  B C4     2 
ATOM   628  H "H5'"  . DA  B 1 1 ? 3.955   7.128   -11.303 1.00 0.00 ? 1 DA  B "H5'"  2 
ATOM   629  H "H5''" . DA  B 1 1 ? 4.670   5.636   -10.666 1.00 0.00 ? 1 DA  B "H5''" 2 
ATOM   630  H "H4'"  . DA  B 1 1 ? 2.116   6.065   -12.143 1.00 0.00 ? 1 DA  B "H4'"  2 
ATOM   631  H "H3'"  . DA  B 1 1 ? 2.888   4.807   -9.554  1.00 0.00 ? 1 DA  B "H3'"  2 
ATOM   632  H "H2'"  . DA  B 1 1 ? 1.274   3.043   -9.831  1.00 0.00 ? 1 DA  B "H2'"  2 
ATOM   633  H "H2''" . DA  B 1 1 ? 0.437   3.885   -11.115 1.00 0.00 ? 1 DA  B "H2''" 2 
ATOM   634  H "H1'"  . DA  B 1 1 ? 1.824   2.476   -12.443 1.00 0.00 ? 1 DA  B "H1'"  2 
ATOM   635  H H8     . DA  B 1 1 ? 4.982   3.669   -10.724 1.00 0.00 ? 1 DA  B H8     2 
ATOM   636  H H61    . DA  B 1 1 ? 6.716   -0.631  -9.285  1.00 0.00 ? 1 DA  B H61    2 
ATOM   637  H H62    . DA  B 1 1 ? 6.053   -2.251  -9.282  1.00 0.00 ? 1 DA  B H62    2 
ATOM   638  H H2     . DA  B 1 1 ? 1.937   -1.971  -11.009 1.00 0.00 ? 1 DA  B H2     2 
ATOM   639  H "HO5'" . DA  B 1 1 ? 4.514   5.239   -13.219 1.00 0.00 ? 1 DA  B "HO5'" 2 
ATOM   640  P P      . DC  B 1 2 ? 0.161   5.667   -8.754  1.00 0.00 ? 2 DC  B P      2 
ATOM   641  O OP1    . DC  B 1 2 ? -0.767  6.825   -8.670  1.00 0.00 ? 2 DC  B OP1    2 
ATOM   642  O OP2    . DC  B 1 2 ? 0.920   5.250   -7.549  1.00 0.00 ? 2 DC  B OP2    2 
ATOM   643  O "O5'"  . DC  B 1 2 ? -0.645  4.405   -9.301  1.00 0.00 ? 2 DC  B "O5'"  2 
ATOM   644  C "C5'"  . DC  B 1 2 ? -2.069  4.373   -9.258  1.00 0.00 ? 2 DC  B "C5'"  2 
ATOM   645  C "C4'"  . DC  B 1 2 ? -2.539  3.636   -8.026  1.00 0.00 ? 2 DC  B "C4'"  2 
ATOM   646  O "O4'"  . DC  B 1 2 ? -1.504  2.765   -7.538  1.00 0.00 ? 2 DC  B "O4'"  2 
ATOM   647  C "C3'"  . DC  B 1 2 ? -2.886  4.540   -6.846  1.00 0.00 ? 2 DC  B "C3'"  2 
ATOM   648  O "O3'"  . DC  B 1 2 ? -4.300  4.767   -6.799  1.00 0.00 ? 2 DC  B "O3'"  2 
ATOM   649  C "C2'"  . DC  B 1 2 ? -2.413  3.758   -5.624  1.00 0.00 ? 2 DC  B "C2'"  2 
ATOM   650  C "C1'"  . DC  B 1 2 ? -1.789  2.486   -6.187  1.00 0.00 ? 2 DC  B "C1'"  2 
ATOM   651  N N1     . DC  B 1 2 ? -0.534  2.049   -5.548  1.00 0.00 ? 2 DC  B N1     2 
ATOM   652  C C2     . DC  B 1 2 ? -0.398  0.705   -5.185  1.00 0.00 ? 2 DC  B C2     2 
ATOM   653  O O2     . DC  B 1 2 ? -1.343  -0.074  -5.386  1.00 0.00 ? 2 DC  B O2     2 
ATOM   654  N N3     . DC  B 1 2 ? 0.757   0.286   -4.622  1.00 0.00 ? 2 DC  B N3     2 
ATOM   655  C C4     . DC  B 1 2 ? 1.749   1.153   -4.411  1.00 0.00 ? 2 DC  B C4     2 
ATOM   656  N N4     . DC  B 1 2 ? 2.874   0.693   -3.864  1.00 0.00 ? 2 DC  B N4     2 
ATOM   657  C C5     . DC  B 1 2 ? 1.633   2.531   -4.756  1.00 0.00 ? 2 DC  B C5     2 
ATOM   658  C C6     . DC  B 1 2 ? 0.487   2.931   -5.321  1.00 0.00 ? 2 DC  B C6     2 
ATOM   659  H "H5'"  . DC  B 1 2 ? -2.446  3.862   -10.143 1.00 0.00 ? 2 DC  B "H5'"  2 
ATOM   660  H "H5''" . DC  B 1 2 ? -2.459  5.389   -9.241  1.00 0.00 ? 2 DC  B "H5''" 2 
ATOM   661  H "H4'"  . DC  B 1 2 ? -3.457  3.107   -8.292  1.00 0.00 ? 2 DC  B "H4'"  2 
ATOM   662  H "H3'"  . DC  B 1 2 ? -2.375  5.498   -6.936  1.00 0.00 ? 2 DC  B "H3'"  2 
ATOM   663  H "H2'"  . DC  B 1 2 ? -1.706  4.338   -5.031  1.00 0.00 ? 2 DC  B "H2'"  2 
ATOM   664  H "H2''" . DC  B 1 2 ? -3.249  3.496   -4.973  1.00 0.00 ? 2 DC  B "H2''" 2 
ATOM   665  H "H1'"  . DC  B 1 2 ? -2.499  1.658   -6.159  1.00 0.00 ? 2 DC  B "H1'"  2 
ATOM   666  H H41    . DC  B 1 2 ? 3.644   1.326   -3.696  1.00 0.00 ? 2 DC  B H41    2 
ATOM   667  H H42    . DC  B 1 2 ? 2.954   -0.284  -3.619  1.00 0.00 ? 2 DC  B H42    2 
ATOM   668  H H5     . DC  B 1 2 ? 2.445   3.232   -4.565  1.00 0.00 ? 2 DC  B H5     2 
ATOM   669  H H6     . DC  B 1 2 ? 0.378   3.972   -5.618  1.00 0.00 ? 2 DC  B H6     2 
ATOM   670  P P      . DG  B 1 3 ? -4.927  5.691   -5.642  1.00 0.00 ? 3 DG  B P      2 
ATOM   671  O OP1    . DG  B 1 3 ? -6.012  6.508   -6.237  1.00 0.00 ? 3 DG  B OP1    2 
ATOM   672  O OP2    . DG  B 1 3 ? -3.808  6.365   -4.938  1.00 0.00 ? 3 DG  B OP2    2 
ATOM   673  O "O5'"  . DG  B 1 3 ? -5.583  4.644   -4.636  1.00 0.00 ? 3 DG  B "O5'"  2 
ATOM   674  C "C5'"  . DG  B 1 3 ? -6.156  3.427   -5.117  1.00 0.00 ? 3 DG  B "C5'"  2 
ATOM   675  C "C4'"  . DG  B 1 3 ? -6.470  2.502   -3.964  1.00 0.00 ? 3 DG  B "C4'"  2 
ATOM   676  O "O4'"  . DG  B 1 3 ? -5.279  1.741   -3.646  1.00 0.00 ? 3 DG  B "O4'"  2 
ATOM   677  C "C3'"  . DG  B 1 3 ? -6.898  3.198   -2.670  1.00 0.00 ? 3 DG  B "C3'"  2 
ATOM   678  O "O3'"  . DG  B 1 3 ? -7.982  2.482   -2.064  1.00 0.00 ? 3 DG  B "O3'"  2 
ATOM   679  C "C2'"  . DG  B 1 3 ? -5.654  3.148   -1.799  1.00 0.00 ? 3 DG  B "C2'"  2 
ATOM   680  C "C1'"  . DG  B 1 3 ? -4.919  1.915   -2.287  1.00 0.00 ? 3 DG  B "C1'"  2 
ATOM   681  N N9     . DG  B 1 3 ? -3.463  2.003   -2.221  1.00 0.00 ? 3 DG  B N9     2 
ATOM   682  C C8     . DG  B 1 3 ? -2.687  3.119   -2.416  1.00 0.00 ? 3 DG  B C8     2 
ATOM   683  N N7     . DG  B 1 3 ? -1.409  2.884   -2.294  1.00 0.00 ? 3 DG  B N7     2 
ATOM   684  C C5     . DG  B 1 3 ? -1.338  1.529   -1.996  1.00 0.00 ? 3 DG  B C5     2 
ATOM   685  C C6     . DG  B 1 3 ? -0.215  0.698   -1.748  1.00 0.00 ? 3 DG  B C6     2 
ATOM   686  O O6     . DG  B 1 3 ? 0.983   1.003   -1.741  1.00 0.00 ? 3 DG  B O6     2 
ATOM   687  N N1     . DG  B 1 3 ? -0.596  -0.614  -1.487  1.00 0.00 ? 3 DG  B N1     2 
ATOM   688  C C2     . DG  B 1 3 ? -1.890  -1.067  -1.463  1.00 0.00 ? 3 DG  B C2     2 
ATOM   689  N N2     . DG  B 1 3 ? -2.055  -2.365  -1.188  1.00 0.00 ? 3 DG  B N2     2 
ATOM   690  N N3     . DG  B 1 3 ? -2.945  -0.305  -1.690  1.00 0.00 ? 3 DG  B N3     2 
ATOM   691  C C4     . DG  B 1 3 ? -2.598  0.972   -1.947  1.00 0.00 ? 3 DG  B C4     2 
ATOM   692  H "H5'"  . DG  B 1 3 ? -5.454  2.933   -5.788  1.00 0.00 ? 3 DG  B "H5'"  2 
ATOM   693  H "H5''" . DG  B 1 3 ? -7.076  3.644   -5.660  1.00 0.00 ? 3 DG  B "H5''" 2 
ATOM   694  H "H4'"  . DG  B 1 3 ? -7.309  1.874   -4.270  1.00 0.00 ? 3 DG  B "H4'"  2 
ATOM   695  H "H3'"  . DG  B 1 3 ? -7.213  4.223   -2.865  1.00 0.00 ? 3 DG  B "H3'"  2 
ATOM   696  H "H2'"  . DG  B 1 3 ? -5.058  4.054   -1.904  1.00 0.00 ? 3 DG  B "H2'"  2 
ATOM   697  H "H2''" . DG  B 1 3 ? -5.910  3.041   -0.747  1.00 0.00 ? 3 DG  B "H2''" 2 
ATOM   698  H "H1'"  . DG  B 1 3 ? -5.235  1.029   -1.736  1.00 0.00 ? 3 DG  B "H1'"  2 
ATOM   699  H H8     . DG  B 1 3 ? -3.092  4.093   -2.643  1.00 0.00 ? 3 DG  B H8     2 
ATOM   700  H H1     . DG  B 1 3 ? 0.137   -1.284  -1.301  1.00 0.00 ? 3 DG  B H1     2 
ATOM   701  H H21    . DG  B 1 3 ? -2.985  -2.755  -1.156  1.00 0.00 ? 3 DG  B H21    2 
ATOM   702  H H22    . DG  B 1 3 ? -1.251  -2.954  -1.014  1.00 0.00 ? 3 DG  B H22    2 
ATOM   703  P P      . DC  B 1 4 ? -8.499  2.899   -0.597  1.00 0.00 ? 4 DC  B P      2 
ATOM   704  O OP1    . DC  B 1 4 ? -9.971  2.733   -0.562  1.00 0.00 ? 4 DC  B OP1    2 
ATOM   705  O OP2    . DC  B 1 4 ? -7.904  4.212   -0.250  1.00 0.00 ? 4 DC  B OP2    2 
ATOM   706  O "O5'"  . DC  B 1 4 ? -7.854  1.798   0.357   1.00 0.00 ? 4 DC  B "O5'"  2 
ATOM   707  C "C5'"  . DC  B 1 4 ? -7.530  0.499   -0.141  1.00 0.00 ? 4 DC  B "C5'"  2 
ATOM   708  C "C4'"  . DC  B 1 4 ? -7.632  -0.530  0.961   1.00 0.00 ? 4 DC  B "C4'"  2 
ATOM   709  O "O4'"  . DC  B 1 4 ? -6.309  -1.035  1.240   1.00 0.00 ? 4 DC  B "O4'"  2 
ATOM   710  C "C3'"  . DC  B 1 4 ? -8.169  -0.020  2.297   1.00 0.00 ? 4 DC  B "C3'"  2 
ATOM   711  O "O3'"  . DC  B 1 4 ? -8.923  -1.044  2.959   1.00 0.00 ? 4 DC  B "O3'"  2 
ATOM   712  C "C2'"  . DC  B 1 4 ? -6.917  0.315   3.092   1.00 0.00 ? 4 DC  B "C2'"  2 
ATOM   713  C "C1'"  . DC  B 1 4 ? -5.760  -0.355  2.355   1.00 0.00 ? 4 DC  B "C1'"  2 
ATOM   714  N N1     . DC  B 1 4 ? -4.730  0.573   1.857   1.00 0.00 ? 4 DC  B N1     2 
ATOM   715  C C2     . DC  B 1 4 ? -3.395  0.158   1.855   1.00 0.00 ? 4 DC  B C2     2 
ATOM   716  O O2     . DC  B 1 4 ? -3.118  -0.978  2.267   1.00 0.00 ? 4 DC  B O2     2 
ATOM   717  N N3     . DC  B 1 4 ? -2.440  1.003   1.404   1.00 0.00 ? 4 DC  B N3     2 
ATOM   718  C C4     . DC  B 1 4 ? -2.779  2.215   0.966   1.00 0.00 ? 4 DC  B C4     2 
ATOM   719  N N4     . DC  B 1 4 ? -1.809  3.012   0.520   1.00 0.00 ? 4 DC  B N4     2 
ATOM   720  C C5     . DC  B 1 4 ? -4.130  2.667   0.961   1.00 0.00 ? 4 DC  B C5     2 
ATOM   721  C C6     . DC  B 1 4 ? -5.065  1.819   1.408   1.00 0.00 ? 4 DC  B C6     2 
ATOM   722  H "H5'"  . DC  B 1 4 ? -6.514  0.501   -0.531  1.00 0.00 ? 4 DC  B "H5'"  2 
ATOM   723  H "H5''" . DC  B 1 4 ? -8.217  0.234   -0.944  1.00 0.00 ? 4 DC  B "H5''" 2 
ATOM   724  H "H4'"  . DC  B 1 4 ? -8.322  -1.306  0.622   1.00 0.00 ? 4 DC  B "H4'"  2 
ATOM   725  H "H3'"  . DC  B 1 4 ? -8.804  0.854   2.153   1.00 0.00 ? 4 DC  B "H3'"  2 
ATOM   726  H "H2'"  . DC  B 1 4 ? -6.778  1.390   3.187   1.00 0.00 ? 4 DC  B "H2'"  2 
ATOM   727  H "H2''" . DC  B 1 4 ? -6.965  -0.101  4.096   1.00 0.00 ? 4 DC  B "H2''" 2 
ATOM   728  H "H1'"  . DC  B 1 4 ? -5.274  -1.095  2.990   1.00 0.00 ? 4 DC  B "H1'"  2 
ATOM   729  H H41    . DC  B 1 4 ? -2.042  3.932   0.180   1.00 0.00 ? 4 DC  B H41    2 
ATOM   730  H H42    . DC  B 1 4 ? -0.849  2.694   0.519   1.00 0.00 ? 4 DC  B H42    2 
ATOM   731  H H5     . DC  B 1 4 ? -4.393  3.664   0.609   1.00 0.00 ? 4 DC  B H5     2 
ATOM   732  H H6     . DC  B 1 4 ? -6.108  2.131   1.414   1.00 0.00 ? 4 DC  B H6     2 
ATOM   733  P P      . DG  B 1 5 ? -9.553  -0.759  4.414   1.00 0.00 ? 5 DG  B P      2 
ATOM   734  O OP1    . DG  B 1 5 ? -10.668 -1.713  4.633   1.00 0.00 ? 5 DG  B OP1    2 
ATOM   735  O OP2    . DG  B 1 5 ? -9.808  0.698   4.519   1.00 0.00 ? 5 DG  B OP2    2 
ATOM   736  O "O5'"  . DG  B 1 5 ? -8.373  -1.125  5.424   1.00 0.00 ? 5 DG  B "O5'"  2 
ATOM   737  C "C5'"  . DG  B 1 5 ? -7.698  -2.380  5.337   1.00 0.00 ? 5 DG  B "C5'"  2 
ATOM   738  C "C4'"  . DG  B 1 5 ? -6.858  -2.616  6.569   1.00 0.00 ? 5 DG  B "C4'"  2 
ATOM   739  O "O4'"  . DG  B 1 5 ? -5.506  -2.174  6.301   1.00 0.00 ? 5 DG  B "O4'"  2 
ATOM   740  C "C3'"  . DG  B 1 5 ? -7.317  -1.871  7.821   1.00 0.00 ? 5 DG  B "C3'"  2 
ATOM   741  O "O3'"  . DG  B 1 5 ? -7.175  -2.706  8.976   1.00 0.00 ? 5 DG  B "O3'"  2 
ATOM   742  C "C2'"  . DG  B 1 5 ? -6.392  -0.672  7.904   1.00 0.00 ? 5 DG  B "C2'"  2 
ATOM   743  C "C1'"  . DG  B 1 5 ? -5.153  -1.069  7.114   1.00 0.00 ? 5 DG  B "C1'"  2 
ATOM   744  N N9     . DG  B 1 5 ? -4.642  -0.018  6.240   1.00 0.00 ? 5 DG  B N9     2 
ATOM   745  C C8     . DG  B 1 5 ? -5.376  0.943   5.596   1.00 0.00 ? 5 DG  B C8     2 
ATOM   746  N N7     . DG  B 1 5 ? -4.649  1.753   4.877   1.00 0.00 ? 5 DG  B N7     2 
ATOM   747  C C5     . DG  B 1 5 ? -3.350  1.301   5.062   1.00 0.00 ? 5 DG  B C5     2 
ATOM   748  C C6     . DG  B 1 5 ? -2.122  1.789   4.542   1.00 0.00 ? 5 DG  B C6     2 
ATOM   749  O O6     . DG  B 1 5 ? -1.932  2.744   3.780   1.00 0.00 ? 5 DG  B O6     2 
ATOM   750  N N1     . DG  B 1 5 ? -1.041  1.039   4.996   1.00 0.00 ? 5 DG  B N1     2 
ATOM   751  C C2     . DG  B 1 5 ? -1.130  -0.044  5.831   1.00 0.00 ? 5 DG  B C2     2 
ATOM   752  N N2     . DG  B 1 5 ? 0.028   -0.640  6.142   1.00 0.00 ? 5 DG  B N2     2 
ATOM   753  N N3     . DG  B 1 5 ? -2.265  -0.511  6.323   1.00 0.00 ? 5 DG  B N3     2 
ATOM   754  C C4     . DG  B 1 5 ? -3.328  0.206   5.902   1.00 0.00 ? 5 DG  B C4     2 
ATOM   755  H "H5'"  . DG  B 1 5 ? -7.054  -2.390  4.460   1.00 0.00 ? 5 DG  B "H5'"  2 
ATOM   756  H "H5''" . DG  B 1 5 ? -8.427  -3.181  5.251   1.00 0.00 ? 5 DG  B "H5''" 2 
ATOM   757  H "H4'"  . DG  B 1 5 ? -6.918  -3.680  6.805   1.00 0.00 ? 5 DG  B "H4'"  2 
ATOM   758  H "H3'"  . DG  B 1 5 ? -8.358  -1.566  7.731   1.00 0.00 ? 5 DG  B "H3'"  2 
ATOM   759  H "H2'"  . DG  B 1 5 ? -6.865  0.224   7.509   1.00 0.00 ? 5 DG  B "H2'"  2 
ATOM   760  H "H2''" . DG  B 1 5 ? -6.110  -0.465  8.934   1.00 0.00 ? 5 DG  B "H2''" 2 
ATOM   761  H "H1'"  . DG  B 1 5 ? -4.351  -1.382  7.779   1.00 0.00 ? 5 DG  B "H1'"  2 
ATOM   762  H H8     . DG  B 1 5 ? -6.449  1.025   5.684   1.00 0.00 ? 5 DG  B H8     2 
ATOM   763  H H1     . DG  B 1 5 ? -0.119  1.315   4.692   1.00 0.00 ? 5 DG  B H1     2 
ATOM   764  H H21    . DG  B 1 5 ? 0.030   -1.444  6.753   1.00 0.00 ? 5 DG  B H21    2 
ATOM   765  H H22    . DG  B 1 5 ? 0.898   -0.286  5.767   1.00 0.00 ? 5 DG  B H22    2 
HETATM 766  P P      . 2AU B 1 6 ? -7.826  -2.252  10.376  1.00 0.00 ? 6 2AU B P      2 
HETATM 767  O OP1    . 2AU B 1 6 ? -8.115  -3.487  11.146  1.00 0.00 ? 6 2AU B OP1    2 
HETATM 768  O "O5'"  . 2AU B 1 6 ? -6.640  -1.482  11.109  1.00 0.00 ? 6 2AU B "O5'"  2 
HETATM 769  C "C5'"  . 2AU B 1 6 ? -6.655  -0.061  11.252  1.00 0.00 ? 6 2AU B "C5'"  2 
HETATM 770  C "C4'"  . 2AU B 1 6 ? -5.281  0.439   11.645  1.00 0.00 ? 6 2AU B "C4'"  2 
HETATM 771  O "O4'"  . 2AU B 1 6 ? -4.373  -0.695  11.741  1.00 0.00 ? 6 2AU B "O4'"  2 
HETATM 772  C "C3'"  . 2AU B 1 6 ? -4.621  1.411   10.671  1.00 0.00 ? 6 2AU B "C3'"  2 
HETATM 773  O "O3'"  . 2AU B 1 6 ? -3.829  2.387   11.357  1.00 0.00 ? 6 2AU B "O3'"  2 
HETATM 774  C "C2'"  . 2AU B 1 6 ? -3.783  0.496   9.784   1.00 0.00 ? 6 2AU B "C2'"  2 
HETATM 775  C "C1'"  . 2AU B 1 6 ? -3.339  -0.565  10.786  1.00 0.00 ? 6 2AU B "C1'"  2 
HETATM 776  N N1     . 2AU B 1 6 ? -3.098  -1.883  10.181  1.00 0.00 ? 6 2AU B N1     2 
HETATM 777  C C2     . 2AU B 1 6 ? -1.793  -2.336  10.123  1.00 0.00 ? 6 2AU B C2     2 
HETATM 778  O O2     . 2AU B 1 6 ? -0.849  -1.692  10.544  1.00 0.00 ? 6 2AU B O2     2 
HETATM 779  N N3     . 2AU B 1 6 ? -1.635  -3.573  9.549   1.00 0.00 ? 6 2AU B N3     2 
HETATM 780  C C4     . 2AU B 1 6 ? -2.626  -4.383  9.040   1.00 0.00 ? 6 2AU B C4     2 
HETATM 781  O O4     . 2AU B 1 6 ? -2.325  -5.475  8.558   1.00 0.00 ? 6 2AU B O4     2 
HETATM 782  C C5     . 2AU B 1 6 ? -3.945  -3.841  9.136   1.00 0.00 ? 6 2AU B C5     2 
HETATM 783  C C6     . 2AU B 1 6 ? -4.136  -2.639  9.687   1.00 0.00 ? 6 2AU B C6     2 
HETATM 784  H "H5'"  . 2AU B 1 6 ? -7.372  0.222   12.023  1.00 0.00 ? 6 2AU B "H5'"  2 
HETATM 785  H "H5''" . 2AU B 1 6 ? -6.947  0.404   10.312  1.00 0.00 ? 6 2AU B "H5''" 2 
HETATM 786  H "H4'"  . 2AU B 1 6 ? -5.397  0.977   12.580  1.00 0.00 ? 6 2AU B "H4'"  2 
HETATM 787  H "H3'"  . 2AU B 1 6 ? -5.361  1.975   10.105  1.00 0.00 ? 6 2AU B "H3'"  2 
HETATM 788  H "HO3'" . 2AU B 1 6 ? -3.623  2.033   12.226  1.00 0.00 ? 6 2AU B "HO3'" 2 
HETATM 789  H "H2'"  . 2AU B 1 6 ? -4.395  0.068   8.991   1.00 0.00 ? 6 2AU B "H2'"  2 
HETATM 790  H "H1'"  . 2AU B 1 6 ? -2.439  -0.271  11.328  1.00 0.00 ? 6 2AU B "H1'"  2 
HETATM 791  H H3     . 2AU B 1 6 ? -0.693  -3.928  9.494   1.00 0.00 ? 6 2AU B H3     2 
HETATM 792  H H5     . 2AU B 1 6 ? -4.795  -4.407  8.755   1.00 0.00 ? 6 2AU B H5     2 
HETATM 793  O OP2    . 2AU B 1 6 ? -8.921  -1.289  10.106  1.00 0.00 ? 6 2AU B OP2    2 
HETATM 794  H H6     . 2AU B 1 6 ? -5.149  -2.241  9.740   1.00 0.00 ? 6 2AU B H6     2 
HETATM 795  C C4A    . AQC C 2 . ? 1.158   -0.759  -7.946  1.00 0.00 ? 7 AQC A C4A    2 
HETATM 796  C C1A    . AQC C 2 . ? 2.228   -1.504  -7.404  1.00 0.00 ? 7 AQC A C1A    2 
HETATM 797  C C9     . AQC C 2 . ? 3.495   -0.834  -6.970  1.00 0.00 ? 7 AQC A C9     2 
HETATM 798  C C8A    . AQC C 2 . ? 3.572   0.652   -7.134  1.00 0.00 ? 7 AQC A C8A    2 
HETATM 799  C C5A    . AQC C 2 . ? 2.497   1.389   -7.676  1.00 0.00 ? 7 AQC A C5A    2 
HETATM 800  C C10    . AQC C 2 . ? 1.239   0.721   -8.111  1.00 0.00 ? 7 AQC A C10    2 
HETATM 801  C C4     . AQC C 2 . ? -0.011  -1.415  -8.341  1.00 0.00 ? 7 AQC A C4     2 
HETATM 802  C C3     . AQC C 2 . ? -0.119  -2.798  -8.199  1.00 0.00 ? 7 AQC A C3     2 
HETATM 803  C C2     . AQC C 2 . ? 0.946   -3.548  -7.658  1.00 0.00 ? 7 AQC A C2     2 
HETATM 804  C C1     . AQC C 2 . ? 2.110   -2.889  -7.266  1.00 0.00 ? 7 AQC A C1     2 
HETATM 805  C C8     . AQC C 2 . ? 4.735   1.322   -6.740  1.00 0.00 ? 7 AQC A C8     2 
HETATM 806  C C5     . AQC C 2 . ? 2.609   2.776   -7.810  1.00 0.00 ? 7 AQC A C5     2 
HETATM 807  C C7     . AQC C 2 . ? 4.830   2.705   -6.881  1.00 0.00 ? 7 AQC A C7     2 
HETATM 808  C C6     . AQC C 2 . ? 3.765   3.430   -7.415  1.00 0.00 ? 7 AQC A C6     2 
HETATM 809  C C1L    . AQC C 2 . ? 0.927   -5.045  -7.463  1.00 0.00 ? 7 AQC A C1L    2 
HETATM 810  N "N2'"  . AQC C 2 . ? -0.198  -5.713  -7.836  1.00 0.00 ? 7 AQC A "N2'"  2 
HETATM 811  O O9     . AQC C 2 . ? 4.422   -1.471  -6.501  1.00 0.00 ? 7 AQC A O9     2 
HETATM 812  O O10    . AQC C 2 . ? 0.312   1.353   -8.579  1.00 0.00 ? 7 AQC A O10    2 
HETATM 813  O O1L    . AQC C 2 . ? 1.885   -5.630  -6.986  1.00 0.00 ? 7 AQC A O1L    2 
HETATM 814  H H4     . AQC C 2 . ? -0.819  -0.823  -8.755  1.00 0.00 ? 7 AQC A H4     2 
HETATM 815  H H3     . AQC C 2 . ? -1.038  -3.270  -8.513  1.00 0.00 ? 7 AQC A H3     2 
HETATM 816  H H1     . AQC C 2 . ? 2.929   -3.461  -6.851  1.00 0.00 ? 7 AQC A H1     2 
HETATM 817  H H8     . AQC C 2 . ? 5.542   0.744   -6.331  1.00 0.00 ? 7 AQC A H8     2 
HETATM 818  H H5     . AQC C 2 . ? 1.777   3.321   -8.225  1.00 0.00 ? 7 AQC A H5     2 
HETATM 819  H H7     . AQC C 2 . ? 5.728   3.217   -6.574  1.00 0.00 ? 7 AQC A H7     2 
HETATM 820  H H6     . AQC C 2 . ? 3.838   4.502   -7.523  1.00 0.00 ? 7 AQC A H6     2 
HETATM 821  H "HN2'" . AQC C 2 . ? -1.041  -5.148  -8.258  1.00 0.00 ? 7 AQC A "HN2'" 2 
HETATM 822  C C4A    . AQC D 2 . ? 0.893   4.091   6.894   1.00 0.00 ? 7 AQC B C4A    2 
HETATM 823  C C1A    . AQC D 2 . ? -0.393  4.487   6.462   1.00 0.00 ? 7 AQC B C1A    2 
HETATM 824  C C9     . AQC D 2 . ? -0.567  5.593   5.467   1.00 0.00 ? 7 AQC B C9     2 
HETATM 825  C C8A    . AQC D 2 . ? 0.676   6.251   4.954   1.00 0.00 ? 7 AQC B C8A    2 
HETATM 826  C C5A    . AQC D 2 . ? 1.956   5.848   5.391   1.00 0.00 ? 7 AQC B C5A    2 
HETATM 827  C C10    . AQC D 2 . ? 2.129   4.751   6.382   1.00 0.00 ? 7 AQC B C10    2 
HETATM 828  C C4     . AQC D 2 . ? 1.019   3.056   7.824   1.00 0.00 ? 7 AQC B C4     2 
HETATM 829  C C3     . AQC D 2 . ? -0.116  2.417   8.318   1.00 0.00 ? 7 AQC B C3     2 
HETATM 830  C C2     . AQC D 2 . ? -1.403  2.808   7.892   1.00 0.00 ? 7 AQC B C2     2 
HETATM 831  C C1     . AQC D 2 . ? -1.523  3.843   6.965   1.00 0.00 ? 7 AQC B C1     2 
HETATM 832  C C8     . AQC D 2 . ? 0.563   7.288   4.021   1.00 0.00 ? 7 AQC B C8     2 
HETATM 833  C C5     . AQC D 2 . ? 3.091   6.488   4.884   1.00 0.00 ? 7 AQC B C5     2 
HETATM 834  C C7     . AQC D 2 . ? 1.705   7.915   3.526   1.00 0.00 ? 7 AQC B C7     2 
HETATM 835  C C6     . AQC D 2 . ? 2.969   7.513   3.960   1.00 0.00 ? 7 AQC B C6     2 
HETATM 836  C C1L    . AQC D 2 . ? -2.690  2.180   8.367   1.00 0.00 ? 7 AQC B C1L    2 
HETATM 837  N "N2'"  . AQC D 2 . ? -2.599  1.167   9.271   1.00 0.00 ? 7 AQC B "N2'"  2 
HETATM 838  O O9     . AQC D 2 . ? -1.673  5.939   5.090   1.00 0.00 ? 7 AQC B O9     2 
HETATM 839  O O10    . AQC D 2 . ? 3.230   4.402   6.762   1.00 0.00 ? 7 AQC B O10    2 
HETATM 840  O O1L    . AQC D 2 . ? -3.770  2.568   7.953   1.00 0.00 ? 7 AQC B O1L    2 
HETATM 841  H H4     . AQC D 2 . ? 2.015   2.768   8.141   1.00 0.00 ? 7 AQC B H4     2 
HETATM 842  H H3     . AQC D 2 . ? 0.021   1.619   9.035   1.00 0.00 ? 7 AQC B H3     2 
HETATM 843  H H1     . AQC D 2 . ? -2.508  4.144   6.635   1.00 0.00 ? 7 AQC B H1     2 
HETATM 844  H H8     . AQC D 2 . ? -0.419  7.582   3.702   1.00 0.00 ? 7 AQC B H8     2 
HETATM 845  H H5     . AQC D 2 . ? 4.060   6.165   5.229   1.00 0.00 ? 7 AQC B H5     2 
HETATM 846  H H7     . AQC D 2 . ? 1.612   8.712   2.807   1.00 0.00 ? 7 AQC B H7     2 
HETATM 847  H H6     . AQC D 2 . ? 3.853   7.998   3.576   1.00 0.00 ? 7 AQC B H6     2 
HETATM 848  H "HN2'" . AQC D 2 . ? -1.607  0.846   9.617   1.00 0.00 ? 7 AQC B "HN2'" 2 
ATOM   849  O "O5'"  . DA  A 1 1 ? 5.882   11.610  7.162   1.00 0.00 ? 1 DA  A "O5'"  3 
ATOM   850  C "C5'"  . DA  A 1 1 ? 6.062   10.498  6.280   1.00 0.00 ? 1 DA  A "C5'"  3 
ATOM   851  C "C4'"  . DA  A 1 1 ? 6.166   9.205   7.053   1.00 0.00 ? 1 DA  A "C4'"  3 
ATOM   852  O "O4'"  . DA  A 1 1 ? 5.241   9.246   8.166   1.00 0.00 ? 1 DA  A "O4'"  3 
ATOM   853  C "C3'"  . DA  A 1 1 ? 5.802   7.951   6.261   1.00 0.00 ? 1 DA  A "C3'"  3 
ATOM   854  O "O3'"  . DA  A 1 1 ? 6.985   7.367   5.705   1.00 0.00 ? 1 DA  A "O3'"  3 
ATOM   855  C "C2'"  . DA  A 1 1 ? 5.181   7.053   7.314   1.00 0.00 ? 1 DA  A "C2'"  3 
ATOM   856  C "C1'"  . DA  A 1 1 ? 4.468   8.055   8.203   1.00 0.00 ? 1 DA  A "C1'"  3 
ATOM   857  N N9     . DA  A 1 1 ? 3.107   8.392   7.780   1.00 0.00 ? 1 DA  A N9     3 
ATOM   858  C C8     . DA  A 1 1 ? 2.734   9.378   6.899   1.00 0.00 ? 1 DA  A C8     3 
ATOM   859  N N7     . DA  A 1 1 ? 1.441   9.456   6.709   1.00 0.00 ? 1 DA  A N7     3 
ATOM   860  C C5     . DA  A 1 1 ? 0.923   8.454   7.516   1.00 0.00 ? 1 DA  A C5     3 
ATOM   861  C C6     . DA  A 1 1 ? -0.392  8.022   7.758   1.00 0.00 ? 1 DA  A C6     3 
ATOM   862  N N6     . DA  A 1 1 ? -1.468  8.566   7.188   1.00 0.00 ? 1 DA  A N6     3 
ATOM   863  N N1     . DA  A 1 1 ? -0.566  6.996   8.615   1.00 0.00 ? 1 DA  A N1     3 
ATOM   864  C C2     . DA  A 1 1 ? 0.511   6.447   9.186   1.00 0.00 ? 1 DA  A C2     3 
ATOM   865  N N3     . DA  A 1 1 ? 1.797   6.765   9.041   1.00 0.00 ? 1 DA  A N3     3 
ATOM   866  C C4     . DA  A 1 1 ? 1.938   7.789   8.182   1.00 0.00 ? 1 DA  A C4     3 
ATOM   867  H "H5'"  . DA  A 1 1 ? 6.974   10.638  5.700   1.00 0.00 ? 1 DA  A "H5'"  3 
ATOM   868  H "H5''" . DA  A 1 1 ? 5.215   10.435  5.599   1.00 0.00 ? 1 DA  A "H5''" 3 
ATOM   869  H "H4'"  . DA  A 1 1 ? 7.206   9.089   7.363   1.00 0.00 ? 1 DA  A "H4'"  3 
ATOM   870  H "H3'"  . DA  A 1 1 ? 5.103   8.184   5.458   1.00 0.00 ? 1 DA  A "H3'"  3 
ATOM   871  H "H2'"  . DA  A 1 1 ? 4.494   6.333   6.872   1.00 0.00 ? 1 DA  A "H2'"  3 
ATOM   872  H "H2''" . DA  A 1 1 ? 5.941   6.483   7.844   1.00 0.00 ? 1 DA  A "H2''" 3 
ATOM   873  H "H1'"  . DA  A 1 1 ? 4.441   7.706   9.231   1.00 0.00 ? 1 DA  A "H1'"  3 
ATOM   874  H H8     . DA  A 1 1 ? 3.442   10.023  6.406   1.00 0.00 ? 1 DA  A H8     3 
ATOM   875  H H61    . DA  A 1 1 ? -1.361  9.333   6.541   1.00 0.00 ? 1 DA  A H61    3 
ATOM   876  H H62    . DA  A 1 1 ? -2.387  8.208   7.405   1.00 0.00 ? 1 DA  A H62    3 
ATOM   877  H H2     . DA  A 1 1 ? 0.307   5.617   9.859   1.00 0.00 ? 1 DA  A H2     3 
ATOM   878  H "HO5'" . DA  A 1 1 ? 5.632   11.252  8.018   1.00 0.00 ? 1 DA  A "HO5'" 3 
ATOM   879  P P      . DC  A 1 2 ? 6.940   5.875   5.111   1.00 0.00 ? 2 DC  A P      3 
ATOM   880  O OP1    . DC  A 1 2 ? 8.334   5.476   4.789   1.00 0.00 ? 2 DC  A OP1    3 
ATOM   881  O OP2    . DC  A 1 2 ? 5.904   5.846   4.047   1.00 0.00 ? 2 DC  A OP2    3 
ATOM   882  O "O5'"  . DC  A 1 2 ? 6.425   4.992   6.335   1.00 0.00 ? 2 DC  A "O5'"  3 
ATOM   883  C "C5'"  . DC  A 1 2 ? 7.083   3.777   6.686   1.00 0.00 ? 2 DC  A "C5'"  3 
ATOM   884  C "C4'"  . DC  A 1 2 ? 6.375   2.599   6.057   1.00 0.00 ? 2 DC  A "C4'"  3 
ATOM   885  O "O4'"  . DC  A 1 2 ? 5.017   2.945   5.735   1.00 0.00 ? 2 DC  A "O4'"  3 
ATOM   886  C "C3'"  . DC  A 1 2 ? 6.987   2.126   4.742   1.00 0.00 ? 2 DC  A "C3'"  3 
ATOM   887  O "O3'"  . DC  A 1 2 ? 7.852   1.010   4.975   1.00 0.00 ? 2 DC  A "O3'"  3 
ATOM   888  C "C2'"  . DC  A 1 2 ? 5.784   1.722   3.893   1.00 0.00 ? 2 DC  A "C2'"  3 
ATOM   889  C "C1'"  . DC  A 1 2 ? 4.569   2.033   4.760   1.00 0.00 ? 2 DC  A "C1'"  3 
ATOM   890  N N1     . DC  A 1 2 ? 3.424   2.650   4.064   1.00 0.00 ? 2 DC  A N1     3 
ATOM   891  C C2     . DC  A 1 2 ? 2.143   2.133   4.287   1.00 0.00 ? 2 DC  A C2     3 
ATOM   892  O O2     . DC  A 1 2 ? 2.010   1.157   5.041   1.00 0.00 ? 2 DC  A O2     3 
ATOM   893  N N3     . DC  A 1 2 ? 1.084   2.707   3.677   1.00 0.00 ? 2 DC  A N3     3 
ATOM   894  C C4     . DC  A 1 2 ? 1.266   3.749   2.864   1.00 0.00 ? 2 DC  A C4     3 
ATOM   895  N N4     . DC  A 1 2 ? 0.190   4.290   2.292   1.00 0.00 ? 2 DC  A N4     3 
ATOM   896  C C5     . DC  A 1 2 ? 2.560   4.286   2.604   1.00 0.00 ? 2 DC  A C5     3 
ATOM   897  C C6     . DC  A 1 2 ? 3.600   3.716   3.225   1.00 0.00 ? 2 DC  A C6     3 
ATOM   898  H "H5'"  . DC  A 1 2 ? 7.073   3.660   7.769   1.00 0.00 ? 2 DC  A "H5'"  3 
ATOM   899  H "H5''" . DC  A 1 2 ? 8.115   3.804   6.340   1.00 0.00 ? 2 DC  A "H5''" 3 
ATOM   900  H "H4'"  . DC  A 1 2 ? 6.453   1.762   6.754   1.00 0.00 ? 2 DC  A "H4'"  3 
ATOM   901  H "H3'"  . DC  A 1 2 ? 7.559   2.929   4.276   1.00 0.00 ? 2 DC  A "H3'"  3 
ATOM   902  H "H2'"  . DC  A 1 2 ? 5.766   2.263   2.947   1.00 0.00 ? 2 DC  A "H2'"  3 
ATOM   903  H "H2''" . DC  A 1 2 ? 5.803   0.657   3.661   1.00 0.00 ? 2 DC  A "H2''" 3 
ATOM   904  H "H1'"  . DC  A 1 2 ? 4.219   1.136   5.275   1.00 0.00 ? 2 DC  A "H1'"  3 
ATOM   905  H H41    . DC  A 1 2 ? 0.297   5.083   1.675   1.00 0.00 ? 2 DC  A H41    3 
ATOM   906  H H42    . DC  A 1 2 ? -0.726  3.906   2.476   1.00 0.00 ? 2 DC  A H42    3 
ATOM   907  H H5     . DC  A 1 2 ? 2.697   5.130   1.927   1.00 0.00 ? 2 DC  A H5     3 
ATOM   908  H H6     . DC  A 1 2 ? 4.599   4.119   3.066   1.00 0.00 ? 2 DC  A H6     3 
ATOM   909  P P      . DG  A 1 3 ? 8.623   0.320   3.743   1.00 0.00 ? 3 DG  A P      3 
ATOM   910  O OP1    . DG  A 1 3 ? 9.981   -0.043  4.218   1.00 0.00 ? 3 DG  A OP1    3 
ATOM   911  O OP2    . DG  A 1 3 ? 8.477   1.182   2.544   1.00 0.00 ? 3 DG  A OP2    3 
ATOM   912  O "O5'"  . DG  A 1 3 ? 7.810   -1.026  3.493   1.00 0.00 ? 3 DG  A "O5'"  3 
ATOM   913  C "C5'"  . DG  A 1 3 ? 7.201   -1.726  4.580   1.00 0.00 ? 3 DG  A "C5'"  3 
ATOM   914  C "C4'"  . DG  A 1 3 ? 6.282   -2.807  4.061   1.00 0.00 ? 3 DG  A "C4'"  3 
ATOM   915  O "O4'"  . DG  A 1 3 ? 4.984   -2.221  3.797   1.00 0.00 ? 3 DG  A "O4'"  3 
ATOM   916  C "C3'"  . DG  A 1 3 ? 6.730   -3.470  2.757   1.00 0.00 ? 3 DG  A "C3'"  3 
ATOM   917  O "O3'"  . DG  A 1 3 ? 6.504   -4.884  2.821   1.00 0.00 ? 3 DG  A "O3'"  3 
ATOM   918  C "C2'"  . DG  A 1 3 ? 5.853   -2.824  1.697   1.00 0.00 ? 3 DG  A "C2'"  3 
ATOM   919  C "C1'"  . DG  A 1 3 ? 4.596   -2.439  2.452   1.00 0.00 ? 3 DG  A "C1'"  3 
ATOM   920  N N9     . DG  A 1 3 ? 3.943   -1.225  1.975   1.00 0.00 ? 3 DG  A N9     3 
ATOM   921  C C8     . DG  A 1 3 ? 4.543   -0.101  1.463   1.00 0.00 ? 3 DG  A C8     3 
ATOM   922  N N7     . DG  A 1 3 ? 3.692   0.827   1.122   1.00 0.00 ? 3 DG  A N7     3 
ATOM   923  C C5     . DG  A 1 3 ? 2.451   0.281   1.423   1.00 0.00 ? 3 DG  A C5     3 
ATOM   924  C C6     . DG  A 1 3 ? 1.146   0.817   1.269   1.00 0.00 ? 3 DG  A C6     3 
ATOM   925  O O6     . DG  A 1 3 ? 0.813   1.918   0.818   1.00 0.00 ? 3 DG  A O6     3 
ATOM   926  N N1     . DG  A 1 3 ? 0.172   -0.075  1.704   1.00 0.00 ? 3 DG  A N1     3 
ATOM   927  C C2     . DG  A 1 3 ? 0.419   -1.323  2.217   1.00 0.00 ? 3 DG  A C2     3 
ATOM   928  N N2     . DG  A 1 3 ? -0.652  -2.036  2.577   1.00 0.00 ? 3 DG  A N2     3 
ATOM   929  N N3     . DG  A 1 3 ? 1.627   -1.836  2.365   1.00 0.00 ? 3 DG  A N3     3 
ATOM   930  C C4     . DG  A 1 3 ? 2.590   -0.985  1.951   1.00 0.00 ? 3 DG  A C4     3 
ATOM   931  H "H5'"  . DG  A 1 3 ? 6.624   -1.030  5.187   1.00 0.00 ? 3 DG  A "H5'"  3 
ATOM   932  H "H5''" . DG  A 1 3 ? 7.973   -2.184  5.200   1.00 0.00 ? 3 DG  A "H5''" 3 
ATOM   933  H "H4'"  . DG  A 1 3 ? 6.249   -3.596  4.813   1.00 0.00 ? 3 DG  A "H4'"  3 
ATOM   934  H "H3'"  . DG  A 1 3 ? 7.789   -3.288  2.571   1.00 0.00 ? 3 DG  A "H3'"  3 
ATOM   935  H "H2'"  . DG  A 1 3 ? 6.344   -1.963  1.245   1.00 0.00 ? 3 DG  A "H2'"  3 
ATOM   936  H "H2''" . DG  A 1 3 ? 5.613   -3.525  0.899   1.00 0.00 ? 3 DG  A "H2''" 3 
ATOM   937  H "H1'"  . DG  A 1 3 ? 3.867   -3.251  2.436   1.00 0.00 ? 3 DG  A "H1'"  3 
ATOM   938  H H8     . DG  A 1 3 ? 5.611   0.001   1.351   1.00 0.00 ? 3 DG  A H8     3 
ATOM   939  H H1     . DG  A 1 3 ? -0.793  0.219   1.637   1.00 0.00 ? 3 DG  A H1     3 
ATOM   940  H H21    . DG  A 1 3 ? -0.532  -2.961  2.961   1.00 0.00 ? 3 DG  A H21    3 
ATOM   941  H H22    . DG  A 1 3 ? -1.581  -1.648  2.466   1.00 0.00 ? 3 DG  A H22    3 
ATOM   942  P P      . DC  A 1 4 ? 6.716   -5.793  1.509   1.00 0.00 ? 4 DC  A P      3 
ATOM   943  O OP1    . DC  A 1 4 ? 7.278   -7.089  1.958   1.00 0.00 ? 4 DC  A OP1    3 
ATOM   944  O OP2    . DC  A 1 4 ? 7.438   -5.001  0.483   1.00 0.00 ? 4 DC  A OP2    3 
ATOM   945  O "O5'"  . DC  A 1 4 ? 5.235   -6.054  0.986   1.00 0.00 ? 4 DC  A "O5'"  3 
ATOM   946  C "C5'"  . DC  A 1 4 ? 4.127   -6.030  1.887   1.00 0.00 ? 4 DC  A "C5'"  3 
ATOM   947  C "C4'"  . DC  A 1 4 ? 3.030   -6.948  1.401   1.00 0.00 ? 4 DC  A "C4'"  3 
ATOM   948  O "O4'"  . DC  A 1 4 ? 1.891   -6.146  1.027   1.00 0.00 ? 4 DC  A "O4'"  3 
ATOM   949  C "C3'"  . DC  A 1 4 ? 3.365   -7.786  0.169   1.00 0.00 ? 4 DC  A "C3'"  3 
ATOM   950  O "O3'"  . DC  A 1 4 ? 2.707   -9.059  0.231   1.00 0.00 ? 4 DC  A "O3'"  3 
ATOM   951  C "C2'"  . DC  A 1 4 ? 2.824   -6.965  -0.992  1.00 0.00 ? 4 DC  A "C2'"  3 
ATOM   952  C "C1'"  . DC  A 1 4 ? 1.897   -5.924  -0.372  1.00 0.00 ? 4 DC  A "C1'"  3 
ATOM   953  N N1     . DC  A 1 4 ? 2.297   -4.528  -0.609  1.00 0.00 ? 4 DC  A N1     3 
ATOM   954  C C2     . DC  A 1 4 ? 1.300   -3.561  -0.780  1.00 0.00 ? 4 DC  A C2     3 
ATOM   955  O O2     . DC  A 1 4 ? 0.112   -3.908  -0.725  1.00 0.00 ? 4 DC  A O2     3 
ATOM   956  N N3     . DC  A 1 4 ? 1.657   -2.276  -1.002  1.00 0.00 ? 4 DC  A N3     3 
ATOM   957  C C4     . DC  A 1 4 ? 2.947   -1.942  -1.053  1.00 0.00 ? 4 DC  A C4     3 
ATOM   958  N N4     . DC  A 1 4 ? 3.254   -0.663  -1.262  1.00 0.00 ? 4 DC  A N4     3 
ATOM   959  C C5     . DC  A 1 4 ? 3.983   -2.905  -0.884  1.00 0.00 ? 4 DC  A C5     3 
ATOM   960  C C6     . DC  A 1 4 ? 3.616   -4.173  -0.665  1.00 0.00 ? 4 DC  A C6     3 
ATOM   961  H "H5'"  . DC  A 1 4 ? 3.735   -5.017  1.956   1.00 0.00 ? 4 DC  A "H5'"  3 
ATOM   962  H "H5''" . DC  A 1 4 ? 4.452   -6.351  2.875   1.00 0.00 ? 4 DC  A "H5''" 3 
ATOM   963  H "H4'"  . DC  A 1 4 ? 2.810   -7.651  2.206   1.00 0.00 ? 4 DC  A "H4'"  3 
ATOM   964  H "H3'"  . DC  A 1 4 ? 4.440   -7.946  0.086   1.00 0.00 ? 4 DC  A "H3'"  3 
ATOM   965  H "H2'"  . DC  A 1 4 ? 3.627   -6.512  -1.569  1.00 0.00 ? 4 DC  A "H2'"  3 
ATOM   966  H "H2''" . DC  A 1 4 ? 2.239   -7.582  -1.670  1.00 0.00 ? 4 DC  A "H2''" 3 
ATOM   967  H "H1'"  . DC  A 1 4 ? 0.877   -6.052  -0.733  1.00 0.00 ? 4 DC  A "H1'"  3 
ATOM   968  H H41    . DC  A 1 4 ? 4.224   -0.387  -1.299  1.00 0.00 ? 4 DC  A H41    3 
ATOM   969  H H42    . DC  A 1 4 ? 2.522   0.024   -1.378  1.00 0.00 ? 4 DC  A H42    3 
ATOM   970  H H5     . DC  A 1 4 ? 5.034   -2.622  -0.938  1.00 0.00 ? 4 DC  A H5     3 
ATOM   971  H H6     . DC  A 1 4 ? 4.383   -4.935  -0.528  1.00 0.00 ? 4 DC  A H6     3 
ATOM   972  P P      . DG  A 1 5 ? 2.869   -10.103 -0.984  1.00 0.00 ? 5 DG  A P      3 
ATOM   973  O OP1    . DG  A 1 5 ? 2.548   -11.451 -0.455  1.00 0.00 ? 5 DG  A OP1    3 
ATOM   974  O OP2    . DG  A 1 5 ? 4.181   -9.870  -1.637  1.00 0.00 ? 5 DG  A OP2    3 
ATOM   975  O "O5'"  . DG  A 1 5 ? 1.722   -9.684  -2.010  1.00 0.00 ? 5 DG  A "O5'"  3 
ATOM   976  C "C5'"  . DG  A 1 5 ? 0.371   -9.528  -1.574  1.00 0.00 ? 5 DG  A "C5'"  3 
ATOM   977  C "C4'"  . DG  A 1 5 ? -0.561  -9.438  -2.759  1.00 0.00 ? 5 DG  A "C4'"  3 
ATOM   978  O "O4'"  . DG  A 1 5 ? -0.781  -8.041  -3.071  1.00 0.00 ? 5 DG  A "O4'"  3 
ATOM   979  C "C3'"  . DG  A 1 5 ? -0.048  -10.093 -4.040  1.00 0.00 ? 5 DG  A "C3'"  3 
ATOM   980  O "O3'"  . DG  A 1 5 ? -1.118  -10.762 -4.718  1.00 0.00 ? 5 DG  A "O3'"  3 
ATOM   981  C "C2'"  . DG  A 1 5 ? 0.476   -8.935  -4.869  1.00 0.00 ? 5 DG  A "C2'"  3 
ATOM   982  C "C1'"  . DG  A 1 5 ? -0.249  -7.707  -4.339  1.00 0.00 ? 5 DG  A "C1'"  3 
ATOM   983  N N9     . DG  A 1 5 ? 0.607   -6.538  -4.169  1.00 0.00 ? 5 DG  A N9     3 
ATOM   984  C C8     . DG  A 1 5 ? 1.936   -6.535  -3.831  1.00 0.00 ? 5 DG  A C8     3 
ATOM   985  N N7     . DG  A 1 5 ? 2.445   -5.336  -3.747  1.00 0.00 ? 5 DG  A N7     3 
ATOM   986  C C5     . DG  A 1 5 ? 1.385   -4.493  -4.055  1.00 0.00 ? 5 DG  A C5     3 
ATOM   987  C C6     . DG  A 1 5 ? 1.330   -3.076  -4.136  1.00 0.00 ? 5 DG  A C6     3 
ATOM   988  O O6     . DG  A 1 5 ? 2.234   -2.256  -3.937  1.00 0.00 ? 5 DG  A O6     3 
ATOM   989  N N1     . DG  A 1 5 ? 0.060   -2.636  -4.491  1.00 0.00 ? 5 DG  A N1     3 
ATOM   990  C C2     . DG  A 1 5 ? -1.019  -3.447  -4.726  1.00 0.00 ? 5 DG  A C2     3 
ATOM   991  N N2     . DG  A 1 5 ? -2.162  -2.826  -5.044  1.00 0.00 ? 5 DG  A N2     3 
ATOM   992  N N3     . DG  A 1 5 ? -0.984  -4.767  -4.653  1.00 0.00 ? 5 DG  A N3     3 
ATOM   993  C C4     . DG  A 1 5 ? 0.243   -5.219  -4.318  1.00 0.00 ? 5 DG  A C4     3 
ATOM   994  H "H5'"  . DG  A 1 5 ? 0.281   -8.619  -0.981  1.00 0.00 ? 5 DG  A "H5'"  3 
ATOM   995  H "H5''" . DG  A 1 5 ? 0.084   -10.379 -0.965  1.00 0.00 ? 5 DG  A "H5''" 3 
ATOM   996  H "H4'"  . DG  A 1 5 ? -1.479  -9.963  -2.490  1.00 0.00 ? 5 DG  A "H4'"  3 
ATOM   997  H "H3'"  . DG  A 1 5 ? 0.737   -10.814 -3.818  1.00 0.00 ? 5 DG  A "H3'"  3 
ATOM   998  H "H2'"  . DG  A 1 5 ? 1.557   -8.845  -4.787  1.00 0.00 ? 5 DG  A "H2'"  3 
ATOM   999  H "H2''" . DG  A 1 5 ? 0.238   -9.068  -5.921  1.00 0.00 ? 5 DG  A "H2''" 3 
ATOM   1000 H "H1'"  . DG  A 1 5 ? -1.077  -7.433  -4.991  1.00 0.00 ? 5 DG  A "H1'"  3 
ATOM   1001 H H8     . DG  A 1 5 ? 2.503   -7.437  -3.660  1.00 0.00 ? 5 DG  A H8     3 
ATOM   1002 H H1     . DG  A 1 5 ? -0.081  -1.641  -4.588  1.00 0.00 ? 5 DG  A H1     3 
ATOM   1003 H H21    . DG  A 1 5 ? -2.993  -3.369  -5.228  1.00 0.00 ? 5 DG  A H21    3 
ATOM   1004 H H22    . DG  A 1 5 ? -2.193  -1.817  -5.100  1.00 0.00 ? 5 DG  A H22    3 
HETATM 1005 P P      . 2AU A 1 6 ? -0.793  -11.743 -5.951  1.00 0.00 ? 6 2AU A P      3 
HETATM 1006 O OP1    . 2AU A 1 6 ? -1.866  -12.763 -6.023  1.00 0.00 ? 6 2AU A OP1    3 
HETATM 1007 O "O5'"  . 2AU A 1 6 ? -0.924  -10.795 -7.227  1.00 0.00 ? 6 2AU A "O5'"  3 
HETATM 1008 C "C5'"  . 2AU A 1 6 ? 0.228   -10.369 -7.955  1.00 0.00 ? 6 2AU A "C5'"  3 
HETATM 1009 C "C4'"  . 2AU A 1 6 ? -0.128  -9.218  -8.871  1.00 0.00 ? 6 2AU A "C4'"  3 
HETATM 1010 O "O4'"  . 2AU A 1 6 ? -1.540  -8.901  -8.706  1.00 0.00 ? 6 2AU A "O4'"  3 
HETATM 1011 C "C3'"  . 2AU A 1 6 ? 0.616   -7.910  -8.618  1.00 0.00 ? 6 2AU A "C3'"  3 
HETATM 1012 O "O3'"  . 2AU A 1 6 ? 0.861   -7.200  -9.838  1.00 0.00 ? 6 2AU A "O3'"  3 
HETATM 1013 C "C2'"  . 2AU A 1 6 ? -0.319  -7.155  -7.679  1.00 0.00 ? 6 2AU A "C2'"  3 
HETATM 1014 C "C1'"  . 2AU A 1 6 ? -1.684  -7.587  -8.207  1.00 0.00 ? 6 2AU A "C1'"  3 
HETATM 1015 N N1     . 2AU A 1 6 ? -2.737  -7.592  -7.184  1.00 0.00 ? 6 2AU A N1     3 
HETATM 1016 C C2     . 2AU A 1 6 ? -3.735  -6.641  -7.280  1.00 0.00 ? 6 2AU A C2     3 
HETATM 1017 O O2     . 2AU A 1 6 ? -3.772  -5.806  -8.168  1.00 0.00 ? 6 2AU A O2     3 
HETATM 1018 N N3     . 2AU A 1 6 ? -4.690  -6.699  -6.297  1.00 0.00 ? 6 2AU A N3     3 
HETATM 1019 C C4     . 2AU A 1 6 ? -4.747  -7.592  -5.249  1.00 0.00 ? 6 2AU A C4     3 
HETATM 1020 O O4     . 2AU A 1 6 ? -5.676  -7.520  -4.444  1.00 0.00 ? 6 2AU A O4     3 
HETATM 1021 C C5     . 2AU A 1 6 ? -3.678  -8.540  -5.218  1.00 0.00 ? 6 2AU A C5     3 
HETATM 1022 C C6     . 2AU A 1 6 ? -2.731  -8.512  -6.160  1.00 0.00 ? 6 2AU A C6     3 
HETATM 1023 H "H5'"  . 2AU A 1 6 ? 0.608   -11.197 -8.554  1.00 0.00 ? 6 2AU A "H5'"  3 
HETATM 1024 H "H5''" . 2AU A 1 6 ? 1.006   -10.047 -7.265  1.00 0.00 ? 6 2AU A "H5''" 3 
HETATM 1025 H "H4'"  . 2AU A 1 6 ? 0.128   -9.524  -9.879  1.00 0.00 ? 6 2AU A "H4'"  3 
HETATM 1026 H "H3'"  . 2AU A 1 6 ? 1.595   -8.086  -8.175  1.00 0.00 ? 6 2AU A "H3'"  3 
HETATM 1027 H "HO3'" . 2AU A 1 6 ? 0.235   -7.523  -10.491 1.00 0.00 ? 6 2AU A "HO3'" 3 
HETATM 1028 H "H2'"  . 2AU A 1 6 ? -0.168  -7.476  -6.650  1.00 0.00 ? 6 2AU A "H2'"  3 
HETATM 1029 H "H1'"  . 2AU A 1 6 ? -2.021  -6.965  -9.038  1.00 0.00 ? 6 2AU A "H1'"  3 
HETATM 1030 H H3     . 2AU A 1 6 ? -5.430  -6.017  -6.344  1.00 0.00 ? 6 2AU A H3     3 
HETATM 1031 H H5     . 2AU A 1 6 ? -3.634  -9.286  -4.423  1.00 0.00 ? 6 2AU A H5     3 
HETATM 1032 O OP2    . 2AU A 1 6 ? 0.620   -12.178 -5.832  1.00 0.00 ? 6 2AU A OP2    3 
HETATM 1033 H H6     . 2AU A 1 6 ? -1.919  -9.239  -6.110  1.00 0.00 ? 6 2AU A H6     3 
ATOM   1034 O "O5'"  . DA  B 1 1 ? 4.914   5.934   -12.703 1.00 0.00 ? 1 DA  B "O5'"  3 
ATOM   1035 C "C5'"  . DA  B 1 1 ? 4.132   6.067   -11.512 1.00 0.00 ? 1 DA  B "C5'"  3 
ATOM   1036 C "C4'"  . DA  B 1 1 ? 2.802   5.368   -11.655 1.00 0.00 ? 1 DA  B "C4'"  3 
ATOM   1037 O "O4'"  . DA  B 1 1 ? 2.993   4.136   -12.392 1.00 0.00 ? 1 DA  B "O4'"  3 
ATOM   1038 C "C3'"  . DA  B 1 1 ? 2.144   4.961   -10.338 1.00 0.00 ? 1 DA  B "C3'"  3 
ATOM   1039 O "O3'"  . DA  B 1 1 ? 1.226   5.977   -9.920  1.00 0.00 ? 1 DA  B "O3'"  3 
ATOM   1040 C "C2'"  . DA  B 1 1 ? 1.421   3.676   -10.703 1.00 0.00 ? 1 DA  B "C2'"  3 
ATOM   1041 C "C1'"  . DA  B 1 1 ? 2.370   3.057   -11.712 1.00 0.00 ? 1 DA  B "C1'"  3 
ATOM   1042 N N9     . DA  B 1 1 ? 3.425   2.224   -11.132 1.00 0.00 ? 1 DA  B N9     3 
ATOM   1043 C C8     . DA  B 1 1 ? 4.658   2.637   -10.694 1.00 0.00 ? 1 DA  B C8     3 
ATOM   1044 N N7     . DA  B 1 1 ? 5.405   1.669   -10.222 1.00 0.00 ? 1 DA  B N7     3 
ATOM   1045 C C5     . DA  B 1 1 ? 4.612   0.541   -10.357 1.00 0.00 ? 1 DA  B C5     3 
ATOM   1046 C C6     . DA  B 1 1 ? 4.830   -0.810  -10.036 1.00 0.00 ? 1 DA  B C6     3 
ATOM   1047 N N6     . DA  B 1 1 ? 5.957   -1.271  -9.491  1.00 0.00 ? 1 DA  B N6     3 
ATOM   1048 N N1     . DA  B 1 1 ? 3.835   -1.684  -10.293 1.00 0.00 ? 1 DA  B N1     3 
ATOM   1049 C C2     . DA  B 1 1 ? 2.702   -1.225  -10.835 1.00 0.00 ? 1 DA  B C2     3 
ATOM   1050 N N3     . DA  B 1 1 ? 2.378   0.021   -11.184 1.00 0.00 ? 1 DA  B N3     3 
ATOM   1051 C C4     . DA  B 1 1 ? 3.388   0.866   -10.915 1.00 0.00 ? 1 DA  B C4     3 
ATOM   1052 H "H5'"  . DA  B 1 1 ? 3.956   7.123   -11.309 1.00 0.00 ? 1 DA  B "H5'"  3 
ATOM   1053 H "H5''" . DA  B 1 1 ? 4.671   5.631   -10.672 1.00 0.00 ? 1 DA  B "H5''" 3 
ATOM   1054 H "H4'"  . DA  B 1 1 ? 2.116   6.060   -12.148 1.00 0.00 ? 1 DA  B "H4'"  3 
ATOM   1055 H "H3'"  . DA  B 1 1 ? 2.888   4.804   -9.559  1.00 0.00 ? 1 DA  B "H3'"  3 
ATOM   1056 H "H2'"  . DA  B 1 1 ? 1.274   3.040   -9.832  1.00 0.00 ? 1 DA  B "H2'"  3 
ATOM   1057 H "H2''" . DA  B 1 1 ? 0.437   3.882   -11.118 1.00 0.00 ? 1 DA  B "H2''" 3 
ATOM   1058 H "H1'"  . DA  B 1 1 ? 1.822   2.471   -12.445 1.00 0.00 ? 1 DA  B "H1'"  3 
ATOM   1059 H H8     . DA  B 1 1 ? 4.981   3.665   -10.729 1.00 0.00 ? 1 DA  B H8     3 
ATOM   1060 H H61    . DA  B 1 1 ? 6.714   -0.635  -9.288  1.00 0.00 ? 1 DA  B H61    3 
ATOM   1061 H H62    . DA  B 1 1 ? 6.051   -2.255  -9.285  1.00 0.00 ? 1 DA  B H62    3 
ATOM   1062 H H2     . DA  B 1 1 ? 1.934   -1.974  -11.010 1.00 0.00 ? 1 DA  B H2     3 
ATOM   1063 H "HO5'" . DA  B 1 1 ? 4.513   5.233   -13.224 1.00 0.00 ? 1 DA  B "HO5'" 3 
ATOM   1064 P P      . DC  B 1 2 ? 0.163   5.666   -8.756  1.00 0.00 ? 2 DC  B P      3 
ATOM   1065 O OP1    . DC  B 1 2 ? -0.765  6.824   -8.672  1.00 0.00 ? 2 DC  B OP1    3 
ATOM   1066 O OP2    . DC  B 1 2 ? 0.923   5.249   -7.551  1.00 0.00 ? 2 DC  B OP2    3 
ATOM   1067 O "O5'"  . DC  B 1 2 ? -0.644  4.404   -9.303  1.00 0.00 ? 2 DC  B "O5'"  3 
ATOM   1068 C "C5'"  . DC  B 1 2 ? -2.068  4.372   -9.259  1.00 0.00 ? 2 DC  B "C5'"  3 
ATOM   1069 C "C4'"  . DC  B 1 2 ? -2.538  3.636   -8.027  1.00 0.00 ? 2 DC  B "C4'"  3 
ATOM   1070 O "O4'"  . DC  B 1 2 ? -1.503  2.765   -7.538  1.00 0.00 ? 2 DC  B "O4'"  3 
ATOM   1071 C "C3'"  . DC  B 1 2 ? -2.884  4.542   -6.847  1.00 0.00 ? 2 DC  B "C3'"  3 
ATOM   1072 O "O3'"  . DC  B 1 2 ? -4.297  4.768   -6.800  1.00 0.00 ? 2 DC  B "O3'"  3 
ATOM   1073 C "C2'"  . DC  B 1 2 ? -2.412  3.759   -5.624  1.00 0.00 ? 2 DC  B "C2'"  3 
ATOM   1074 C "C1'"  . DC  B 1 2 ? -1.787  2.487   -6.188  1.00 0.00 ? 2 DC  B "C1'"  3 
ATOM   1075 N N1     . DC  B 1 2 ? -0.533  2.049   -5.549  1.00 0.00 ? 2 DC  B N1     3 
ATOM   1076 C C2     . DC  B 1 2 ? -0.397  0.705   -5.184  1.00 0.00 ? 2 DC  B C2     3 
ATOM   1077 O O2     . DC  B 1 2 ? -1.342  -0.073  -5.385  1.00 0.00 ? 2 DC  B O2     3 
ATOM   1078 N N3     . DC  B 1 2 ? 0.758   0.286   -4.623  1.00 0.00 ? 2 DC  B N3     3 
ATOM   1079 C C4     . DC  B 1 2 ? 1.751   1.152   -4.412  1.00 0.00 ? 2 DC  B C4     3 
ATOM   1080 N N4     . DC  B 1 2 ? 2.877   0.693   -3.866  1.00 0.00 ? 2 DC  B N4     3 
ATOM   1081 C C5     . DC  B 1 2 ? 1.635   2.530   -4.758  1.00 0.00 ? 2 DC  B C5     3 
ATOM   1082 C C6     . DC  B 1 2 ? 0.490   2.930   -5.324  1.00 0.00 ? 2 DC  B C6     3 
ATOM   1083 H "H5'"  . DC  B 1 2 ? -2.446  3.861   -10.143 1.00 0.00 ? 2 DC  B "H5'"  3 
ATOM   1084 H "H5''" . DC  B 1 2 ? -2.458  5.389   -9.243  1.00 0.00 ? 2 DC  B "H5''" 3 
ATOM   1085 H "H4'"  . DC  B 1 2 ? -3.456  3.108   -8.292  1.00 0.00 ? 2 DC  B "H4'"  3 
ATOM   1086 H "H3'"  . DC  B 1 2 ? -2.372  5.499   -6.937  1.00 0.00 ? 2 DC  B "H3'"  3 
ATOM   1087 H "H2'"  . DC  B 1 2 ? -1.704  4.338   -5.032  1.00 0.00 ? 2 DC  B "H2'"  3 
ATOM   1088 H "H2''" . DC  B 1 2 ? -3.246  3.498   -4.974  1.00 0.00 ? 2 DC  B "H2''" 3 
ATOM   1089 H "H1'"  . DC  B 1 2 ? -2.498  1.659   -6.158  1.00 0.00 ? 2 DC  B "H1'"  3 
ATOM   1090 H H41    . DC  B 1 2 ? 3.646   1.326   -3.699  1.00 0.00 ? 2 DC  B H41    3 
ATOM   1091 H H42    . DC  B 1 2 ? 2.956   -0.284  -3.621  1.00 0.00 ? 2 DC  B H42    3 
ATOM   1092 H H5     . DC  B 1 2 ? 2.448   3.231   -4.568  1.00 0.00 ? 2 DC  B H5     3 
ATOM   1093 H H6     . DC  B 1 2 ? 0.380   3.972   -5.620  1.00 0.00 ? 2 DC  B H6     3 
ATOM   1094 P P      . DG  B 1 3 ? -4.923  5.692   -5.642  1.00 0.00 ? 3 DG  B P      3 
ATOM   1095 O OP1    . DG  B 1 3 ? -6.008  6.511   -6.237  1.00 0.00 ? 3 DG  B OP1    3 
ATOM   1096 O OP2    . DG  B 1 3 ? -3.804  6.366   -4.939  1.00 0.00 ? 3 DG  B OP2    3 
ATOM   1097 O "O5'"  . DG  B 1 3 ? -5.582  4.647   -4.636  1.00 0.00 ? 3 DG  B "O5'"  3 
ATOM   1098 C "C5'"  . DG  B 1 3 ? -6.154  3.429   -5.117  1.00 0.00 ? 3 DG  B "C5'"  3 
ATOM   1099 C "C4'"  . DG  B 1 3 ? -6.469  2.504   -3.964  1.00 0.00 ? 3 DG  B "C4'"  3 
ATOM   1100 O "O4'"  . DG  B 1 3 ? -5.278  1.743   -3.647  1.00 0.00 ? 3 DG  B "O4'"  3 
ATOM   1101 C "C3'"  . DG  B 1 3 ? -6.896  3.200   -2.671  1.00 0.00 ? 3 DG  B "C3'"  3 
ATOM   1102 O "O3'"  . DG  B 1 3 ? -7.980  2.485   -2.065  1.00 0.00 ? 3 DG  B "O3'"  3 
ATOM   1103 C "C2'"  . DG  B 1 3 ? -5.652  3.151   -1.800  1.00 0.00 ? 3 DG  B "C2'"  3 
ATOM   1104 C "C1'"  . DG  B 1 3 ? -4.918  1.917   -2.288  1.00 0.00 ? 3 DG  B "C1'"  3 
ATOM   1105 N N9     . DG  B 1 3 ? -3.463  2.005   -2.221  1.00 0.00 ? 3 DG  B N9     3 
ATOM   1106 C C8     . DG  B 1 3 ? -2.686  3.120   -2.417  1.00 0.00 ? 3 DG  B C8     3 
ATOM   1107 N N7     . DG  B 1 3 ? -1.407  2.885   -2.295  1.00 0.00 ? 3 DG  B N7     3 
ATOM   1108 C C5     . DG  B 1 3 ? -1.337  1.532   -1.996  1.00 0.00 ? 3 DG  B C5     3 
ATOM   1109 C C6     . DG  B 1 3 ? -0.213  0.700   -1.748  1.00 0.00 ? 3 DG  B C6     3 
ATOM   1110 O O6     . DG  B 1 3 ? 0.984   1.004   -1.741  1.00 0.00 ? 3 DG  B O6     3 
ATOM   1111 N N1     . DG  B 1 3 ? -0.595  -0.611  -1.488  1.00 0.00 ? 3 DG  B N1     3 
ATOM   1112 C C2     . DG  B 1 3 ? -1.889  -1.065  -1.463  1.00 0.00 ? 3 DG  B C2     3 
ATOM   1113 N N2     . DG  B 1 3 ? -2.054  -2.362  -1.189  1.00 0.00 ? 3 DG  B N2     3 
ATOM   1114 N N3     . DG  B 1 3 ? -2.944  -0.303  -1.690  1.00 0.00 ? 3 DG  B N3     3 
ATOM   1115 C C4     . DG  B 1 3 ? -2.596  0.975   -1.948  1.00 0.00 ? 3 DG  B C4     3 
ATOM   1116 H "H5'"  . DG  B 1 3 ? -5.452  2.935   -5.789  1.00 0.00 ? 3 DG  B "H5'"  3 
ATOM   1117 H "H5''" . DG  B 1 3 ? -7.074  3.647   -5.661  1.00 0.00 ? 3 DG  B "H5''" 3 
ATOM   1118 H "H4'"  . DG  B 1 3 ? -7.308  1.877   -4.271  1.00 0.00 ? 3 DG  B "H4'"  3 
ATOM   1119 H "H3'"  . DG  B 1 3 ? -7.212  4.224   -2.866  1.00 0.00 ? 3 DG  B "H3'"  3 
ATOM   1120 H "H2'"  . DG  B 1 3 ? -5.056  4.056   -1.904  1.00 0.00 ? 3 DG  B "H2'"  3 
ATOM   1121 H "H2''" . DG  B 1 3 ? -5.910  3.043   -0.747  1.00 0.00 ? 3 DG  B "H2''" 3 
ATOM   1122 H "H1'"  . DG  B 1 3 ? -5.233  1.032   -1.736  1.00 0.00 ? 3 DG  B "H1'"  3 
ATOM   1123 H H8     . DG  B 1 3 ? -3.091  4.094   -2.644  1.00 0.00 ? 3 DG  B H8     3 
ATOM   1124 H H1     . DG  B 1 3 ? 0.139   -1.283  -1.301  1.00 0.00 ? 3 DG  B H1     3 
ATOM   1125 H H21    . DG  B 1 3 ? -2.984  -2.753  -1.156  1.00 0.00 ? 3 DG  B H21    3 
ATOM   1126 H H22    . DG  B 1 3 ? -1.250  -2.952  -1.014  1.00 0.00 ? 3 DG  B H22    3 
ATOM   1127 P P      . DC  B 1 4 ? -8.497  2.900   -0.597  1.00 0.00 ? 4 DC  B P      3 
ATOM   1128 O OP1    . DC  B 1 4 ? -9.970  2.735   -0.563  1.00 0.00 ? 4 DC  B OP1    3 
ATOM   1129 O OP2    . DC  B 1 4 ? -7.903  4.215   -0.250  1.00 0.00 ? 4 DC  B OP2    3 
ATOM   1130 O "O5'"  . DC  B 1 4 ? -7.852  1.801   0.356   1.00 0.00 ? 4 DC  B "O5'"  3 
ATOM   1131 C "C5'"  . DC  B 1 4 ? -7.529  0.502   -0.142  1.00 0.00 ? 4 DC  B "C5'"  3 
ATOM   1132 C "C4'"  . DC  B 1 4 ? -7.631  -0.528  0.959   1.00 0.00 ? 4 DC  B "C4'"  3 
ATOM   1133 O "O4'"  . DC  B 1 4 ? -6.309  -1.033  1.241   1.00 0.00 ? 4 DC  B "O4'"  3 
ATOM   1134 C "C3'"  . DC  B 1 4 ? -8.167  -0.018  2.296   1.00 0.00 ? 4 DC  B "C3'"  3 
ATOM   1135 O "O3'"  . DC  B 1 4 ? -8.922  -1.040  2.957   1.00 0.00 ? 4 DC  B "O3'"  3 
ATOM   1136 C "C2'"  . DC  B 1 4 ? -6.915  0.317   3.091   1.00 0.00 ? 4 DC  B "C2'"  3 
ATOM   1137 C "C1'"  . DC  B 1 4 ? -5.759  -0.353  2.354   1.00 0.00 ? 4 DC  B "C1'"  3 
ATOM   1138 N N1     . DC  B 1 4 ? -4.729  0.575   1.857   1.00 0.00 ? 4 DC  B N1     3 
ATOM   1139 C C2     . DC  B 1 4 ? -3.393  0.159   1.854   1.00 0.00 ? 4 DC  B C2     3 
ATOM   1140 O O2     . DC  B 1 4 ? -3.118  -0.976  2.267   1.00 0.00 ? 4 DC  B O2     3 
ATOM   1141 N N3     . DC  B 1 4 ? -2.439  1.004   1.404   1.00 0.00 ? 4 DC  B N3     3 
ATOM   1142 C C4     . DC  B 1 4 ? -2.778  2.218   0.965   1.00 0.00 ? 4 DC  B C4     3 
ATOM   1143 N N4     . DC  B 1 4 ? -1.807  3.013   0.520   1.00 0.00 ? 4 DC  B N4     3 
ATOM   1144 C C5     . DC  B 1 4 ? -4.129  2.668   0.960   1.00 0.00 ? 4 DC  B C5     3 
ATOM   1145 C C6     . DC  B 1 4 ? -5.063  1.822   1.407   1.00 0.00 ? 4 DC  B C6     3 
ATOM   1146 H "H5'"  . DC  B 1 4 ? -6.512  0.503   -0.531  1.00 0.00 ? 4 DC  B "H5'"  3 
ATOM   1147 H "H5''" . DC  B 1 4 ? -8.215  0.236   -0.945  1.00 0.00 ? 4 DC  B "H5''" 3 
ATOM   1148 H "H4'"  . DC  B 1 4 ? -8.320  -1.303  0.622   1.00 0.00 ? 4 DC  B "H4'"  3 
ATOM   1149 H "H3'"  . DC  B 1 4 ? -8.803  0.857   2.152   1.00 0.00 ? 4 DC  B "H3'"  3 
ATOM   1150 H "H2'"  . DC  B 1 4 ? -6.777  1.393   3.187   1.00 0.00 ? 4 DC  B "H2'"  3 
ATOM   1151 H "H2''" . DC  B 1 4 ? -6.965  -0.099  4.096   1.00 0.00 ? 4 DC  B "H2''" 3 
ATOM   1152 H "H1'"  . DC  B 1 4 ? -5.273  -1.093  2.989   1.00 0.00 ? 4 DC  B "H1'"  3 
ATOM   1153 H H41    . DC  B 1 4 ? -2.041  3.935   0.179   1.00 0.00 ? 4 DC  B H41    3 
ATOM   1154 H H42    . DC  B 1 4 ? -0.848  2.697   0.518   1.00 0.00 ? 4 DC  B H42    3 
ATOM   1155 H H5     . DC  B 1 4 ? -4.392  3.667   0.608   1.00 0.00 ? 4 DC  B H5     3 
ATOM   1156 H H6     . DC  B 1 4 ? -6.107  2.133   1.412   1.00 0.00 ? 4 DC  B H6     3 
ATOM   1157 P P      . DG  B 1 5 ? -9.552  -0.755  4.413   1.00 0.00 ? 5 DG  B P      3 
ATOM   1158 O OP1    . DG  B 1 5 ? -10.669 -1.707  4.632   1.00 0.00 ? 5 DG  B OP1    3 
ATOM   1159 O OP2    . DG  B 1 5 ? -9.805  0.702   4.518   1.00 0.00 ? 5 DG  B OP2    3 
ATOM   1160 O "O5'"  . DG  B 1 5 ? -8.373  -1.123  5.423   1.00 0.00 ? 5 DG  B "O5'"  3 
ATOM   1161 C "C5'"  . DG  B 1 5 ? -7.698  -2.380  5.334   1.00 0.00 ? 5 DG  B "C5'"  3 
ATOM   1162 C "C4'"  . DG  B 1 5 ? -6.857  -2.618  6.566   1.00 0.00 ? 5 DG  B "C4'"  3 
ATOM   1163 O "O4'"  . DG  B 1 5 ? -5.506  -2.175  6.297   1.00 0.00 ? 5 DG  B "O4'"  3 
ATOM   1164 C "C3'"  . DG  B 1 5 ? -7.317  -1.874  7.819   1.00 0.00 ? 5 DG  B "C3'"  3 
ATOM   1165 O "O3'"  . DG  B 1 5 ? -7.174  -2.711  8.973   1.00 0.00 ? 5 DG  B "O3'"  3 
ATOM   1166 C "C2'"  . DG  B 1 5 ? -6.391  -0.675  7.903   1.00 0.00 ? 5 DG  B "C2'"  3 
ATOM   1167 C "C1'"  . DG  B 1 5 ? -5.154  -1.072  7.112   1.00 0.00 ? 5 DG  B "C1'"  3 
ATOM   1168 N N9     . DG  B 1 5 ? -4.642  -0.020  6.240   1.00 0.00 ? 5 DG  B N9     3 
ATOM   1169 C C8     . DG  B 1 5 ? -5.376  0.942   5.596   1.00 0.00 ? 5 DG  B C8     3 
ATOM   1170 N N7     . DG  B 1 5 ? -4.650  1.754   4.878   1.00 0.00 ? 5 DG  B N7     3 
ATOM   1171 C C5     . DG  B 1 5 ? -3.350  1.301   5.062   1.00 0.00 ? 5 DG  B C5     3 
ATOM   1172 C C6     . DG  B 1 5 ? -2.122  1.789   4.542   1.00 0.00 ? 5 DG  B C6     3 
ATOM   1173 O O6     . DG  B 1 5 ? -1.932  2.745   3.782   1.00 0.00 ? 5 DG  B O6     3 
ATOM   1174 N N1     . DG  B 1 5 ? -1.042  1.039   4.995   1.00 0.00 ? 5 DG  B N1     3 
ATOM   1175 C C2     . DG  B 1 5 ? -1.130  -0.046  5.829   1.00 0.00 ? 5 DG  B C2     3 
ATOM   1176 N N2     . DG  B 1 5 ? 0.028   -0.643  6.139   1.00 0.00 ? 5 DG  B N2     3 
ATOM   1177 N N3     . DG  B 1 5 ? -2.265  -0.512  6.321   1.00 0.00 ? 5 DG  B N3     3 
ATOM   1178 C C4     . DG  B 1 5 ? -3.328  0.205   5.900   1.00 0.00 ? 5 DG  B C4     3 
ATOM   1179 H "H5'"  . DG  B 1 5 ? -7.054  -2.389  4.457   1.00 0.00 ? 5 DG  B "H5'"  3 
ATOM   1180 H "H5''" . DG  B 1 5 ? -8.428  -3.180  5.247   1.00 0.00 ? 5 DG  B "H5''" 3 
ATOM   1181 H "H4'"  . DG  B 1 5 ? -6.918  -3.682  6.800   1.00 0.00 ? 5 DG  B "H4'"  3 
ATOM   1182 H "H3'"  . DG  B 1 5 ? -8.359  -1.569  7.729   1.00 0.00 ? 5 DG  B "H3'"  3 
ATOM   1183 H "H2'"  . DG  B 1 5 ? -6.864  0.221   7.509   1.00 0.00 ? 5 DG  B "H2'"  3 
ATOM   1184 H "H2''" . DG  B 1 5 ? -6.110  -0.470  8.933   1.00 0.00 ? 5 DG  B "H2''" 3 
ATOM   1185 H "H1'"  . DG  B 1 5 ? -4.351  -1.386  7.777   1.00 0.00 ? 5 DG  B "H1'"  3 
ATOM   1186 H H8     . DG  B 1 5 ? -6.449  1.023   5.685   1.00 0.00 ? 5 DG  B H8     3 
ATOM   1187 H H1     . DG  B 1 5 ? -0.119  1.314   4.691   1.00 0.00 ? 5 DG  B H1     3 
ATOM   1188 H H21    . DG  B 1 5 ? 0.030   -1.448  6.749   1.00 0.00 ? 5 DG  B H21    3 
ATOM   1189 H H22    . DG  B 1 5 ? 0.898   -0.288  5.764   1.00 0.00 ? 5 DG  B H22    3 
HETATM 1190 P P      . 2AU B 1 6 ? -7.825  -2.259  10.374  1.00 0.00 ? 6 2AU B P      3 
HETATM 1191 O OP1    . 2AU B 1 6 ? -8.113  -3.493  11.142  1.00 0.00 ? 6 2AU B OP1    3 
HETATM 1192 O "O5'"  . 2AU B 1 6 ? -6.638  -1.489  11.108  1.00 0.00 ? 6 2AU B "O5'"  3 
HETATM 1193 C "C5'"  . 2AU B 1 6 ? -6.653  -0.069  11.252  1.00 0.00 ? 6 2AU B "C5'"  3 
HETATM 1194 C "C4'"  . 2AU B 1 6 ? -5.279  0.431   11.645  1.00 0.00 ? 6 2AU B "C4'"  3 
HETATM 1195 O "O4'"  . 2AU B 1 6 ? -4.372  -0.703  11.738  1.00 0.00 ? 6 2AU B "O4'"  3 
HETATM 1196 C "C3'"  . 2AU B 1 6 ? -4.619  1.405   10.673  1.00 0.00 ? 6 2AU B "C3'"  3 
HETATM 1197 O "O3'"  . 2AU B 1 6 ? -3.827  2.379   11.360  1.00 0.00 ? 6 2AU B "O3'"  3 
HETATM 1198 C "C2'"  . 2AU B 1 6 ? -3.782  0.491   9.784   1.00 0.00 ? 6 2AU B "C2'"  3 
HETATM 1199 C "C1'"  . 2AU B 1 6 ? -3.337  -0.572  10.784  1.00 0.00 ? 6 2AU B "C1'"  3 
HETATM 1200 N N1     . 2AU B 1 6 ? -3.097  -1.888  10.177  1.00 0.00 ? 6 2AU B N1     3 
HETATM 1201 C C2     . 2AU B 1 6 ? -1.792  -2.342  10.116  1.00 0.00 ? 6 2AU B C2     3 
HETATM 1202 O O2     . 2AU B 1 6 ? -0.847  -1.698  10.539  1.00 0.00 ? 6 2AU B O2     3 
HETATM 1203 N N3     . 2AU B 1 6 ? -1.634  -3.578  9.542   1.00 0.00 ? 6 2AU B N3     3 
HETATM 1204 C C4     . 2AU B 1 6 ? -2.625  -4.388  9.032   1.00 0.00 ? 6 2AU B C4     3 
HETATM 1205 O O4     . 2AU B 1 6 ? -2.325  -5.479  8.549   1.00 0.00 ? 6 2AU B O4     3 
HETATM 1206 C C5     . 2AU B 1 6 ? -3.944  -3.846  9.128   1.00 0.00 ? 6 2AU B C5     3 
HETATM 1207 C C6     . 2AU B 1 6 ? -4.135  -2.646  9.683   1.00 0.00 ? 6 2AU B C6     3 
HETATM 1208 H "H5'"  . 2AU B 1 6 ? -7.370  0.213   12.023  1.00 0.00 ? 6 2AU B "H5'"  3 
HETATM 1209 H "H5''" . 2AU B 1 6 ? -6.945  0.397   10.313  1.00 0.00 ? 6 2AU B "H5''" 3 
HETATM 1210 H "H4'"  . 2AU B 1 6 ? -5.395  0.967   12.581  1.00 0.00 ? 6 2AU B "H4'"  3 
HETATM 1211 H "H3'"  . 2AU B 1 6 ? -5.360  1.969   10.107  1.00 0.00 ? 6 2AU B "H3'"  3 
HETATM 1212 H "HO3'" . 2AU B 1 6 ? -3.620  2.023   12.227  1.00 0.00 ? 6 2AU B "HO3'" 3 
HETATM 1213 H "H2'"  . 2AU B 1 6 ? -4.394  0.064   8.991   1.00 0.00 ? 6 2AU B "H2'"  3 
HETATM 1214 H "H1'"  . 2AU B 1 6 ? -2.437  -0.279  11.325  1.00 0.00 ? 6 2AU B "H1'"  3 
HETATM 1215 H H3     . 2AU B 1 6 ? -0.693  -3.933  9.486   1.00 0.00 ? 6 2AU B H3     3 
HETATM 1216 H H5     . 2AU B 1 6 ? -4.795  -4.412  8.749   1.00 0.00 ? 6 2AU B H5     3 
HETATM 1217 O OP2    . 2AU B 1 6 ? -8.921  -1.295  10.105  1.00 0.00 ? 6 2AU B OP2    3 
HETATM 1218 H H6     . 2AU B 1 6 ? -5.149  -2.246  9.737   1.00 0.00 ? 6 2AU B H6     3 
HETATM 1219 C C4A    . AQC C 2 . ? 1.156   -0.761  -7.947  1.00 0.00 ? 7 AQC A C4A    3 
HETATM 1220 C C1A    . AQC C 2 . ? 2.227   -1.507  -7.405  1.00 0.00 ? 7 AQC A C1A    3 
HETATM 1221 C C9     . AQC C 2 . ? 3.493   -0.836  -6.972  1.00 0.00 ? 7 AQC A C9     3 
HETATM 1222 C C8A    . AQC C 2 . ? 3.572   0.649   -7.137  1.00 0.00 ? 7 AQC A C8A    3 
HETATM 1223 C C5A    . AQC C 2 . ? 2.497   1.386   -7.678  1.00 0.00 ? 7 AQC A C5A    3 
HETATM 1224 C C10    . AQC C 2 . ? 1.238   0.720   -8.112  1.00 0.00 ? 7 AQC A C10    3 
HETATM 1225 C C4     . AQC C 2 . ? -0.012  -1.417  -8.341  1.00 0.00 ? 7 AQC A C4     3 
HETATM 1226 C C3     . AQC C 2 . ? -0.121  -2.800  -8.198  1.00 0.00 ? 7 AQC A C3     3 
HETATM 1227 C C2     . AQC C 2 . ? 0.943   -3.551  -7.658  1.00 0.00 ? 7 AQC A C2     3 
HETATM 1228 C C1     . AQC C 2 . ? 2.108   -2.890  -7.267  1.00 0.00 ? 7 AQC A C1     3 
HETATM 1229 C C8     . AQC C 2 . ? 4.736   1.319   -6.743  1.00 0.00 ? 7 AQC A C8     3 
HETATM 1230 C C5     . AQC C 2 . ? 2.610   2.774   -7.812  1.00 0.00 ? 7 AQC A C5     3 
HETATM 1231 C C7     . AQC C 2 . ? 4.831   2.701   -6.884  1.00 0.00 ? 7 AQC A C7     3 
HETATM 1232 C C6     . AQC C 2 . ? 3.766   3.427   -7.418  1.00 0.00 ? 7 AQC A C6     3 
HETATM 1233 C C1L    . AQC C 2 . ? 0.924   -5.046  -7.462  1.00 0.00 ? 7 AQC A C1L    3 
HETATM 1234 N "N2'"  . AQC C 2 . ? -0.203  -5.714  -7.833  1.00 0.00 ? 7 AQC A "N2'"  3 
HETATM 1235 O O9     . AQC C 2 . ? 4.421   -1.475  -6.504  1.00 0.00 ? 7 AQC A O9     3 
HETATM 1236 O O10    . AQC C 2 . ? 0.312   1.351   -8.581  1.00 0.00 ? 7 AQC A O10    3 
HETATM 1237 O O1L    . AQC C 2 . ? 1.881   -5.632  -6.986  1.00 0.00 ? 7 AQC A O1L    3 
HETATM 1238 H H4     . AQC C 2 . ? -0.820  -0.825  -8.755  1.00 0.00 ? 7 AQC A H4     3 
HETATM 1239 H H3     . AQC C 2 . ? -1.041  -3.272  -8.511  1.00 0.00 ? 7 AQC A H3     3 
HETATM 1240 H H1     . AQC C 2 . ? 2.926   -3.463  -6.851  1.00 0.00 ? 7 AQC A H1     3 
HETATM 1241 H H8     . AQC C 2 . ? 5.543   0.740   -6.334  1.00 0.00 ? 7 AQC A H8     3 
HETATM 1242 H H5     . AQC C 2 . ? 1.778   3.319   -8.227  1.00 0.00 ? 7 AQC A H5     3 
HETATM 1243 H H7     . AQC C 2 . ? 5.729   3.214   -6.579  1.00 0.00 ? 7 AQC A H7     3 
HETATM 1244 H H6     . AQC C 2 . ? 3.840   4.499   -7.528  1.00 0.00 ? 7 AQC A H6     3 
HETATM 1245 H "HN2'" . AQC C 2 . ? -1.045  -5.149  -8.257  1.00 0.00 ? 7 AQC A "HN2'" 3 
HETATM 1246 C C4A    . AQC D 2 . ? 0.892   4.090   6.896   1.00 0.00 ? 7 AQC B C4A    3 
HETATM 1247 C C1A    . AQC D 2 . ? -0.393  4.486   6.464   1.00 0.00 ? 7 AQC B C1A    3 
HETATM 1248 C C9     . AQC D 2 . ? -0.568  5.591   5.470   1.00 0.00 ? 7 AQC B C9     3 
HETATM 1249 C C8A    . AQC D 2 . ? 0.674   6.252   4.957   1.00 0.00 ? 7 AQC B C8A    3 
HETATM 1250 C C5A    . AQC D 2 . ? 1.954   5.848   5.394   1.00 0.00 ? 7 AQC B C5A    3 
HETATM 1251 C C10    . AQC D 2 . ? 2.127   4.751   6.384   1.00 0.00 ? 7 AQC B C10    3 
HETATM 1252 C C4     . AQC D 2 . ? 1.019   3.053   7.825   1.00 0.00 ? 7 AQC B C4     3 
HETATM 1253 C C3     . AQC D 2 . ? -0.116  2.413   8.320   1.00 0.00 ? 7 AQC B C3     3 
HETATM 1254 C C2     . AQC D 2 . ? -1.402  2.804   7.893   1.00 0.00 ? 7 AQC B C2     3 
HETATM 1255 C C1     . AQC D 2 . ? -1.525  3.840   6.967   1.00 0.00 ? 7 AQC B C1     3 
HETATM 1256 C C8     . AQC D 2 . ? 0.560   7.288   4.025   1.00 0.00 ? 7 AQC B C8     3 
HETATM 1257 C C5     . AQC D 2 . ? 3.090   6.489   4.888   1.00 0.00 ? 7 AQC B C5     3 
HETATM 1258 C C7     . AQC D 2 . ? 1.702   7.916   3.531   1.00 0.00 ? 7 AQC B C7     3 
HETATM 1259 C C6     . AQC D 2 . ? 2.967   7.514   3.964   1.00 0.00 ? 7 AQC B C6     3 
HETATM 1260 C C1L    . AQC D 2 . ? -2.690  2.176   8.368   1.00 0.00 ? 7 AQC B C1L    3 
HETATM 1261 N "N2'"  . AQC D 2 . ? -2.598  1.163   9.271   1.00 0.00 ? 7 AQC B "N2'"  3 
HETATM 1262 O O9     . AQC D 2 . ? -1.674  5.938   5.094   1.00 0.00 ? 7 AQC B O9     3 
HETATM 1263 O O10    . AQC D 2 . ? 3.228   4.402   6.764   1.00 0.00 ? 7 AQC B O10    3 
HETATM 1264 O O1L    . AQC D 2 . ? -3.769  2.564   7.954   1.00 0.00 ? 7 AQC B O1L    3 
HETATM 1265 H H4     . AQC D 2 . ? 2.015   2.766   8.141   1.00 0.00 ? 7 AQC B H4     3 
HETATM 1266 H H3     . AQC D 2 . ? 0.022   1.615   9.035   1.00 0.00 ? 7 AQC B H3     3 
HETATM 1267 H H1     . AQC D 2 . ? -2.509  4.142   6.637   1.00 0.00 ? 7 AQC B H1     3 
HETATM 1268 H H8     . AQC D 2 . ? -0.422  7.582   3.706   1.00 0.00 ? 7 AQC B H8     3 
HETATM 1269 H H5     . AQC D 2 . ? 4.058   6.165   5.232   1.00 0.00 ? 7 AQC B H5     3 
HETATM 1270 H H7     . AQC D 2 . ? 1.609   8.715   2.812   1.00 0.00 ? 7 AQC B H7     3 
HETATM 1271 H H6     . AQC D 2 . ? 3.852   8.000   3.580   1.00 0.00 ? 7 AQC B H6     3 
HETATM 1272 H "HN2'" . AQC D 2 . ? -1.606  0.841   9.617   1.00 0.00 ? 7 AQC B "HN2'" 3 
# 
